data_2AWX
# 
_entry.id   2AWX 
# 
_audit_conform.dict_name       mmcif_pdbx.dic 
_audit_conform.dict_version    5.388 
_audit_conform.dict_location   http://mmcif.pdb.org/dictionaries/ascii/mmcif_pdbx.dic 
# 
loop_
_database_2.database_id 
_database_2.database_code 
_database_2.pdbx_database_accession 
_database_2.pdbx_DOI 
PDB   2AWX         pdb_00002awx 10.2210/pdb2awx/pdb 
RCSB  RCSB034411   ?            ?                   
WWPDB D_1000034411 ?            ?                   
# 
loop_
_pdbx_audit_revision_history.ordinal 
_pdbx_audit_revision_history.data_content_type 
_pdbx_audit_revision_history.major_revision 
_pdbx_audit_revision_history.minor_revision 
_pdbx_audit_revision_history.revision_date 
1 'Structure model' 1 0 2006-08-29 
2 'Structure model' 1 1 2008-05-01 
3 'Structure model' 1 2 2011-07-13 
4 'Structure model' 1 3 2017-10-11 
5 'Structure model' 1 4 2024-03-13 
# 
_pdbx_audit_revision_details.ordinal             1 
_pdbx_audit_revision_details.revision_ordinal    1 
_pdbx_audit_revision_details.data_content_type   'Structure model' 
_pdbx_audit_revision_details.provider            repository 
_pdbx_audit_revision_details.type                'Initial release' 
_pdbx_audit_revision_details.description         ? 
_pdbx_audit_revision_details.details             ? 
# 
loop_
_pdbx_audit_revision_group.ordinal 
_pdbx_audit_revision_group.revision_ordinal 
_pdbx_audit_revision_group.data_content_type 
_pdbx_audit_revision_group.group 
1 2 'Structure model' 'Version format compliance' 
2 3 'Structure model' 'Version format compliance' 
3 4 'Structure model' 'Refinement description'    
4 5 'Structure model' 'Data collection'           
5 5 'Structure model' 'Database references'       
6 5 'Structure model' 'Derived calculations'      
# 
loop_
_pdbx_audit_revision_category.ordinal 
_pdbx_audit_revision_category.revision_ordinal 
_pdbx_audit_revision_category.data_content_type 
_pdbx_audit_revision_category.category 
1 4 'Structure model' software           
2 5 'Structure model' chem_comp_atom     
3 5 'Structure model' chem_comp_bond     
4 5 'Structure model' database_2         
5 5 'Structure model' struct_conn        
6 5 'Structure model' struct_ref_seq_dif 
7 5 'Structure model' struct_site        
# 
loop_
_pdbx_audit_revision_item.ordinal 
_pdbx_audit_revision_item.revision_ordinal 
_pdbx_audit_revision_item.data_content_type 
_pdbx_audit_revision_item.item 
1 4 'Structure model' '_software.classification'            
2 4 'Structure model' '_software.name'                      
3 5 'Structure model' '_database_2.pdbx_DOI'                
4 5 'Structure model' '_database_2.pdbx_database_accession' 
5 5 'Structure model' '_struct_conn.pdbx_leaving_atom_flag' 
6 5 'Structure model' '_struct_ref_seq_dif.details'         
7 5 'Structure model' '_struct_site.pdbx_auth_asym_id'      
8 5 'Structure model' '_struct_site.pdbx_auth_comp_id'      
9 5 'Structure model' '_struct_site.pdbx_auth_seq_id'       
# 
_pdbx_database_status.entry_id                        2AWX 
_pdbx_database_status.deposit_site                    RCSB 
_pdbx_database_status.process_site                    PDBJ 
_pdbx_database_status.recvd_initial_deposition_date   2005-09-02 
_pdbx_database_status.status_code                     REL 
_pdbx_database_status.status_code_sf                  REL 
_pdbx_database_status.status_code_mr                  ? 
_pdbx_database_status.SG_entry                        ? 
_pdbx_database_status.status_code_cs                  ? 
_pdbx_database_status.pdb_format_compatible           Y 
_pdbx_database_status.methods_development_category    ? 
_pdbx_database_status.status_code_nmr_data            ? 
# 
loop_
_pdbx_database_related.db_name 
_pdbx_database_related.db_id 
_pdbx_database_related.details 
_pdbx_database_related.content_type 
PDB 1YUQ 'Synapse associated protein 97 PDZ2 domain with GluR-A C-terminal peptide'               unspecified 
PDB 2AWU 'Synapse associated protein 97 PDZ2 domain C378G variant'                                unspecified 
PDB 2AWW 'Synapse associated protein 97 PDZ2 domain C378G variant with GluR-A C-terminal peptide' unspecified 
# 
loop_
_audit_author.name 
_audit_author.pdbx_ordinal 
'Von Ossowski, I.' 1 
'Oksanen, E.'      2 
'Von Ossowski, L.' 3 
'Cai, C.'          4 
'Sundberg, M.'     5 
'Goldman, A.'      6 
'Keinanen, K.'     7 
# 
_citation.id                        primary 
_citation.title                     
'Crystal structure of the second PDZ domain of SAP97 in complex with a GluR-A C-terminal peptide' 
_citation.journal_abbrev            'Febs J.' 
_citation.journal_volume            273 
_citation.page_first                5219 
_citation.page_last                 5229 
_citation.year                      2006 
_citation.journal_id_ASTM           ? 
_citation.country                   UK 
_citation.journal_id_ISSN           1742-464X 
_citation.journal_id_CSD            ? 
_citation.book_publisher            ? 
_citation.pdbx_database_id_PubMed   17069616 
_citation.pdbx_database_id_DOI      10.1111/j.1742-4658.2006.05521.x 
# 
loop_
_citation_author.citation_id 
_citation_author.name 
_citation_author.ordinal 
_citation_author.identifier_ORCID 
primary 'von Ossowski, I.' 1 ? 
primary 'Oksanen, E.'      2 ? 
primary 'von Ossowski, L.' 3 ? 
primary 'Cai, C.'          4 ? 
primary 'Sundberg, M.'     5 ? 
primary 'Goldman, A.'      6 ? 
primary 'Keinanen, K.'     7 ? 
# 
loop_
_entity.id 
_entity.type 
_entity.src_method 
_entity.pdbx_description 
_entity.formula_weight 
_entity.pdbx_number_of_molecules 
_entity.pdbx_ec 
_entity.pdbx_mutation 
_entity.pdbx_fragment 
_entity.details 
1 polymer     man 'Synapse associated protein 97' 11455.189 2   ? C378S 'PDZ2 domain' ? 
2 non-polymer syn HISTIDINE                       156.162   2   ? ?     ?             ? 
3 water       nat water                           18.015    222 ? ?     ?             ? 
# 
_entity_name_com.entity_id   1 
_entity_name_com.name        'Presynaptic protein SAP97, SAP-97' 
# 
_entity_poly.entity_id                      1 
_entity_poly.type                           'polypeptide(L)' 
_entity_poly.nstd_linkage                   no 
_entity_poly.nstd_monomer                   no 
_entity_poly.pdbx_seq_one_letter_code       
;MEKIMEIKLIKGPKGLGFSIAGGVGNQHIPGDNSIYVTKIIEGGAAHKDGKLQIGDKLLAVNSVSLEEVTHEEAVTALKN
TSDFVYLKVAKPTSMYISRHHHHHH
;
_entity_poly.pdbx_seq_one_letter_code_can   
;MEKIMEIKLIKGPKGLGFSIAGGVGNQHIPGDNSIYVTKIIEGGAAHKDGKLQIGDKLLAVNSVSLEEVTHEEAVTALKN
TSDFVYLKVAKPTSMYISRHHHHHH
;
_entity_poly.pdbx_strand_id                 A,B 
_entity_poly.pdbx_target_identifier         ? 
# 
loop_
_pdbx_entity_nonpoly.entity_id 
_pdbx_entity_nonpoly.name 
_pdbx_entity_nonpoly.comp_id 
2 HISTIDINE HIS 
3 water     HOH 
# 
loop_
_entity_poly_seq.entity_id 
_entity_poly_seq.num 
_entity_poly_seq.mon_id 
_entity_poly_seq.hetero 
1 1   MET n 
1 2   GLU n 
1 3   LYS n 
1 4   ILE n 
1 5   MET n 
1 6   GLU n 
1 7   ILE n 
1 8   LYS n 
1 9   LEU n 
1 10  ILE n 
1 11  LYS n 
1 12  GLY n 
1 13  PRO n 
1 14  LYS n 
1 15  GLY n 
1 16  LEU n 
1 17  GLY n 
1 18  PHE n 
1 19  SER n 
1 20  ILE n 
1 21  ALA n 
1 22  GLY n 
1 23  GLY n 
1 24  VAL n 
1 25  GLY n 
1 26  ASN n 
1 27  GLN n 
1 28  HIS n 
1 29  ILE n 
1 30  PRO n 
1 31  GLY n 
1 32  ASP n 
1 33  ASN n 
1 34  SER n 
1 35  ILE n 
1 36  TYR n 
1 37  VAL n 
1 38  THR n 
1 39  LYS n 
1 40  ILE n 
1 41  ILE n 
1 42  GLU n 
1 43  GLY n 
1 44  GLY n 
1 45  ALA n 
1 46  ALA n 
1 47  HIS n 
1 48  LYS n 
1 49  ASP n 
1 50  GLY n 
1 51  LYS n 
1 52  LEU n 
1 53  GLN n 
1 54  ILE n 
1 55  GLY n 
1 56  ASP n 
1 57  LYS n 
1 58  LEU n 
1 59  LEU n 
1 60  ALA n 
1 61  VAL n 
1 62  ASN n 
1 63  SER n 
1 64  VAL n 
1 65  SER n 
1 66  LEU n 
1 67  GLU n 
1 68  GLU n 
1 69  VAL n 
1 70  THR n 
1 71  HIS n 
1 72  GLU n 
1 73  GLU n 
1 74  ALA n 
1 75  VAL n 
1 76  THR n 
1 77  ALA n 
1 78  LEU n 
1 79  LYS n 
1 80  ASN n 
1 81  THR n 
1 82  SER n 
1 83  ASP n 
1 84  PHE n 
1 85  VAL n 
1 86  TYR n 
1 87  LEU n 
1 88  LYS n 
1 89  VAL n 
1 90  ALA n 
1 91  LYS n 
1 92  PRO n 
1 93  THR n 
1 94  SER n 
1 95  MET n 
1 96  TYR n 
1 97  ILE n 
1 98  SER n 
1 99  ARG n 
1 100 HIS n 
1 101 HIS n 
1 102 HIS n 
1 103 HIS n 
1 104 HIS n 
1 105 HIS n 
# 
_entity_src_gen.entity_id                          1 
_entity_src_gen.pdbx_src_id                        1 
_entity_src_gen.pdbx_alt_source_flag               sample 
_entity_src_gen.pdbx_seq_type                      ? 
_entity_src_gen.pdbx_beg_seq_num                   ? 
_entity_src_gen.pdbx_end_seq_num                   ? 
_entity_src_gen.gene_src_common_name               'Norway rat' 
_entity_src_gen.gene_src_genus                     Rattus 
_entity_src_gen.pdbx_gene_src_gene                 Dlg1 
_entity_src_gen.gene_src_species                   ? 
_entity_src_gen.gene_src_strain                    ? 
_entity_src_gen.gene_src_tissue                    ? 
_entity_src_gen.gene_src_tissue_fraction           ? 
_entity_src_gen.gene_src_details                   ? 
_entity_src_gen.pdbx_gene_src_fragment             ? 
_entity_src_gen.pdbx_gene_src_scientific_name      'Rattus norvegicus' 
_entity_src_gen.pdbx_gene_src_ncbi_taxonomy_id     10116 
_entity_src_gen.pdbx_gene_src_variant              ? 
_entity_src_gen.pdbx_gene_src_cell_line            ? 
_entity_src_gen.pdbx_gene_src_atcc                 ? 
_entity_src_gen.pdbx_gene_src_organ                ? 
_entity_src_gen.pdbx_gene_src_organelle            ? 
_entity_src_gen.pdbx_gene_src_cell                 ? 
_entity_src_gen.pdbx_gene_src_cellular_location    ? 
_entity_src_gen.host_org_common_name               ? 
_entity_src_gen.pdbx_host_org_scientific_name      'Escherichia coli BL21(DE3)' 
_entity_src_gen.pdbx_host_org_ncbi_taxonomy_id     469008 
_entity_src_gen.host_org_genus                     Escherichia 
_entity_src_gen.pdbx_host_org_gene                 ? 
_entity_src_gen.pdbx_host_org_organ                ? 
_entity_src_gen.host_org_species                   'Escherichia coli' 
_entity_src_gen.pdbx_host_org_tissue               ? 
_entity_src_gen.pdbx_host_org_tissue_fraction      ? 
_entity_src_gen.pdbx_host_org_strain               'BL21 (DE3)' 
_entity_src_gen.pdbx_host_org_variant              ? 
_entity_src_gen.pdbx_host_org_cell_line            ? 
_entity_src_gen.pdbx_host_org_atcc                 ? 
_entity_src_gen.pdbx_host_org_culture_collection   ? 
_entity_src_gen.pdbx_host_org_cell                 ? 
_entity_src_gen.pdbx_host_org_organelle            ? 
_entity_src_gen.pdbx_host_org_cellular_location    ? 
_entity_src_gen.pdbx_host_org_vector_type          Plasmid 
_entity_src_gen.pdbx_host_org_vector               ? 
_entity_src_gen.host_org_details                   ? 
_entity_src_gen.expression_system_id               ? 
_entity_src_gen.plasmid_name                       PK0302-2 
_entity_src_gen.plasmid_details                    ? 
_entity_src_gen.pdbx_description                   ? 
# 
loop_
_chem_comp.id 
_chem_comp.type 
_chem_comp.mon_nstd_flag 
_chem_comp.name 
_chem_comp.pdbx_synonyms 
_chem_comp.formula 
_chem_comp.formula_weight 
ALA 'L-peptide linking' y ALANINE         ? 'C3 H7 N O2'     89.093  
ARG 'L-peptide linking' y ARGININE        ? 'C6 H15 N4 O2 1' 175.209 
ASN 'L-peptide linking' y ASPARAGINE      ? 'C4 H8 N2 O3'    132.118 
ASP 'L-peptide linking' y 'ASPARTIC ACID' ? 'C4 H7 N O4'     133.103 
CYS 'L-peptide linking' y CYSTEINE        ? 'C3 H7 N O2 S'   121.158 
GLN 'L-peptide linking' y GLUTAMINE       ? 'C5 H10 N2 O3'   146.144 
GLU 'L-peptide linking' y 'GLUTAMIC ACID' ? 'C5 H9 N O4'     147.129 
GLY 'peptide linking'   y GLYCINE         ? 'C2 H5 N O2'     75.067  
HIS 'L-peptide linking' y HISTIDINE       ? 'C6 H10 N3 O2 1' 156.162 
HOH non-polymer         . WATER           ? 'H2 O'           18.015  
ILE 'L-peptide linking' y ISOLEUCINE      ? 'C6 H13 N O2'    131.173 
LEU 'L-peptide linking' y LEUCINE         ? 'C6 H13 N O2'    131.173 
LYS 'L-peptide linking' y LYSINE          ? 'C6 H15 N2 O2 1' 147.195 
MET 'L-peptide linking' y METHIONINE      ? 'C5 H11 N O2 S'  149.211 
PHE 'L-peptide linking' y PHENYLALANINE   ? 'C9 H11 N O2'    165.189 
PRO 'L-peptide linking' y PROLINE         ? 'C5 H9 N O2'     115.130 
SER 'L-peptide linking' y SERINE          ? 'C3 H7 N O3'     105.093 
THR 'L-peptide linking' y THREONINE       ? 'C4 H9 N O3'     119.119 
TYR 'L-peptide linking' y TYROSINE        ? 'C9 H11 N O3'    181.189 
VAL 'L-peptide linking' y VALINE          ? 'C5 H11 N O2'    117.146 
# 
loop_
_pdbx_poly_seq_scheme.asym_id 
_pdbx_poly_seq_scheme.entity_id 
_pdbx_poly_seq_scheme.seq_id 
_pdbx_poly_seq_scheme.mon_id 
_pdbx_poly_seq_scheme.ndb_seq_num 
_pdbx_poly_seq_scheme.pdb_seq_num 
_pdbx_poly_seq_scheme.auth_seq_num 
_pdbx_poly_seq_scheme.pdb_mon_id 
_pdbx_poly_seq_scheme.auth_mon_id 
_pdbx_poly_seq_scheme.pdb_strand_id 
_pdbx_poly_seq_scheme.pdb_ins_code 
_pdbx_poly_seq_scheme.hetero 
A 1 1   MET 1   314 ?   ?   ?   A . n 
A 1 2   GLU 2   315 ?   ?   ?   A . n 
A 1 3   LYS 3   316 316 LYS LYS A . n 
A 1 4   ILE 4   317 317 ILE ILE A . n 
A 1 5   MET 5   318 318 MET MET A . n 
A 1 6   GLU 6   319 319 GLU GLU A . n 
A 1 7   ILE 7   320 320 ILE ILE A . n 
A 1 8   LYS 8   321 321 LYS LYS A . n 
A 1 9   LEU 9   322 322 LEU LEU A . n 
A 1 10  ILE 10  323 323 ILE ILE A . n 
A 1 11  LYS 11  324 324 LYS LYS A . n 
A 1 12  GLY 12  325 325 GLY GLY A . n 
A 1 13  PRO 13  326 326 PRO PRO A . n 
A 1 14  LYS 14  327 327 LYS LYS A . n 
A 1 15  GLY 15  328 328 GLY GLY A . n 
A 1 16  LEU 16  329 329 LEU LEU A . n 
A 1 17  GLY 17  330 330 GLY GLY A . n 
A 1 18  PHE 18  331 331 PHE PHE A . n 
A 1 19  SER 19  332 332 SER SER A . n 
A 1 20  ILE 20  333 333 ILE ILE A . n 
A 1 21  ALA 21  334 334 ALA ALA A . n 
A 1 22  GLY 22  335 335 GLY GLY A . n 
A 1 23  GLY 23  336 336 GLY GLY A . n 
A 1 24  VAL 24  337 337 VAL VAL A . n 
A 1 25  GLY 25  338 338 GLY GLY A . n 
A 1 26  ASN 26  339 339 ASN ASN A . n 
A 1 27  GLN 27  340 340 GLN GLN A . n 
A 1 28  HIS 28  341 341 HIS HIS A . n 
A 1 29  ILE 29  342 342 ILE ILE A . n 
A 1 30  PRO 30  343 343 PRO PRO A . n 
A 1 31  GLY 31  344 344 GLY GLY A . n 
A 1 32  ASP 32  345 345 ASP ASP A . n 
A 1 33  ASN 33  346 346 ASN ASN A . n 
A 1 34  SER 34  347 347 SER SER A . n 
A 1 35  ILE 35  348 348 ILE ILE A . n 
A 1 36  TYR 36  349 349 TYR TYR A . n 
A 1 37  VAL 37  350 350 VAL VAL A . n 
A 1 38  THR 38  351 351 THR THR A . n 
A 1 39  LYS 39  352 352 LYS LYS A . n 
A 1 40  ILE 40  353 353 ILE ILE A . n 
A 1 41  ILE 41  354 354 ILE ILE A . n 
A 1 42  GLU 42  355 355 GLU GLU A . n 
A 1 43  GLY 43  356 356 GLY GLY A . n 
A 1 44  GLY 44  357 357 GLY GLY A . n 
A 1 45  ALA 45  358 358 ALA ALA A . n 
A 1 46  ALA 46  359 359 ALA ALA A . n 
A 1 47  HIS 47  360 360 HIS HIS A . n 
A 1 48  LYS 48  361 361 LYS LYS A . n 
A 1 49  ASP 49  362 362 ASP ASP A . n 
A 1 50  GLY 50  363 363 GLY GLY A . n 
A 1 51  LYS 51  364 364 LYS LYS A . n 
A 1 52  LEU 52  365 365 LEU LEU A . n 
A 1 53  GLN 53  366 366 GLN GLN A . n 
A 1 54  ILE 54  367 367 ILE ILE A . n 
A 1 55  GLY 55  368 368 GLY GLY A . n 
A 1 56  ASP 56  369 369 ASP ASP A . n 
A 1 57  LYS 57  370 370 LYS LYS A . n 
A 1 58  LEU 58  371 371 LEU LEU A . n 
A 1 59  LEU 59  372 372 LEU LEU A . n 
A 1 60  ALA 60  373 373 ALA ALA A . n 
A 1 61  VAL 61  374 374 VAL VAL A . n 
A 1 62  ASN 62  375 375 ASN ASN A . n 
A 1 63  SER 63  376 376 SER SER A . n 
A 1 64  VAL 64  377 377 VAL VAL A . n 
A 1 65  SER 65  378 378 SER SER A . n 
A 1 66  LEU 66  379 379 LEU LEU A . n 
A 1 67  GLU 67  380 380 GLU GLU A . n 
A 1 68  GLU 68  381 381 GLU GLU A . n 
A 1 69  VAL 69  382 382 VAL VAL A . n 
A 1 70  THR 70  383 383 THR THR A . n 
A 1 71  HIS 71  384 384 HIS HIS A . n 
A 1 72  GLU 72  385 385 GLU GLU A . n 
A 1 73  GLU 73  386 386 GLU GLU A . n 
A 1 74  ALA 74  387 387 ALA ALA A . n 
A 1 75  VAL 75  388 388 VAL VAL A . n 
A 1 76  THR 76  389 389 THR THR A . n 
A 1 77  ALA 77  390 390 ALA ALA A . n 
A 1 78  LEU 78  391 391 LEU LEU A . n 
A 1 79  LYS 79  392 392 LYS LYS A . n 
A 1 80  ASN 80  393 393 ASN ASN A . n 
A 1 81  THR 81  394 394 THR THR A . n 
A 1 82  SER 82  395 395 SER SER A . n 
A 1 83  ASP 83  396 396 ASP ASP A . n 
A 1 84  PHE 84  397 397 PHE PHE A . n 
A 1 85  VAL 85  398 398 VAL VAL A . n 
A 1 86  TYR 86  399 399 TYR TYR A . n 
A 1 87  LEU 87  400 400 LEU LEU A . n 
A 1 88  LYS 88  401 401 LYS LYS A . n 
A 1 89  VAL 89  402 402 VAL VAL A . n 
A 1 90  ALA 90  403 403 ALA ALA A . n 
A 1 91  LYS 91  404 404 LYS LYS A . n 
A 1 92  PRO 92  405 405 PRO PRO A . n 
A 1 93  THR 93  406 406 THR THR A . n 
A 1 94  SER 94  407 407 SER SER A . n 
A 1 95  MET 95  408 ?   ?   ?   A . n 
A 1 96  TYR 96  409 ?   ?   ?   A . n 
A 1 97  ILE 97  410 ?   ?   ?   A . n 
A 1 98  SER 98  411 ?   ?   ?   A . n 
A 1 99  ARG 99  412 ?   ?   ?   A . n 
A 1 100 HIS 100 413 ?   ?   ?   A . n 
A 1 101 HIS 101 414 ?   ?   ?   A . n 
A 1 102 HIS 102 415 ?   ?   ?   A . n 
A 1 103 HIS 103 416 ?   ?   ?   A . n 
A 1 104 HIS 104 417 ?   ?   ?   A . n 
A 1 105 HIS 105 418 ?   ?   ?   A . n 
B 1 1   MET 1   314 ?   ?   ?   B . n 
B 1 2   GLU 2   315 ?   ?   ?   B . n 
B 1 3   LYS 3   316 ?   ?   ?   B . n 
B 1 4   ILE 4   317 317 ILE ILE B . n 
B 1 5   MET 5   318 318 MET MET B . n 
B 1 6   GLU 6   319 319 GLU GLU B . n 
B 1 7   ILE 7   320 320 ILE ILE B . n 
B 1 8   LYS 8   321 321 LYS LYS B . n 
B 1 9   LEU 9   322 322 LEU LEU B . n 
B 1 10  ILE 10  323 323 ILE ILE B . n 
B 1 11  LYS 11  324 324 LYS LYS B . n 
B 1 12  GLY 12  325 325 GLY GLY B . n 
B 1 13  PRO 13  326 326 PRO PRO B . n 
B 1 14  LYS 14  327 327 LYS LYS B . n 
B 1 15  GLY 15  328 328 GLY GLY B . n 
B 1 16  LEU 16  329 329 LEU LEU B . n 
B 1 17  GLY 17  330 330 GLY GLY B . n 
B 1 18  PHE 18  331 331 PHE PHE B . n 
B 1 19  SER 19  332 332 SER SER B . n 
B 1 20  ILE 20  333 333 ILE ILE B . n 
B 1 21  ALA 21  334 334 ALA ALA B . n 
B 1 22  GLY 22  335 335 GLY GLY B . n 
B 1 23  GLY 23  336 336 GLY GLY B . n 
B 1 24  VAL 24  337 337 VAL VAL B . n 
B 1 25  GLY 25  338 338 GLY GLY B . n 
B 1 26  ASN 26  339 339 ASN ASN B . n 
B 1 27  GLN 27  340 340 GLN GLN B . n 
B 1 28  HIS 28  341 341 HIS HIS B . n 
B 1 29  ILE 29  342 342 ILE ILE B . n 
B 1 30  PRO 30  343 343 PRO PRO B . n 
B 1 31  GLY 31  344 344 GLY GLY B . n 
B 1 32  ASP 32  345 345 ASP ASP B . n 
B 1 33  ASN 33  346 346 ASN ASN B . n 
B 1 34  SER 34  347 347 SER SER B . n 
B 1 35  ILE 35  348 348 ILE ILE B . n 
B 1 36  TYR 36  349 349 TYR TYR B . n 
B 1 37  VAL 37  350 350 VAL VAL B . n 
B 1 38  THR 38  351 351 THR THR B . n 
B 1 39  LYS 39  352 352 LYS LYS B . n 
B 1 40  ILE 40  353 353 ILE ILE B . n 
B 1 41  ILE 41  354 354 ILE ILE B . n 
B 1 42  GLU 42  355 355 GLU GLU B . n 
B 1 43  GLY 43  356 356 GLY GLY B . n 
B 1 44  GLY 44  357 357 GLY GLY B . n 
B 1 45  ALA 45  358 358 ALA ALA B . n 
B 1 46  ALA 46  359 359 ALA ALA B . n 
B 1 47  HIS 47  360 360 HIS HIS B . n 
B 1 48  LYS 48  361 361 LYS LYS B . n 
B 1 49  ASP 49  362 362 ASP ASP B . n 
B 1 50  GLY 50  363 363 GLY GLY B . n 
B 1 51  LYS 51  364 364 LYS LYS B . n 
B 1 52  LEU 52  365 365 LEU LEU B . n 
B 1 53  GLN 53  366 366 GLN GLN B . n 
B 1 54  ILE 54  367 367 ILE ILE B . n 
B 1 55  GLY 55  368 368 GLY GLY B . n 
B 1 56  ASP 56  369 369 ASP ASP B . n 
B 1 57  LYS 57  370 370 LYS LYS B . n 
B 1 58  LEU 58  371 371 LEU LEU B . n 
B 1 59  LEU 59  372 372 LEU LEU B . n 
B 1 60  ALA 60  373 373 ALA ALA B . n 
B 1 61  VAL 61  374 374 VAL VAL B . n 
B 1 62  ASN 62  375 375 ASN ASN B . n 
B 1 63  SER 63  376 376 SER SER B . n 
B 1 64  VAL 64  377 377 VAL VAL B . n 
B 1 65  SER 65  378 378 SER SER B . n 
B 1 66  LEU 66  379 379 LEU LEU B . n 
B 1 67  GLU 67  380 380 GLU GLU B . n 
B 1 68  GLU 68  381 381 GLU GLU B . n 
B 1 69  VAL 69  382 382 VAL VAL B . n 
B 1 70  THR 70  383 383 THR THR B . n 
B 1 71  HIS 71  384 384 HIS HIS B . n 
B 1 72  GLU 72  385 385 GLU GLU B . n 
B 1 73  GLU 73  386 386 GLU GLU B . n 
B 1 74  ALA 74  387 387 ALA ALA B . n 
B 1 75  VAL 75  388 388 VAL VAL B . n 
B 1 76  THR 76  389 389 THR THR B . n 
B 1 77  ALA 77  390 390 ALA ALA B . n 
B 1 78  LEU 78  391 391 LEU LEU B . n 
B 1 79  LYS 79  392 392 LYS LYS B . n 
B 1 80  ASN 80  393 393 ASN ASN B . n 
B 1 81  THR 81  394 394 THR THR B . n 
B 1 82  SER 82  395 395 SER SER B . n 
B 1 83  ASP 83  396 396 ASP ASP B . n 
B 1 84  PHE 84  397 397 PHE PHE B . n 
B 1 85  VAL 85  398 398 VAL VAL B . n 
B 1 86  TYR 86  399 399 TYR TYR B . n 
B 1 87  LEU 87  400 400 LEU LEU B . n 
B 1 88  LYS 88  401 401 LYS LYS B . n 
B 1 89  VAL 89  402 402 VAL VAL B . n 
B 1 90  ALA 90  403 403 ALA ALA B . n 
B 1 91  LYS 91  404 404 LYS LYS B . n 
B 1 92  PRO 92  405 405 PRO PRO B . n 
B 1 93  THR 93  406 ?   ?   ?   B . n 
B 1 94  SER 94  407 ?   ?   ?   B . n 
B 1 95  MET 95  408 ?   ?   ?   B . n 
B 1 96  TYR 96  409 ?   ?   ?   B . n 
B 1 97  ILE 97  410 ?   ?   ?   B . n 
B 1 98  SER 98  411 ?   ?   ?   B . n 
B 1 99  ARG 99  412 ?   ?   ?   B . n 
B 1 100 HIS 100 413 ?   ?   ?   B . n 
B 1 101 HIS 101 414 ?   ?   ?   B . n 
B 1 102 HIS 102 415 ?   ?   ?   B . n 
B 1 103 HIS 103 416 ?   ?   ?   B . n 
B 1 104 HIS 104 417 ?   ?   ?   B . n 
B 1 105 HIS 105 418 ?   ?   ?   B . n 
# 
loop_
_pdbx_nonpoly_scheme.asym_id 
_pdbx_nonpoly_scheme.entity_id 
_pdbx_nonpoly_scheme.mon_id 
_pdbx_nonpoly_scheme.ndb_seq_num 
_pdbx_nonpoly_scheme.pdb_seq_num 
_pdbx_nonpoly_scheme.auth_seq_num 
_pdbx_nonpoly_scheme.pdb_mon_id 
_pdbx_nonpoly_scheme.auth_mon_id 
_pdbx_nonpoly_scheme.pdb_strand_id 
_pdbx_nonpoly_scheme.pdb_ins_code 
C 2 HIS 1   3   3   HIS HIS B . 
D 2 HIS 1   4   4   HIS HIS B . 
E 3 HOH 1   419 1   HOH HOH A . 
E 3 HOH 2   420 8   HOH HOH A . 
E 3 HOH 3   421 9   HOH HOH A . 
E 3 HOH 4   422 12  HOH HOH A . 
E 3 HOH 5   423 15  HOH HOH A . 
E 3 HOH 6   424 16  HOH HOH A . 
E 3 HOH 7   425 20  HOH HOH A . 
E 3 HOH 8   426 23  HOH HOH A . 
E 3 HOH 9   427 26  HOH HOH A . 
E 3 HOH 10  428 30  HOH HOH A . 
E 3 HOH 11  429 34  HOH HOH A . 
E 3 HOH 12  430 37  HOH HOH A . 
E 3 HOH 13  431 46  HOH HOH A . 
E 3 HOH 14  432 47  HOH HOH A . 
E 3 HOH 15  433 53  HOH HOH A . 
E 3 HOH 16  434 58  HOH HOH A . 
E 3 HOH 17  435 63  HOH HOH A . 
E 3 HOH 18  436 68  HOH HOH A . 
E 3 HOH 19  437 71  HOH HOH A . 
E 3 HOH 20  438 72  HOH HOH A . 
E 3 HOH 21  439 80  HOH HOH A . 
E 3 HOH 22  440 81  HOH HOH A . 
E 3 HOH 23  441 83  HOH HOH A . 
E 3 HOH 24  442 84  HOH HOH A . 
E 3 HOH 25  443 86  HOH HOH A . 
E 3 HOH 26  444 91  HOH HOH A . 
E 3 HOH 27  445 95  HOH HOH A . 
E 3 HOH 28  446 104 HOH HOH A . 
E 3 HOH 29  447 117 HOH HOH A . 
E 3 HOH 30  448 118 HOH HOH A . 
E 3 HOH 31  449 125 HOH HOH A . 
E 3 HOH 32  450 132 HOH HOH A . 
E 3 HOH 33  451 133 HOH HOH A . 
E 3 HOH 34  452 140 HOH HOH A . 
E 3 HOH 35  453 143 HOH HOH A . 
E 3 HOH 36  454 148 HOH HOH A . 
E 3 HOH 37  455 149 HOH HOH A . 
E 3 HOH 38  456 156 HOH HOH A . 
E 3 HOH 39  457 159 HOH HOH A . 
E 3 HOH 40  458 162 HOH HOH A . 
E 3 HOH 41  459 163 HOH HOH A . 
E 3 HOH 42  460 170 HOH HOH A . 
E 3 HOH 43  461 172 HOH HOH A . 
E 3 HOH 44  462 177 HOH HOH A . 
E 3 HOH 45  463 178 HOH HOH A . 
E 3 HOH 46  464 183 HOH HOH A . 
E 3 HOH 47  465 186 HOH HOH A . 
E 3 HOH 48  466 187 HOH HOH A . 
E 3 HOH 49  467 193 HOH HOH A . 
E 3 HOH 50  468 202 HOH HOH A . 
E 3 HOH 51  469 204 HOH HOH A . 
E 3 HOH 52  470 205 HOH HOH A . 
E 3 HOH 53  471 209 HOH HOH A . 
E 3 HOH 54  472 213 HOH HOH A . 
E 3 HOH 55  473 214 HOH HOH A . 
E 3 HOH 56  474 218 HOH HOH A . 
E 3 HOH 57  475 220 HOH HOH A . 
E 3 HOH 58  476 221 HOH HOH A . 
E 3 HOH 59  477 230 HOH HOH A . 
E 3 HOH 60  478 231 HOH HOH A . 
E 3 HOH 61  479 234 HOH HOH A . 
E 3 HOH 62  480 236 HOH HOH A . 
E 3 HOH 63  481 241 HOH HOH A . 
E 3 HOH 64  482 244 HOH HOH A . 
E 3 HOH 65  483 245 HOH HOH A . 
E 3 HOH 66  484 250 HOH HOH A . 
E 3 HOH 67  485 254 HOH HOH A . 
E 3 HOH 68  486 258 HOH HOH A . 
E 3 HOH 69  487 260 HOH HOH A . 
E 3 HOH 70  488 264 HOH HOH A . 
E 3 HOH 71  489 269 HOH HOH A . 
E 3 HOH 72  490 294 HOH HOH A . 
E 3 HOH 73  491 309 HOH HOH A . 
E 3 HOH 74  492 314 HOH HOH A . 
E 3 HOH 75  493 315 HOH HOH A . 
E 3 HOH 76  494 316 HOH HOH A . 
E 3 HOH 77  495 317 HOH HOH A . 
E 3 HOH 78  496 318 HOH HOH A . 
E 3 HOH 79  497 321 HOH HOH A . 
E 3 HOH 80  498 324 HOH HOH A . 
E 3 HOH 81  499 326 HOH HOH A . 
E 3 HOH 82  500 330 HOH HOH A . 
E 3 HOH 83  501 331 HOH HOH A . 
E 3 HOH 84  502 333 HOH HOH A . 
E 3 HOH 85  503 334 HOH HOH A . 
E 3 HOH 86  504 337 HOH HOH A . 
E 3 HOH 87  505 340 HOH HOH A . 
E 3 HOH 88  506 343 HOH HOH A . 
E 3 HOH 89  507 346 HOH HOH A . 
E 3 HOH 90  508 351 HOH HOH A . 
E 3 HOH 91  509 358 HOH HOH A . 
E 3 HOH 92  510 362 HOH HOH A . 
E 3 HOH 93  511 364 HOH HOH A . 
E 3 HOH 94  512 372 HOH HOH A . 
E 3 HOH 95  513 375 HOH HOH A . 
E 3 HOH 96  514 377 HOH HOH A . 
E 3 HOH 97  515 385 HOH HOH A . 
E 3 HOH 98  516 386 HOH HOH A . 
E 3 HOH 99  517 387 HOH HOH A . 
E 3 HOH 100 518 389 HOH HOH A . 
E 3 HOH 101 519 393 HOH HOH A . 
E 3 HOH 102 520 394 HOH HOH A . 
E 3 HOH 103 521 397 HOH HOH A . 
E 3 HOH 104 522 406 HOH HOH A . 
E 3 HOH 105 523 418 HOH HOH A . 
E 3 HOH 106 524 503 HOH HOH A . 
E 3 HOH 107 525 505 HOH HOH A . 
E 3 HOH 108 526 514 HOH HOH A . 
E 3 HOH 109 527 517 HOH HOH A . 
E 3 HOH 110 528 518 HOH HOH A . 
E 3 HOH 111 529 519 HOH HOH A . 
E 3 HOH 112 530 520 HOH HOH A . 
E 3 HOH 113 531 522 HOH HOH A . 
E 3 HOH 114 532 528 HOH HOH A . 
E 3 HOH 115 533 529 HOH HOH A . 
E 3 HOH 116 534 530 HOH HOH A . 
F 3 HOH 1   419 2   HOH HOH B . 
F 3 HOH 2   420 5   HOH HOH B . 
F 3 HOH 3   421 7   HOH HOH B . 
F 3 HOH 4   422 10  HOH HOH B . 
F 3 HOH 5   423 18  HOH HOH B . 
F 3 HOH 6   424 29  HOH HOH B . 
F 3 HOH 7   425 31  HOH HOH B . 
F 3 HOH 8   426 33  HOH HOH B . 
F 3 HOH 9   427 39  HOH HOH B . 
F 3 HOH 10  428 41  HOH HOH B . 
F 3 HOH 11  429 43  HOH HOH B . 
F 3 HOH 12  430 45  HOH HOH B . 
F 3 HOH 13  431 64  HOH HOH B . 
F 3 HOH 14  432 66  HOH HOH B . 
F 3 HOH 15  433 69  HOH HOH B . 
F 3 HOH 16  434 78  HOH HOH B . 
F 3 HOH 17  435 82  HOH HOH B . 
F 3 HOH 18  436 93  HOH HOH B . 
F 3 HOH 19  437 94  HOH HOH B . 
F 3 HOH 20  438 99  HOH HOH B . 
F 3 HOH 21  439 101 HOH HOH B . 
F 3 HOH 22  440 102 HOH HOH B . 
F 3 HOH 23  441 120 HOH HOH B . 
F 3 HOH 24  442 121 HOH HOH B . 
F 3 HOH 25  443 127 HOH HOH B . 
F 3 HOH 26  444 128 HOH HOH B . 
F 3 HOH 27  445 129 HOH HOH B . 
F 3 HOH 28  446 130 HOH HOH B . 
F 3 HOH 29  447 141 HOH HOH B . 
F 3 HOH 30  448 144 HOH HOH B . 
F 3 HOH 31  449 146 HOH HOH B . 
F 3 HOH 32  450 150 HOH HOH B . 
F 3 HOH 33  451 154 HOH HOH B . 
F 3 HOH 34  452 165 HOH HOH B . 
F 3 HOH 35  453 175 HOH HOH B . 
F 3 HOH 36  454 176 HOH HOH B . 
F 3 HOH 37  455 181 HOH HOH B . 
F 3 HOH 38  456 184 HOH HOH B . 
F 3 HOH 39  457 185 HOH HOH B . 
F 3 HOH 40  458 195 HOH HOH B . 
F 3 HOH 41  459 197 HOH HOH B . 
F 3 HOH 42  460 198 HOH HOH B . 
F 3 HOH 43  461 199 HOH HOH B . 
F 3 HOH 44  462 206 HOH HOH B . 
F 3 HOH 45  463 207 HOH HOH B . 
F 3 HOH 46  464 212 HOH HOH B . 
F 3 HOH 47  465 215 HOH HOH B . 
F 3 HOH 48  466 216 HOH HOH B . 
F 3 HOH 49  467 217 HOH HOH B . 
F 3 HOH 50  468 223 HOH HOH B . 
F 3 HOH 51  469 225 HOH HOH B . 
F 3 HOH 52  470 226 HOH HOH B . 
F 3 HOH 53  471 229 HOH HOH B . 
F 3 HOH 54  472 239 HOH HOH B . 
F 3 HOH 55  473 240 HOH HOH B . 
F 3 HOH 56  474 242 HOH HOH B . 
F 3 HOH 57  475 243 HOH HOH B . 
F 3 HOH 58  476 253 HOH HOH B . 
F 3 HOH 59  477 257 HOH HOH B . 
F 3 HOH 60  478 259 HOH HOH B . 
F 3 HOH 61  479 261 HOH HOH B . 
F 3 HOH 62  480 270 HOH HOH B . 
F 3 HOH 63  481 271 HOH HOH B . 
F 3 HOH 64  482 272 HOH HOH B . 
F 3 HOH 65  483 274 HOH HOH B . 
F 3 HOH 66  484 275 HOH HOH B . 
F 3 HOH 67  485 285 HOH HOH B . 
F 3 HOH 68  486 286 HOH HOH B . 
F 3 HOH 69  487 291 HOH HOH B . 
F 3 HOH 70  488 292 HOH HOH B . 
F 3 HOH 71  489 300 HOH HOH B . 
F 3 HOH 72  490 301 HOH HOH B . 
F 3 HOH 73  491 302 HOH HOH B . 
F 3 HOH 74  492 304 HOH HOH B . 
F 3 HOH 75  493 305 HOH HOH B . 
F 3 HOH 76  494 307 HOH HOH B . 
F 3 HOH 77  495 308 HOH HOH B . 
F 3 HOH 78  496 313 HOH HOH B . 
F 3 HOH 79  497 328 HOH HOH B . 
F 3 HOH 80  498 338 HOH HOH B . 
F 3 HOH 81  499 339 HOH HOH B . 
F 3 HOH 82  500 344 HOH HOH B . 
F 3 HOH 83  501 352 HOH HOH B . 
F 3 HOH 84  502 356 HOH HOH B . 
F 3 HOH 85  503 357 HOH HOH B . 
F 3 HOH 86  504 359 HOH HOH B . 
F 3 HOH 87  505 361 HOH HOH B . 
F 3 HOH 88  506 369 HOH HOH B . 
F 3 HOH 89  507 370 HOH HOH B . 
F 3 HOH 90  508 382 HOH HOH B . 
F 3 HOH 91  509 388 HOH HOH B . 
F 3 HOH 92  510 399 HOH HOH B . 
F 3 HOH 93  511 403 HOH HOH B . 
F 3 HOH 94  512 404 HOH HOH B . 
F 3 HOH 95  513 407 HOH HOH B . 
F 3 HOH 96  514 410 HOH HOH B . 
F 3 HOH 97  515 414 HOH HOH B . 
F 3 HOH 98  516 419 HOH HOH B . 
F 3 HOH 99  517 420 HOH HOH B . 
F 3 HOH 100 518 501 HOH HOH B . 
F 3 HOH 101 519 502 HOH HOH B . 
F 3 HOH 102 520 512 HOH HOH B . 
F 3 HOH 103 521 515 HOH HOH B . 
F 3 HOH 104 522 521 HOH HOH B . 
F 3 HOH 105 523 525 HOH HOH B . 
F 3 HOH 106 524 527 HOH HOH B . 
# 
loop_
_pdbx_unobs_or_zero_occ_atoms.id 
_pdbx_unobs_or_zero_occ_atoms.PDB_model_num 
_pdbx_unobs_or_zero_occ_atoms.polymer_flag 
_pdbx_unobs_or_zero_occ_atoms.occupancy_flag 
_pdbx_unobs_or_zero_occ_atoms.auth_asym_id 
_pdbx_unobs_or_zero_occ_atoms.auth_comp_id 
_pdbx_unobs_or_zero_occ_atoms.auth_seq_id 
_pdbx_unobs_or_zero_occ_atoms.PDB_ins_code 
_pdbx_unobs_or_zero_occ_atoms.auth_atom_id 
_pdbx_unobs_or_zero_occ_atoms.label_alt_id 
_pdbx_unobs_or_zero_occ_atoms.label_asym_id 
_pdbx_unobs_or_zero_occ_atoms.label_comp_id 
_pdbx_unobs_or_zero_occ_atoms.label_seq_id 
_pdbx_unobs_or_zero_occ_atoms.label_atom_id 
1  1 Y 1 A LYS 316 ? CG  ? A LYS 3  CG  
2  1 Y 1 A LYS 316 ? CD  ? A LYS 3  CD  
3  1 Y 1 A LYS 316 ? CE  ? A LYS 3  CE  
4  1 Y 1 A LYS 316 ? NZ  ? A LYS 3  NZ  
5  1 Y 1 A ILE 317 ? CD1 ? A ILE 4  CD1 
6  1 Y 1 A GLU 385 ? CG  ? A GLU 72 CG  
7  1 Y 1 A GLU 385 ? CD  ? A GLU 72 CD  
8  1 Y 1 A GLU 385 ? OE1 ? A GLU 72 OE1 
9  1 Y 1 A GLU 385 ? OE2 ? A GLU 72 OE2 
10 1 Y 1 A LYS 392 ? CD  ? A LYS 79 CD  
11 1 Y 1 A LYS 392 ? CE  ? A LYS 79 CE  
12 1 Y 1 A LYS 392 ? NZ  ? A LYS 79 NZ  
13 1 Y 1 B LYS 327 ? CD  ? B LYS 14 CD  
14 1 Y 1 B LYS 327 ? CE  ? B LYS 14 CE  
15 1 Y 1 B LYS 327 ? NZ  ? B LYS 14 NZ  
16 1 Y 1 B GLU 380 ? CG  ? B GLU 67 CG  
17 1 Y 1 B GLU 380 ? CD  ? B GLU 67 CD  
18 1 Y 1 B GLU 380 ? OE1 ? B GLU 67 OE1 
19 1 Y 1 B GLU 380 ? OE2 ? B GLU 67 OE2 
20 1 Y 1 B LYS 392 ? CE  ? B LYS 79 CE  
21 1 Y 1 B LYS 392 ? NZ  ? B LYS 79 NZ  
# 
loop_
_software.name 
_software.version 
_software.date 
_software.type 
_software.contact_author 
_software.contact_author_email 
_software.classification 
_software.location 
_software.language 
_software.citation_id 
_software.pdbx_ordinal 
XSCALE      .        ?               program 'Wolfgang Kabsch' ?                        'data scaling'    
http://www.mpimf-heidelberg.mpg.de/~kabsch/xds/xscale_program.html ?       ? 1 
MOLREP      .        ?               program 'A. Vagin'        alexei@ysbl.york.ac.uk   phasing           
http://www.ccp4.ac.uk/dist/html/molrep.html                        Fortran ? 2 
REFMAC      5.2.0005 ?               program 'Murshudov, G.N.' ccp4@dl.ac.uk            refinement        
http://www.ccp4.ac.uk/main.html                                    Fortran ? 3 
PDB_EXTRACT 1.700    'May. 30, 2005' package PDB               sw-help@rcsb.rutgers.edu 'data extraction' 
http://pdb.rutgers.edu/software/                                   C++     ? 4 
ProDC       .        ?               ?       ?                 ?                        'data collection' ? ?       ? 5 
XDS         .        ?               ?       ?                 ?                        'data scaling'    ? ?       ? 6 
# 
_cell.length_a           32.300 
_cell.length_b           52.430 
_cell.length_c           52.920 
_cell.angle_alpha        90.00 
_cell.angle_beta         102.72 
_cell.angle_gamma        90.00 
_cell.entry_id           2AWX 
_cell.pdbx_unique_axis   ? 
_cell.Z_PDB              4 
_cell.length_a_esd       ? 
_cell.length_b_esd       ? 
_cell.length_c_esd       ? 
_cell.angle_alpha_esd    ? 
_cell.angle_beta_esd     ? 
_cell.angle_gamma_esd    ? 
# 
_symmetry.space_group_name_H-M             'P 1 21 1' 
_symmetry.entry_id                         2AWX 
_symmetry.pdbx_full_space_group_name_H-M   ? 
_symmetry.Int_Tables_number                4 
_symmetry.cell_setting                     ? 
_symmetry.space_group_name_Hall            ? 
# 
_exptl.entry_id          2AWX 
_exptl.crystals_number   1 
_exptl.method            'X-RAY DIFFRACTION' 
# 
_exptl_crystal.id                    1 
_exptl_crystal.density_Matthews      1.91 
_exptl_crystal.density_meas          ? 
_exptl_crystal.density_percent_sol   35.51 
_exptl_crystal.description           ? 
_exptl_crystal.F_000                 ? 
_exptl_crystal.preparation           ? 
# 
_exptl_crystal_grow.crystal_id      1 
_exptl_crystal_grow.method          'VAPOR DIFFUSION, SITTING DROP' 
_exptl_crystal_grow.pH              8.5 
_exptl_crystal_grow.temp            293 
_exptl_crystal_grow.temp_details    ? 
_exptl_crystal_grow.pdbx_details    
'0.2M Sodium acetate, 0.1M Tris-HCl, 30% PEG4000, pH 8.5, VAPOR DIFFUSION, SITTING DROP, temperature 293K' 
_exptl_crystal_grow.pdbx_pH_range   . 
# 
_diffrn.id                     1 
_diffrn.ambient_temp           100 
_diffrn.ambient_temp_details   ? 
_diffrn.crystal_id             1 
# 
_diffrn_detector.diffrn_id              1 
_diffrn_detector.detector               CCD 
_diffrn_detector.type                   MARRESEARCH 
_diffrn_detector.pdbx_collection_date   2005-03-14 
_diffrn_detector.details                ? 
# 
_diffrn_radiation.diffrn_id                        1 
_diffrn_radiation.wavelength_id                    1 
_diffrn_radiation.pdbx_diffrn_protocol             'SINGLE WAVELENGTH' 
_diffrn_radiation.monochromator                    'Diamond (111), germanium (220)' 
_diffrn_radiation.pdbx_monochromatic_or_laue_m_l   M 
_diffrn_radiation.pdbx_scattering_type             x-ray 
# 
_diffrn_radiation_wavelength.id           1 
_diffrn_radiation_wavelength.wavelength   0.931 
_diffrn_radiation_wavelength.wt           1.0 
# 
_diffrn_source.diffrn_id                   1 
_diffrn_source.source                      SYNCHROTRON 
_diffrn_source.type                        'ESRF BEAMLINE ID14-3' 
_diffrn_source.pdbx_wavelength             ? 
_diffrn_source.pdbx_wavelength_list        0.931 
_diffrn_source.pdbx_synchrotron_site       ESRF 
_diffrn_source.pdbx_synchrotron_beamline   ID14-3 
# 
_reflns.entry_id                     2AWX 
_reflns.d_resolution_low             20 
_reflns.d_resolution_high            1.80 
_reflns.number_obs                   38640 
_reflns.percent_possible_obs         95.000 
_reflns.pdbx_Rmerge_I_obs            0.069 
_reflns.pdbx_chi_squared             ? 
_reflns.pdbx_redundancy              ? 
_reflns.pdbx_scaling_rejects         ? 
_reflns.pdbx_netI_over_sigmaI        14.490 
_reflns.pdbx_Rsym_value              ? 
_reflns.observed_criterion_sigma_F   0 
_reflns.observed_criterion_sigma_I   0 
_reflns.number_all                   38640 
_reflns.B_iso_Wilson_estimate        ? 
_reflns.R_free_details               ? 
_reflns.limit_h_max                  ? 
_reflns.limit_h_min                  ? 
_reflns.limit_k_max                  ? 
_reflns.limit_k_min                  ? 
_reflns.limit_l_max                  ? 
_reflns.limit_l_min                  ? 
_reflns.observed_criterion_F_max     ? 
_reflns.observed_criterion_F_min     ? 
_reflns.pdbx_diffrn_id               1 
_reflns.pdbx_ordinal                 1 
# 
_reflns_shell.d_res_low              1.91 
_reflns_shell.d_res_high             1.80 
_reflns_shell.number_measured_obs    5857 
_reflns_shell.percent_possible_obs   89.700 
_reflns_shell.Rmerge_I_obs           0.465 
_reflns_shell.pdbx_chi_squared       ? 
_reflns_shell.pdbx_redundancy        ? 
_reflns_shell.number_unique_obs      2339 
_reflns_shell.meanI_over_sigI_obs    3.040 
_reflns_shell.pdbx_Rsym_value        ? 
_reflns_shell.percent_possible_all   97.3 
_reflns_shell.number_unique_all      ? 
_reflns_shell.number_measured_all    ? 
_reflns_shell.pdbx_diffrn_id         ? 
_reflns_shell.pdbx_ordinal           1 
# 
_refine.ls_d_res_high                            1.800 
_refine.ls_d_res_low                             19.740 
_refine.pdbx_ls_sigma_F                          0.00 
_refine.ls_percent_reflns_obs                    100.000 
_refine.ls_number_reflns_obs                     15752 
_refine.pdbx_ls_cross_valid_method               THROUGHOUT 
_refine.pdbx_R_Free_selection_details            RANDOM 
_refine.details                                  'HYDROGENS HAVE BEEN ADDED IN THE RIDING POSITIONS' 
_refine.ls_R_factor_all                          0.191 
_refine.ls_R_factor_R_work                       0.188 
_refine.ls_R_factor_R_free                       0.254 
_refine.ls_percent_reflns_R_free                 5.000 
_refine.ls_number_reflns_R_free                  788 
_refine.B_iso_mean                               18.909 
_refine.aniso_B[1][1]                            0.990 
_refine.aniso_B[2][2]                            -0.160 
_refine.aniso_B[3][3]                            -0.440 
_refine.aniso_B[1][2]                            0.000 
_refine.aniso_B[1][3]                            0.890 
_refine.aniso_B[2][3]                            0.000 
_refine.correlation_coeff_Fo_to_Fc               0.951 
_refine.correlation_coeff_Fo_to_Fc_free          0.915 
_refine.pdbx_overall_ESU_R                       0.146 
_refine.pdbx_overall_ESU_R_Free                  0.151 
_refine.overall_SU_ML                            0.105 
_refine.overall_SU_B                             3.329 
_refine.solvent_model_details                    MASK 
_refine.pdbx_solvent_vdw_probe_radii             1.200 
_refine.pdbx_solvent_ion_probe_radii             0.800 
_refine.pdbx_solvent_shrinkage_radii             0.800 
_refine.pdbx_stereochemistry_target_values       'MAXIMUM LIKELIHOOD' 
_refine.entry_id                                 2AWX 
_refine.pdbx_ls_sigma_I                          ? 
_refine.ls_number_reflns_all                     15752 
_refine.ls_R_factor_obs                          0.191 
_refine.ls_redundancy_reflns_obs                 ? 
_refine.pdbx_data_cutoff_high_absF               ? 
_refine.pdbx_data_cutoff_low_absF                ? 
_refine.ls_number_parameters                     ? 
_refine.ls_number_restraints                     ? 
_refine.ls_R_factor_R_free_error                 ? 
_refine.ls_R_factor_R_free_error_details         ? 
_refine.pdbx_method_to_determine_struct          'MOLECULAR REPLACEMENT' 
_refine.pdbx_starting_model                      ? 
_refine.pdbx_stereochem_target_val_spec_case     ? 
_refine.solvent_model_param_bsol                 ? 
_refine.solvent_model_param_ksol                 ? 
_refine.occupancy_max                            ? 
_refine.occupancy_min                            ? 
_refine.pdbx_isotropic_thermal_model             ? 
_refine.B_iso_min                                ? 
_refine.B_iso_max                                ? 
_refine.overall_SU_R_Cruickshank_DPI             ? 
_refine.overall_SU_R_free                        ? 
_refine.pdbx_data_cutoff_high_rms_absF           ? 
_refine.ls_wR_factor_R_free                      ? 
_refine.ls_wR_factor_R_work                      ? 
_refine.overall_FOM_free_R_set                   ? 
_refine.overall_FOM_work_R_set                   ? 
_refine.pdbx_refine_id                           'X-RAY DIFFRACTION' 
_refine.pdbx_overall_phase_error                 ? 
_refine.pdbx_diffrn_id                           1 
_refine.pdbx_TLS_residual_ADP_flag               ? 
_refine.pdbx_overall_SU_R_free_Cruickshank_DPI   ? 
_refine.pdbx_overall_SU_R_Blow_DPI               ? 
_refine.pdbx_overall_SU_R_free_Blow_DPI          ? 
# 
_refine_hist.pdbx_refine_id                   'X-RAY DIFFRACTION' 
_refine_hist.cycle_id                         LAST 
_refine_hist.pdbx_number_atoms_protein        1321 
_refine_hist.pdbx_number_atoms_nucleic_acid   0 
_refine_hist.pdbx_number_atoms_ligand         21 
_refine_hist.number_atoms_solvent             222 
_refine_hist.number_atoms_total               1564 
_refine_hist.d_res_high                       1.800 
_refine_hist.d_res_low                        19.740 
# 
loop_
_refine_ls_restr.type 
_refine_ls_restr.number 
_refine_ls_restr.dev_ideal 
_refine_ls_restr.dev_ideal_target 
_refine_ls_restr.weight 
_refine_ls_restr.pdbx_refine_id 
_refine_ls_restr.pdbx_restraint_function 
r_bond_refined_d         1361 0.012  0.022  ? 'X-RAY DIFFRACTION' ? 
r_angle_refined_deg      1837 1.298  1.973  ? 'X-RAY DIFFRACTION' ? 
r_dihedral_angle_1_deg   180  5.832  5.000  ? 'X-RAY DIFFRACTION' ? 
r_dihedral_angle_2_deg   46   39.981 26.522 ? 'X-RAY DIFFRACTION' ? 
r_dihedral_angle_3_deg   241  12.542 15.000 ? 'X-RAY DIFFRACTION' ? 
r_chiral_restr           220  0.085  0.200  ? 'X-RAY DIFFRACTION' ? 
r_gen_planes_refined     976  0.005  0.020  ? 'X-RAY DIFFRACTION' ? 
r_nbd_refined            613  0.206  0.200  ? 'X-RAY DIFFRACTION' ? 
r_nbtor_refined          926  0.303  0.200  ? 'X-RAY DIFFRACTION' ? 
r_xyhbond_nbd_refined    206  0.138  0.200  ? 'X-RAY DIFFRACTION' ? 
r_symmetry_vdw_refined   56   0.212  0.200  ? 'X-RAY DIFFRACTION' ? 
r_symmetry_hbond_refined 21   0.194  0.200  ? 'X-RAY DIFFRACTION' ? 
r_mcbond_it              913  0.814  1.500  ? 'X-RAY DIFFRACTION' ? 
r_mcangle_it             1435 1.341  2.000  ? 'X-RAY DIFFRACTION' ? 
r_scbond_it              475  2.115  3.000  ? 'X-RAY DIFFRACTION' ? 
r_scangle_it             402  3.401  4.500  ? 'X-RAY DIFFRACTION' ? 
# 
_refine_ls_shell.d_res_high                       1.800 
_refine_ls_shell.d_res_low                        1.846 
_refine_ls_shell.pdbx_total_number_of_bins_used   20 
_refine_ls_shell.percent_reflns_obs               100.000 
_refine_ls_shell.number_reflns_R_work             1089 
_refine_ls_shell.R_factor_R_work                  0.245 
_refine_ls_shell.R_factor_R_free                  0.374 
_refine_ls_shell.percent_reflns_R_free            ? 
_refine_ls_shell.number_reflns_R_free             57 
_refine_ls_shell.R_factor_R_free_error            ? 
_refine_ls_shell.number_reflns_all                1146 
_refine_ls_shell.number_reflns_obs                ? 
_refine_ls_shell.redundancy_reflns_obs            ? 
_refine_ls_shell.R_factor_all                     ? 
_refine_ls_shell.pdbx_refine_id                   'X-RAY DIFFRACTION' 
# 
_struct.entry_id                  2AWX 
_struct.title                     'Synapse associated protein 97 PDZ2 domain variant C378S' 
_struct.pdbx_model_details        ? 
_struct.pdbx_CASP_flag            ? 
_struct.pdbx_model_type_details   ? 
# 
_struct_keywords.entry_id        2AWX 
_struct_keywords.pdbx_keywords   'MEMBRANE PROTEIN' 
_struct_keywords.text            'membrane protein, synaptic signaling, trafficking protein' 
# 
loop_
_struct_asym.id 
_struct_asym.pdbx_blank_PDB_chainid_flag 
_struct_asym.pdbx_modified 
_struct_asym.entity_id 
_struct_asym.details 
A N N 1 ? 
B N N 1 ? 
C N N 2 ? 
D N N 2 ? 
E N N 3 ? 
F N N 3 ? 
# 
_struct_ref.id                         1 
_struct_ref.db_name                    UNP 
_struct_ref.db_code                    DLG1_RAT 
_struct_ref.entity_id                  1 
_struct_ref.pdbx_seq_one_letter_code   
;RKNHEIKLIKGPKGLGFSIAGGVGNQHIPGDNSIYVTKIIEGGAAHKDGKLQIGDKLLAVNSVCLEEVTHEEAVTALKNT
SDFVYLKAAKPTSMYI
;
_struct_ref.pdbx_align_begin           314 
_struct_ref.pdbx_db_accession          Q62696 
_struct_ref.pdbx_db_isoform            ? 
# 
loop_
_struct_ref_seq.align_id 
_struct_ref_seq.ref_id 
_struct_ref_seq.pdbx_PDB_id_code 
_struct_ref_seq.pdbx_strand_id 
_struct_ref_seq.seq_align_beg 
_struct_ref_seq.pdbx_seq_align_beg_ins_code 
_struct_ref_seq.seq_align_end 
_struct_ref_seq.pdbx_seq_align_end_ins_code 
_struct_ref_seq.pdbx_db_accession 
_struct_ref_seq.db_align_beg 
_struct_ref_seq.pdbx_db_align_beg_ins_code 
_struct_ref_seq.db_align_end 
_struct_ref_seq.pdbx_db_align_end_ins_code 
_struct_ref_seq.pdbx_auth_seq_align_beg 
_struct_ref_seq.pdbx_auth_seq_align_end 
1 1 2AWX A 2 ? 97 ? Q62696 314 ? 409 ? 315 410 
2 1 2AWX B 2 ? 97 ? Q62696 314 ? 409 ? 315 410 
# 
loop_
_struct_ref_seq_dif.align_id 
_struct_ref_seq_dif.pdbx_pdb_id_code 
_struct_ref_seq_dif.mon_id 
_struct_ref_seq_dif.pdbx_pdb_strand_id 
_struct_ref_seq_dif.seq_num 
_struct_ref_seq_dif.pdbx_pdb_ins_code 
_struct_ref_seq_dif.pdbx_seq_db_name 
_struct_ref_seq_dif.pdbx_seq_db_accession_code 
_struct_ref_seq_dif.db_mon_id 
_struct_ref_seq_dif.pdbx_seq_db_seq_num 
_struct_ref_seq_dif.details 
_struct_ref_seq_dif.pdbx_auth_seq_num 
_struct_ref_seq_dif.pdbx_ordinal 
1 2AWX MET A 1   ? UNP Q62696 ?   ?   'expression tag'      314 1  
1 2AWX GLU A 2   ? UNP Q62696 ARG 314 'SEE REMARK 999'      315 2  
1 2AWX ILE A 4   ? UNP Q62696 ASN 316 'SEE REMARK 999'      317 3  
1 2AWX MET A 5   ? UNP Q62696 HIS 317 'SEE REMARK 999'      318 4  
1 2AWX SER A 65  ? UNP Q62696 CYS 377 'engineered mutation' 378 5  
1 2AWX VAL A 89  ? UNP Q62696 ALA 401 'SEE REMARK 999'      402 6  
1 2AWX SER A 98  ? UNP Q62696 ?   ?   'expression tag'      411 7  
1 2AWX ARG A 99  ? UNP Q62696 ?   ?   'expression tag'      412 8  
1 2AWX HIS A 100 ? UNP Q62696 ?   ?   'expression tag'      413 9  
1 2AWX HIS A 101 ? UNP Q62696 ?   ?   'expression tag'      414 10 
1 2AWX HIS A 102 ? UNP Q62696 ?   ?   'expression tag'      415 11 
1 2AWX HIS A 103 ? UNP Q62696 ?   ?   'expression tag'      416 12 
1 2AWX HIS A 104 ? UNP Q62696 ?   ?   'expression tag'      417 13 
1 2AWX HIS A 105 ? UNP Q62696 ?   ?   'expression tag'      418 14 
2 2AWX MET B 1   ? UNP Q62696 ?   ?   'expression tag'      314 15 
2 2AWX GLU B 2   ? UNP Q62696 ARG 314 'SEE REMARK 999'      315 16 
2 2AWX ILE B 4   ? UNP Q62696 ASN 316 'SEE REMARK 999'      317 17 
2 2AWX MET B 5   ? UNP Q62696 HIS 317 'SEE REMARK 999'      318 18 
2 2AWX SER B 65  ? UNP Q62696 CYS 377 'engineered mutation' 378 19 
2 2AWX VAL B 89  ? UNP Q62696 ALA 401 'SEE REMARK 999'      402 20 
2 2AWX SER B 98  ? UNP Q62696 ?   ?   'expression tag'      411 21 
2 2AWX ARG B 99  ? UNP Q62696 ?   ?   'expression tag'      412 22 
2 2AWX HIS B 100 ? UNP Q62696 ?   ?   'expression tag'      413 23 
2 2AWX HIS B 101 ? UNP Q62696 ?   ?   'expression tag'      414 24 
2 2AWX HIS B 102 ? UNP Q62696 ?   ?   'expression tag'      415 25 
2 2AWX HIS B 103 ? UNP Q62696 ?   ?   'expression tag'      416 26 
2 2AWX HIS B 104 ? UNP Q62696 ?   ?   'expression tag'      417 27 
2 2AWX HIS B 105 ? UNP Q62696 ?   ?   'expression tag'      418 28 
# 
loop_
_pdbx_struct_assembly.id 
_pdbx_struct_assembly.details 
_pdbx_struct_assembly.method_details 
_pdbx_struct_assembly.oligomeric_details 
_pdbx_struct_assembly.oligomeric_count 
1 author_and_software_defined_assembly PISA monomeric 1 
2 author_and_software_defined_assembly PISA monomeric 1 
# 
loop_
_pdbx_struct_assembly_gen.assembly_id 
_pdbx_struct_assembly_gen.oper_expression 
_pdbx_struct_assembly_gen.asym_id_list 
1 1 A,E     
2 1 B,C,D,F 
# 
_pdbx_struct_oper_list.id                   1 
_pdbx_struct_oper_list.type                 'identity operation' 
_pdbx_struct_oper_list.name                 1_555 
_pdbx_struct_oper_list.symmetry_operation   x,y,z 
_pdbx_struct_oper_list.matrix[1][1]         1.0000000000 
_pdbx_struct_oper_list.matrix[1][2]         0.0000000000 
_pdbx_struct_oper_list.matrix[1][3]         0.0000000000 
_pdbx_struct_oper_list.vector[1]            0.0000000000 
_pdbx_struct_oper_list.matrix[2][1]         0.0000000000 
_pdbx_struct_oper_list.matrix[2][2]         1.0000000000 
_pdbx_struct_oper_list.matrix[2][3]         0.0000000000 
_pdbx_struct_oper_list.vector[2]            0.0000000000 
_pdbx_struct_oper_list.matrix[3][1]         0.0000000000 
_pdbx_struct_oper_list.matrix[3][2]         0.0000000000 
_pdbx_struct_oper_list.matrix[3][3]         1.0000000000 
_pdbx_struct_oper_list.vector[3]            0.0000000000 
# 
loop_
_struct_biol.id 
_struct_biol.pdbx_parent_biol_id 
_struct_biol.details 
1 ? ? 
2 ? ? 
# 
loop_
_struct_conf.conf_type_id 
_struct_conf.id 
_struct_conf.pdbx_PDB_helix_id 
_struct_conf.beg_label_comp_id 
_struct_conf.beg_label_asym_id 
_struct_conf.beg_label_seq_id 
_struct_conf.pdbx_beg_PDB_ins_code 
_struct_conf.end_label_comp_id 
_struct_conf.end_label_asym_id 
_struct_conf.end_label_seq_id 
_struct_conf.pdbx_end_PDB_ins_code 
_struct_conf.beg_auth_comp_id 
_struct_conf.beg_auth_asym_id 
_struct_conf.beg_auth_seq_id 
_struct_conf.end_auth_comp_id 
_struct_conf.end_auth_asym_id 
_struct_conf.end_auth_seq_id 
_struct_conf.pdbx_PDB_helix_class 
_struct_conf.details 
_struct_conf.pdbx_PDB_helix_length 
HELX_P HELX_P1 1 GLY A 44 ? GLY A 50 ? GLY A 357 GLY A 363 1 ? 7  
HELX_P HELX_P2 2 THR A 70 ? ASN A 80 ? THR A 383 ASN A 393 1 ? 11 
HELX_P HELX_P3 3 GLY B 44 ? GLY B 50 ? GLY B 357 GLY B 363 1 ? 7  
HELX_P HELX_P4 4 THR B 70 ? ASN B 80 ? THR B 383 ASN B 393 1 ? 11 
# 
_struct_conf_type.id          HELX_P 
_struct_conf_type.criteria    ? 
_struct_conf_type.reference   ? 
# 
_struct_conn.id                            covale1 
_struct_conn.conn_type_id                  covale 
_struct_conn.pdbx_leaving_atom_flag        both 
_struct_conn.pdbx_PDB_id                   ? 
_struct_conn.ptnr1_label_asym_id           C 
_struct_conn.ptnr1_label_comp_id           HIS 
_struct_conn.ptnr1_label_seq_id            . 
_struct_conn.ptnr1_label_atom_id           C 
_struct_conn.pdbx_ptnr1_label_alt_id       ? 
_struct_conn.pdbx_ptnr1_PDB_ins_code       ? 
_struct_conn.pdbx_ptnr1_standard_comp_id   ? 
_struct_conn.ptnr1_symmetry                1_555 
_struct_conn.ptnr2_label_asym_id           D 
_struct_conn.ptnr2_label_comp_id           HIS 
_struct_conn.ptnr2_label_seq_id            . 
_struct_conn.ptnr2_label_atom_id           N 
_struct_conn.pdbx_ptnr2_label_alt_id       ? 
_struct_conn.pdbx_ptnr2_PDB_ins_code       ? 
_struct_conn.ptnr1_auth_asym_id            B 
_struct_conn.ptnr1_auth_comp_id            HIS 
_struct_conn.ptnr1_auth_seq_id             3 
_struct_conn.ptnr2_auth_asym_id            B 
_struct_conn.ptnr2_auth_comp_id            HIS 
_struct_conn.ptnr2_auth_seq_id             4 
_struct_conn.ptnr2_symmetry                1_555 
_struct_conn.pdbx_ptnr3_label_atom_id      ? 
_struct_conn.pdbx_ptnr3_label_seq_id       ? 
_struct_conn.pdbx_ptnr3_label_comp_id      ? 
_struct_conn.pdbx_ptnr3_label_asym_id      ? 
_struct_conn.pdbx_ptnr3_label_alt_id       ? 
_struct_conn.pdbx_ptnr3_PDB_ins_code       ? 
_struct_conn.details                       ? 
_struct_conn.pdbx_dist_value               1.329 
_struct_conn.pdbx_value_order              ? 
_struct_conn.pdbx_role                     ? 
# 
_struct_conn_type.id          covale 
_struct_conn_type.criteria    ? 
_struct_conn_type.reference   ? 
# 
loop_
_struct_sheet.id 
_struct_sheet.type 
_struct_sheet.number_strands 
_struct_sheet.details 
A ? 5 ? 
B ? 4 ? 
C ? 5 ? 
D ? 4 ? 
# 
loop_
_struct_sheet_order.sheet_id 
_struct_sheet_order.range_id_1 
_struct_sheet_order.range_id_2 
_struct_sheet_order.offset 
_struct_sheet_order.sense 
A 1 2 ? anti-parallel 
A 2 3 ? anti-parallel 
A 3 4 ? anti-parallel 
A 4 5 ? anti-parallel 
B 1 2 ? anti-parallel 
B 2 3 ? anti-parallel 
B 3 4 ? anti-parallel 
C 1 2 ? anti-parallel 
C 2 3 ? anti-parallel 
C 3 4 ? anti-parallel 
C 4 5 ? anti-parallel 
D 1 2 ? anti-parallel 
D 2 3 ? anti-parallel 
D 3 4 ? anti-parallel 
# 
loop_
_struct_sheet_range.sheet_id 
_struct_sheet_range.id 
_struct_sheet_range.beg_label_comp_id 
_struct_sheet_range.beg_label_asym_id 
_struct_sheet_range.beg_label_seq_id 
_struct_sheet_range.pdbx_beg_PDB_ins_code 
_struct_sheet_range.end_label_comp_id 
_struct_sheet_range.end_label_asym_id 
_struct_sheet_range.end_label_seq_id 
_struct_sheet_range.pdbx_end_PDB_ins_code 
_struct_sheet_range.beg_auth_comp_id 
_struct_sheet_range.beg_auth_asym_id 
_struct_sheet_range.beg_auth_seq_id 
_struct_sheet_range.end_auth_comp_id 
_struct_sheet_range.end_auth_asym_id 
_struct_sheet_range.end_auth_seq_id 
A 1 ILE A 4  ? ILE A 10 ? ILE A 317 ILE A 323 
A 2 PHE A 84 ? ALA A 90 ? PHE A 397 ALA A 403 
A 3 LYS A 57 ? VAL A 61 ? LYS A 370 VAL A 374 
A 4 ILE A 35 ? ILE A 40 ? ILE A 348 ILE A 353 
A 5 PHE A 18 ? GLY A 22 ? PHE A 331 GLY A 335 
B 1 ILE A 4  ? ILE A 10 ? ILE A 317 ILE A 323 
B 2 PHE A 84 ? ALA A 90 ? PHE A 397 ALA A 403 
B 3 LYS A 57 ? VAL A 61 ? LYS A 370 VAL A 374 
B 4 VAL A 64 ? SER A 65 ? VAL A 377 SER A 378 
C 1 MET B 5  ? ILE B 10 ? MET B 318 ILE B 323 
C 2 PHE B 84 ? ALA B 90 ? PHE B 397 ALA B 403 
C 3 LYS B 57 ? VAL B 61 ? LYS B 370 VAL B 374 
C 4 ILE B 35 ? ILE B 40 ? ILE B 348 ILE B 353 
C 5 PHE B 18 ? GLY B 22 ? PHE B 331 GLY B 335 
D 1 MET B 5  ? ILE B 10 ? MET B 318 ILE B 323 
D 2 PHE B 84 ? ALA B 90 ? PHE B 397 ALA B 403 
D 3 LYS B 57 ? VAL B 61 ? LYS B 370 VAL B 374 
D 4 VAL B 64 ? SER B 65 ? VAL B 377 SER B 378 
# 
loop_
_pdbx_struct_sheet_hbond.sheet_id 
_pdbx_struct_sheet_hbond.range_id_1 
_pdbx_struct_sheet_hbond.range_id_2 
_pdbx_struct_sheet_hbond.range_1_label_atom_id 
_pdbx_struct_sheet_hbond.range_1_label_comp_id 
_pdbx_struct_sheet_hbond.range_1_label_asym_id 
_pdbx_struct_sheet_hbond.range_1_label_seq_id 
_pdbx_struct_sheet_hbond.range_1_PDB_ins_code 
_pdbx_struct_sheet_hbond.range_1_auth_atom_id 
_pdbx_struct_sheet_hbond.range_1_auth_comp_id 
_pdbx_struct_sheet_hbond.range_1_auth_asym_id 
_pdbx_struct_sheet_hbond.range_1_auth_seq_id 
_pdbx_struct_sheet_hbond.range_2_label_atom_id 
_pdbx_struct_sheet_hbond.range_2_label_comp_id 
_pdbx_struct_sheet_hbond.range_2_label_asym_id 
_pdbx_struct_sheet_hbond.range_2_label_seq_id 
_pdbx_struct_sheet_hbond.range_2_PDB_ins_code 
_pdbx_struct_sheet_hbond.range_2_auth_atom_id 
_pdbx_struct_sheet_hbond.range_2_auth_comp_id 
_pdbx_struct_sheet_hbond.range_2_auth_asym_id 
_pdbx_struct_sheet_hbond.range_2_auth_seq_id 
A 1 2 N ILE A 7  ? N ILE A 320 O LEU A 87 ? O LEU A 400 
A 2 3 O LYS A 88 ? O LYS A 401 N LEU A 59 ? N LEU A 372 
A 3 4 O LEU A 58 ? O LEU A 371 N ILE A 35 ? N ILE A 348 
A 4 5 O THR A 38 ? O THR A 351 N SER A 19 ? N SER A 332 
B 1 2 N ILE A 7  ? N ILE A 320 O LEU A 87 ? O LEU A 400 
B 2 3 O LYS A 88 ? O LYS A 401 N LEU A 59 ? N LEU A 372 
B 3 4 N VAL A 61 ? N VAL A 374 O VAL A 64 ? O VAL A 377 
C 1 2 N MET B 5  ? N MET B 318 O VAL B 89 ? O VAL B 402 
C 2 3 O ALA B 90 ? O ALA B 403 N LYS B 57 ? N LYS B 370 
C 3 4 O LEU B 58 ? O LEU B 371 N ILE B 35 ? N ILE B 348 
C 4 5 O THR B 38 ? O THR B 351 N SER B 19 ? N SER B 332 
D 1 2 N MET B 5  ? N MET B 318 O VAL B 89 ? O VAL B 402 
D 2 3 O ALA B 90 ? O ALA B 403 N LYS B 57 ? N LYS B 370 
D 3 4 N VAL B 61 ? N VAL B 374 O VAL B 64 ? O VAL B 377 
# 
loop_
_struct_site.id 
_struct_site.pdbx_evidence_code 
_struct_site.pdbx_auth_asym_id 
_struct_site.pdbx_auth_comp_id 
_struct_site.pdbx_auth_seq_id 
_struct_site.pdbx_auth_ins_code 
_struct_site.pdbx_num_residues 
_struct_site.details 
AC1 Software B HIS 3 ? 5 'BINDING SITE FOR RESIDUE HIS B 3' 
AC2 Software B HIS 4 ? 9 'BINDING SITE FOR RESIDUE HIS B 4' 
# 
loop_
_struct_site_gen.id 
_struct_site_gen.site_id 
_struct_site_gen.pdbx_num_res 
_struct_site_gen.label_comp_id 
_struct_site_gen.label_asym_id 
_struct_site_gen.label_seq_id 
_struct_site_gen.pdbx_auth_ins_code 
_struct_site_gen.auth_comp_id 
_struct_site_gen.auth_asym_id 
_struct_site_gen.auth_seq_id 
_struct_site_gen.label_atom_id 
_struct_site_gen.label_alt_id 
_struct_site_gen.symmetry 
_struct_site_gen.details 
1  AC1 5 HIS D .  ? HIS B 4   . ? 1_555 ? 
2  AC1 5 LYS B 14 ? LYS B 327 . ? 1_555 ? 
3  AC1 5 PHE B 18 ? PHE B 331 . ? 1_555 ? 
4  AC1 5 SER B 19 ? SER B 332 . ? 1_555 ? 
5  AC1 5 ILE B 41 ? ILE B 354 . ? 1_555 ? 
6  AC2 9 HIS C .  ? HIS B 3   . ? 1_555 ? 
7  AC2 9 GLY B 15 ? GLY B 328 . ? 1_555 ? 
8  AC2 9 LEU B 16 ? LEU B 329 . ? 1_555 ? 
9  AC2 9 GLY B 17 ? GLY B 330 . ? 1_555 ? 
10 AC2 9 PHE B 18 ? PHE B 331 . ? 1_555 ? 
11 AC2 9 ILE B 20 ? ILE B 333 . ? 1_555 ? 
12 AC2 9 HOH F .  ? HOH B 445 . ? 1_555 ? 
13 AC2 9 HOH F .  ? HOH B 498 . ? 1_555 ? 
14 AC2 9 HOH F .  ? HOH B 521 . ? 1_555 ? 
# 
loop_
_pdbx_validate_torsion.id 
_pdbx_validate_torsion.PDB_model_num 
_pdbx_validate_torsion.auth_comp_id 
_pdbx_validate_torsion.auth_asym_id 
_pdbx_validate_torsion.auth_seq_id 
_pdbx_validate_torsion.PDB_ins_code 
_pdbx_validate_torsion.label_alt_id 
_pdbx_validate_torsion.phi 
_pdbx_validate_torsion.psi 
1 1 ASN A 339 ? ? -147.67 51.63   
2 1 ASN A 375 ? ? 45.18   -123.52 
3 1 LYS B 327 ? ? -99.51  30.33   
4 1 ASN B 339 ? ? -150.11 46.78   
5 1 ASN B 375 ? ? 44.53   -114.48 
6 1 SER B 395 ? ? -106.65 -145.29 
# 
_pdbx_phasing_MR.entry_id                     2AWX 
_pdbx_phasing_MR.method_rotation              ? 
_pdbx_phasing_MR.method_translation           ? 
_pdbx_phasing_MR.model_details                ? 
_pdbx_phasing_MR.R_factor                     0.468 
_pdbx_phasing_MR.R_rigid_body                 ? 
_pdbx_phasing_MR.correlation_coeff_Fo_to_Fc   0.436 
_pdbx_phasing_MR.correlation_coeff_Io_to_Ic   ? 
_pdbx_phasing_MR.d_res_high_rotation          3.000 
_pdbx_phasing_MR.d_res_low_rotation           19.740 
_pdbx_phasing_MR.d_res_high_translation       3.000 
_pdbx_phasing_MR.d_res_low_translation        19.740 
_pdbx_phasing_MR.packing                      ? 
_pdbx_phasing_MR.reflns_percent_rotation      ? 
_pdbx_phasing_MR.reflns_percent_translation   ? 
_pdbx_phasing_MR.sigma_F_rotation             ? 
_pdbx_phasing_MR.sigma_F_translation          ? 
_pdbx_phasing_MR.sigma_I_rotation             ? 
_pdbx_phasing_MR.sigma_I_translation          ? 
# 
_pdbx_entry_details.entry_id                 2AWX 
_pdbx_entry_details.nonpolymer_details       ? 
_pdbx_entry_details.sequence_details         
;THIS CONFLICT IS ESTABILISHED ERRORS IN THE SEQUENCE  
DATABASE. THE AUTHOR BELIEVE THAT THESE RESIDUES IN 
THIS ENTRY ARE CORRECT.
;
_pdbx_entry_details.compound_details         ? 
_pdbx_entry_details.source_details           ? 
_pdbx_entry_details.has_ligand_of_interest   ? 
# 
loop_
_pdbx_unobs_or_zero_occ_residues.id 
_pdbx_unobs_or_zero_occ_residues.PDB_model_num 
_pdbx_unobs_or_zero_occ_residues.polymer_flag 
_pdbx_unobs_or_zero_occ_residues.occupancy_flag 
_pdbx_unobs_or_zero_occ_residues.auth_asym_id 
_pdbx_unobs_or_zero_occ_residues.auth_comp_id 
_pdbx_unobs_or_zero_occ_residues.auth_seq_id 
_pdbx_unobs_or_zero_occ_residues.PDB_ins_code 
_pdbx_unobs_or_zero_occ_residues.label_asym_id 
_pdbx_unobs_or_zero_occ_residues.label_comp_id 
_pdbx_unobs_or_zero_occ_residues.label_seq_id 
1  1 Y 1 A MET 314 ? A MET 1   
2  1 Y 1 A GLU 315 ? A GLU 2   
3  1 Y 1 A MET 408 ? A MET 95  
4  1 Y 1 A TYR 409 ? A TYR 96  
5  1 Y 1 A ILE 410 ? A ILE 97  
6  1 Y 1 A SER 411 ? A SER 98  
7  1 Y 1 A ARG 412 ? A ARG 99  
8  1 Y 1 A HIS 413 ? A HIS 100 
9  1 Y 1 A HIS 414 ? A HIS 101 
10 1 Y 1 A HIS 415 ? A HIS 102 
11 1 Y 1 A HIS 416 ? A HIS 103 
12 1 Y 1 A HIS 417 ? A HIS 104 
13 1 Y 1 A HIS 418 ? A HIS 105 
14 1 Y 1 B MET 314 ? B MET 1   
15 1 Y 1 B GLU 315 ? B GLU 2   
16 1 Y 1 B LYS 316 ? B LYS 3   
17 1 Y 1 B THR 406 ? B THR 93  
18 1 Y 1 B SER 407 ? B SER 94  
19 1 Y 1 B MET 408 ? B MET 95  
20 1 Y 1 B TYR 409 ? B TYR 96  
21 1 Y 1 B ILE 410 ? B ILE 97  
22 1 Y 1 B SER 411 ? B SER 98  
23 1 Y 1 B ARG 412 ? B ARG 99  
24 1 Y 1 B HIS 413 ? B HIS 100 
25 1 Y 1 B HIS 414 ? B HIS 101 
26 1 Y 1 B HIS 415 ? B HIS 102 
27 1 Y 1 B HIS 416 ? B HIS 103 
28 1 Y 1 B HIS 417 ? B HIS 104 
29 1 Y 1 B HIS 418 ? B HIS 105 
# 
loop_
_chem_comp_atom.comp_id 
_chem_comp_atom.atom_id 
_chem_comp_atom.type_symbol 
_chem_comp_atom.pdbx_aromatic_flag 
_chem_comp_atom.pdbx_stereo_config 
_chem_comp_atom.pdbx_ordinal 
ALA N    N N N 1   
ALA CA   C N S 2   
ALA C    C N N 3   
ALA O    O N N 4   
ALA CB   C N N 5   
ALA OXT  O N N 6   
ALA H    H N N 7   
ALA H2   H N N 8   
ALA HA   H N N 9   
ALA HB1  H N N 10  
ALA HB2  H N N 11  
ALA HB3  H N N 12  
ALA HXT  H N N 13  
ARG N    N N N 14  
ARG CA   C N S 15  
ARG C    C N N 16  
ARG O    O N N 17  
ARG CB   C N N 18  
ARG CG   C N N 19  
ARG CD   C N N 20  
ARG NE   N N N 21  
ARG CZ   C N N 22  
ARG NH1  N N N 23  
ARG NH2  N N N 24  
ARG OXT  O N N 25  
ARG H    H N N 26  
ARG H2   H N N 27  
ARG HA   H N N 28  
ARG HB2  H N N 29  
ARG HB3  H N N 30  
ARG HG2  H N N 31  
ARG HG3  H N N 32  
ARG HD2  H N N 33  
ARG HD3  H N N 34  
ARG HE   H N N 35  
ARG HH11 H N N 36  
ARG HH12 H N N 37  
ARG HH21 H N N 38  
ARG HH22 H N N 39  
ARG HXT  H N N 40  
ASN N    N N N 41  
ASN CA   C N S 42  
ASN C    C N N 43  
ASN O    O N N 44  
ASN CB   C N N 45  
ASN CG   C N N 46  
ASN OD1  O N N 47  
ASN ND2  N N N 48  
ASN OXT  O N N 49  
ASN H    H N N 50  
ASN H2   H N N 51  
ASN HA   H N N 52  
ASN HB2  H N N 53  
ASN HB3  H N N 54  
ASN HD21 H N N 55  
ASN HD22 H N N 56  
ASN HXT  H N N 57  
ASP N    N N N 58  
ASP CA   C N S 59  
ASP C    C N N 60  
ASP O    O N N 61  
ASP CB   C N N 62  
ASP CG   C N N 63  
ASP OD1  O N N 64  
ASP OD2  O N N 65  
ASP OXT  O N N 66  
ASP H    H N N 67  
ASP H2   H N N 68  
ASP HA   H N N 69  
ASP HB2  H N N 70  
ASP HB3  H N N 71  
ASP HD2  H N N 72  
ASP HXT  H N N 73  
CYS N    N N N 74  
CYS CA   C N R 75  
CYS C    C N N 76  
CYS O    O N N 77  
CYS CB   C N N 78  
CYS SG   S N N 79  
CYS OXT  O N N 80  
CYS H    H N N 81  
CYS H2   H N N 82  
CYS HA   H N N 83  
CYS HB2  H N N 84  
CYS HB3  H N N 85  
CYS HG   H N N 86  
CYS HXT  H N N 87  
GLN N    N N N 88  
GLN CA   C N S 89  
GLN C    C N N 90  
GLN O    O N N 91  
GLN CB   C N N 92  
GLN CG   C N N 93  
GLN CD   C N N 94  
GLN OE1  O N N 95  
GLN NE2  N N N 96  
GLN OXT  O N N 97  
GLN H    H N N 98  
GLN H2   H N N 99  
GLN HA   H N N 100 
GLN HB2  H N N 101 
GLN HB3  H N N 102 
GLN HG2  H N N 103 
GLN HG3  H N N 104 
GLN HE21 H N N 105 
GLN HE22 H N N 106 
GLN HXT  H N N 107 
GLU N    N N N 108 
GLU CA   C N S 109 
GLU C    C N N 110 
GLU O    O N N 111 
GLU CB   C N N 112 
GLU CG   C N N 113 
GLU CD   C N N 114 
GLU OE1  O N N 115 
GLU OE2  O N N 116 
GLU OXT  O N N 117 
GLU H    H N N 118 
GLU H2   H N N 119 
GLU HA   H N N 120 
GLU HB2  H N N 121 
GLU HB3  H N N 122 
GLU HG2  H N N 123 
GLU HG3  H N N 124 
GLU HE2  H N N 125 
GLU HXT  H N N 126 
GLY N    N N N 127 
GLY CA   C N N 128 
GLY C    C N N 129 
GLY O    O N N 130 
GLY OXT  O N N 131 
GLY H    H N N 132 
GLY H2   H N N 133 
GLY HA2  H N N 134 
GLY HA3  H N N 135 
GLY HXT  H N N 136 
HIS N    N N N 137 
HIS CA   C N S 138 
HIS C    C N N 139 
HIS O    O N N 140 
HIS CB   C N N 141 
HIS CG   C Y N 142 
HIS ND1  N Y N 143 
HIS CD2  C Y N 144 
HIS CE1  C Y N 145 
HIS NE2  N Y N 146 
HIS OXT  O N N 147 
HIS H    H N N 148 
HIS H2   H N N 149 
HIS HA   H N N 150 
HIS HB2  H N N 151 
HIS HB3  H N N 152 
HIS HD1  H N N 153 
HIS HD2  H N N 154 
HIS HE1  H N N 155 
HIS HE2  H N N 156 
HIS HXT  H N N 157 
HOH O    O N N 158 
HOH H1   H N N 159 
HOH H2   H N N 160 
ILE N    N N N 161 
ILE CA   C N S 162 
ILE C    C N N 163 
ILE O    O N N 164 
ILE CB   C N S 165 
ILE CG1  C N N 166 
ILE CG2  C N N 167 
ILE CD1  C N N 168 
ILE OXT  O N N 169 
ILE H    H N N 170 
ILE H2   H N N 171 
ILE HA   H N N 172 
ILE HB   H N N 173 
ILE HG12 H N N 174 
ILE HG13 H N N 175 
ILE HG21 H N N 176 
ILE HG22 H N N 177 
ILE HG23 H N N 178 
ILE HD11 H N N 179 
ILE HD12 H N N 180 
ILE HD13 H N N 181 
ILE HXT  H N N 182 
LEU N    N N N 183 
LEU CA   C N S 184 
LEU C    C N N 185 
LEU O    O N N 186 
LEU CB   C N N 187 
LEU CG   C N N 188 
LEU CD1  C N N 189 
LEU CD2  C N N 190 
LEU OXT  O N N 191 
LEU H    H N N 192 
LEU H2   H N N 193 
LEU HA   H N N 194 
LEU HB2  H N N 195 
LEU HB3  H N N 196 
LEU HG   H N N 197 
LEU HD11 H N N 198 
LEU HD12 H N N 199 
LEU HD13 H N N 200 
LEU HD21 H N N 201 
LEU HD22 H N N 202 
LEU HD23 H N N 203 
LEU HXT  H N N 204 
LYS N    N N N 205 
LYS CA   C N S 206 
LYS C    C N N 207 
LYS O    O N N 208 
LYS CB   C N N 209 
LYS CG   C N N 210 
LYS CD   C N N 211 
LYS CE   C N N 212 
LYS NZ   N N N 213 
LYS OXT  O N N 214 
LYS H    H N N 215 
LYS H2   H N N 216 
LYS HA   H N N 217 
LYS HB2  H N N 218 
LYS HB3  H N N 219 
LYS HG2  H N N 220 
LYS HG3  H N N 221 
LYS HD2  H N N 222 
LYS HD3  H N N 223 
LYS HE2  H N N 224 
LYS HE3  H N N 225 
LYS HZ1  H N N 226 
LYS HZ2  H N N 227 
LYS HZ3  H N N 228 
LYS HXT  H N N 229 
MET N    N N N 230 
MET CA   C N S 231 
MET C    C N N 232 
MET O    O N N 233 
MET CB   C N N 234 
MET CG   C N N 235 
MET SD   S N N 236 
MET CE   C N N 237 
MET OXT  O N N 238 
MET H    H N N 239 
MET H2   H N N 240 
MET HA   H N N 241 
MET HB2  H N N 242 
MET HB3  H N N 243 
MET HG2  H N N 244 
MET HG3  H N N 245 
MET HE1  H N N 246 
MET HE2  H N N 247 
MET HE3  H N N 248 
MET HXT  H N N 249 
PHE N    N N N 250 
PHE CA   C N S 251 
PHE C    C N N 252 
PHE O    O N N 253 
PHE CB   C N N 254 
PHE CG   C Y N 255 
PHE CD1  C Y N 256 
PHE CD2  C Y N 257 
PHE CE1  C Y N 258 
PHE CE2  C Y N 259 
PHE CZ   C Y N 260 
PHE OXT  O N N 261 
PHE H    H N N 262 
PHE H2   H N N 263 
PHE HA   H N N 264 
PHE HB2  H N N 265 
PHE HB3  H N N 266 
PHE HD1  H N N 267 
PHE HD2  H N N 268 
PHE HE1  H N N 269 
PHE HE2  H N N 270 
PHE HZ   H N N 271 
PHE HXT  H N N 272 
PRO N    N N N 273 
PRO CA   C N S 274 
PRO C    C N N 275 
PRO O    O N N 276 
PRO CB   C N N 277 
PRO CG   C N N 278 
PRO CD   C N N 279 
PRO OXT  O N N 280 
PRO H    H N N 281 
PRO HA   H N N 282 
PRO HB2  H N N 283 
PRO HB3  H N N 284 
PRO HG2  H N N 285 
PRO HG3  H N N 286 
PRO HD2  H N N 287 
PRO HD3  H N N 288 
PRO HXT  H N N 289 
SER N    N N N 290 
SER CA   C N S 291 
SER C    C N N 292 
SER O    O N N 293 
SER CB   C N N 294 
SER OG   O N N 295 
SER OXT  O N N 296 
SER H    H N N 297 
SER H2   H N N 298 
SER HA   H N N 299 
SER HB2  H N N 300 
SER HB3  H N N 301 
SER HG   H N N 302 
SER HXT  H N N 303 
THR N    N N N 304 
THR CA   C N S 305 
THR C    C N N 306 
THR O    O N N 307 
THR CB   C N R 308 
THR OG1  O N N 309 
THR CG2  C N N 310 
THR OXT  O N N 311 
THR H    H N N 312 
THR H2   H N N 313 
THR HA   H N N 314 
THR HB   H N N 315 
THR HG1  H N N 316 
THR HG21 H N N 317 
THR HG22 H N N 318 
THR HG23 H N N 319 
THR HXT  H N N 320 
TYR N    N N N 321 
TYR CA   C N S 322 
TYR C    C N N 323 
TYR O    O N N 324 
TYR CB   C N N 325 
TYR CG   C Y N 326 
TYR CD1  C Y N 327 
TYR CD2  C Y N 328 
TYR CE1  C Y N 329 
TYR CE2  C Y N 330 
TYR CZ   C Y N 331 
TYR OH   O N N 332 
TYR OXT  O N N 333 
TYR H    H N N 334 
TYR H2   H N N 335 
TYR HA   H N N 336 
TYR HB2  H N N 337 
TYR HB3  H N N 338 
TYR HD1  H N N 339 
TYR HD2  H N N 340 
TYR HE1  H N N 341 
TYR HE2  H N N 342 
TYR HH   H N N 343 
TYR HXT  H N N 344 
VAL N    N N N 345 
VAL CA   C N S 346 
VAL C    C N N 347 
VAL O    O N N 348 
VAL CB   C N N 349 
VAL CG1  C N N 350 
VAL CG2  C N N 351 
VAL OXT  O N N 352 
VAL H    H N N 353 
VAL H2   H N N 354 
VAL HA   H N N 355 
VAL HB   H N N 356 
VAL HG11 H N N 357 
VAL HG12 H N N 358 
VAL HG13 H N N 359 
VAL HG21 H N N 360 
VAL HG22 H N N 361 
VAL HG23 H N N 362 
VAL HXT  H N N 363 
# 
loop_
_chem_comp_bond.comp_id 
_chem_comp_bond.atom_id_1 
_chem_comp_bond.atom_id_2 
_chem_comp_bond.value_order 
_chem_comp_bond.pdbx_aromatic_flag 
_chem_comp_bond.pdbx_stereo_config 
_chem_comp_bond.pdbx_ordinal 
ALA N   CA   sing N N 1   
ALA N   H    sing N N 2   
ALA N   H2   sing N N 3   
ALA CA  C    sing N N 4   
ALA CA  CB   sing N N 5   
ALA CA  HA   sing N N 6   
ALA C   O    doub N N 7   
ALA C   OXT  sing N N 8   
ALA CB  HB1  sing N N 9   
ALA CB  HB2  sing N N 10  
ALA CB  HB3  sing N N 11  
ALA OXT HXT  sing N N 12  
ARG N   CA   sing N N 13  
ARG N   H    sing N N 14  
ARG N   H2   sing N N 15  
ARG CA  C    sing N N 16  
ARG CA  CB   sing N N 17  
ARG CA  HA   sing N N 18  
ARG C   O    doub N N 19  
ARG C   OXT  sing N N 20  
ARG CB  CG   sing N N 21  
ARG CB  HB2  sing N N 22  
ARG CB  HB3  sing N N 23  
ARG CG  CD   sing N N 24  
ARG CG  HG2  sing N N 25  
ARG CG  HG3  sing N N 26  
ARG CD  NE   sing N N 27  
ARG CD  HD2  sing N N 28  
ARG CD  HD3  sing N N 29  
ARG NE  CZ   sing N N 30  
ARG NE  HE   sing N N 31  
ARG CZ  NH1  sing N N 32  
ARG CZ  NH2  doub N N 33  
ARG NH1 HH11 sing N N 34  
ARG NH1 HH12 sing N N 35  
ARG NH2 HH21 sing N N 36  
ARG NH2 HH22 sing N N 37  
ARG OXT HXT  sing N N 38  
ASN N   CA   sing N N 39  
ASN N   H    sing N N 40  
ASN N   H2   sing N N 41  
ASN CA  C    sing N N 42  
ASN CA  CB   sing N N 43  
ASN CA  HA   sing N N 44  
ASN C   O    doub N N 45  
ASN C   OXT  sing N N 46  
ASN CB  CG   sing N N 47  
ASN CB  HB2  sing N N 48  
ASN CB  HB3  sing N N 49  
ASN CG  OD1  doub N N 50  
ASN CG  ND2  sing N N 51  
ASN ND2 HD21 sing N N 52  
ASN ND2 HD22 sing N N 53  
ASN OXT HXT  sing N N 54  
ASP N   CA   sing N N 55  
ASP N   H    sing N N 56  
ASP N   H2   sing N N 57  
ASP CA  C    sing N N 58  
ASP CA  CB   sing N N 59  
ASP CA  HA   sing N N 60  
ASP C   O    doub N N 61  
ASP C   OXT  sing N N 62  
ASP CB  CG   sing N N 63  
ASP CB  HB2  sing N N 64  
ASP CB  HB3  sing N N 65  
ASP CG  OD1  doub N N 66  
ASP CG  OD2  sing N N 67  
ASP OD2 HD2  sing N N 68  
ASP OXT HXT  sing N N 69  
CYS N   CA   sing N N 70  
CYS N   H    sing N N 71  
CYS N   H2   sing N N 72  
CYS CA  C    sing N N 73  
CYS CA  CB   sing N N 74  
CYS CA  HA   sing N N 75  
CYS C   O    doub N N 76  
CYS C   OXT  sing N N 77  
CYS CB  SG   sing N N 78  
CYS CB  HB2  sing N N 79  
CYS CB  HB3  sing N N 80  
CYS SG  HG   sing N N 81  
CYS OXT HXT  sing N N 82  
GLN N   CA   sing N N 83  
GLN N   H    sing N N 84  
GLN N   H2   sing N N 85  
GLN CA  C    sing N N 86  
GLN CA  CB   sing N N 87  
GLN CA  HA   sing N N 88  
GLN C   O    doub N N 89  
GLN C   OXT  sing N N 90  
GLN CB  CG   sing N N 91  
GLN CB  HB2  sing N N 92  
GLN CB  HB3  sing N N 93  
GLN CG  CD   sing N N 94  
GLN CG  HG2  sing N N 95  
GLN CG  HG3  sing N N 96  
GLN CD  OE1  doub N N 97  
GLN CD  NE2  sing N N 98  
GLN NE2 HE21 sing N N 99  
GLN NE2 HE22 sing N N 100 
GLN OXT HXT  sing N N 101 
GLU N   CA   sing N N 102 
GLU N   H    sing N N 103 
GLU N   H2   sing N N 104 
GLU CA  C    sing N N 105 
GLU CA  CB   sing N N 106 
GLU CA  HA   sing N N 107 
GLU C   O    doub N N 108 
GLU C   OXT  sing N N 109 
GLU CB  CG   sing N N 110 
GLU CB  HB2  sing N N 111 
GLU CB  HB3  sing N N 112 
GLU CG  CD   sing N N 113 
GLU CG  HG2  sing N N 114 
GLU CG  HG3  sing N N 115 
GLU CD  OE1  doub N N 116 
GLU CD  OE2  sing N N 117 
GLU OE2 HE2  sing N N 118 
GLU OXT HXT  sing N N 119 
GLY N   CA   sing N N 120 
GLY N   H    sing N N 121 
GLY N   H2   sing N N 122 
GLY CA  C    sing N N 123 
GLY CA  HA2  sing N N 124 
GLY CA  HA3  sing N N 125 
GLY C   O    doub N N 126 
GLY C   OXT  sing N N 127 
GLY OXT HXT  sing N N 128 
HIS N   CA   sing N N 129 
HIS N   H    sing N N 130 
HIS N   H2   sing N N 131 
HIS CA  C    sing N N 132 
HIS CA  CB   sing N N 133 
HIS CA  HA   sing N N 134 
HIS C   O    doub N N 135 
HIS C   OXT  sing N N 136 
HIS CB  CG   sing N N 137 
HIS CB  HB2  sing N N 138 
HIS CB  HB3  sing N N 139 
HIS CG  ND1  sing Y N 140 
HIS CG  CD2  doub Y N 141 
HIS ND1 CE1  doub Y N 142 
HIS ND1 HD1  sing N N 143 
HIS CD2 NE2  sing Y N 144 
HIS CD2 HD2  sing N N 145 
HIS CE1 NE2  sing Y N 146 
HIS CE1 HE1  sing N N 147 
HIS NE2 HE2  sing N N 148 
HIS OXT HXT  sing N N 149 
HOH O   H1   sing N N 150 
HOH O   H2   sing N N 151 
ILE N   CA   sing N N 152 
ILE N   H    sing N N 153 
ILE N   H2   sing N N 154 
ILE CA  C    sing N N 155 
ILE CA  CB   sing N N 156 
ILE CA  HA   sing N N 157 
ILE C   O    doub N N 158 
ILE C   OXT  sing N N 159 
ILE CB  CG1  sing N N 160 
ILE CB  CG2  sing N N 161 
ILE CB  HB   sing N N 162 
ILE CG1 CD1  sing N N 163 
ILE CG1 HG12 sing N N 164 
ILE CG1 HG13 sing N N 165 
ILE CG2 HG21 sing N N 166 
ILE CG2 HG22 sing N N 167 
ILE CG2 HG23 sing N N 168 
ILE CD1 HD11 sing N N 169 
ILE CD1 HD12 sing N N 170 
ILE CD1 HD13 sing N N 171 
ILE OXT HXT  sing N N 172 
LEU N   CA   sing N N 173 
LEU N   H    sing N N 174 
LEU N   H2   sing N N 175 
LEU CA  C    sing N N 176 
LEU CA  CB   sing N N 177 
LEU CA  HA   sing N N 178 
LEU C   O    doub N N 179 
LEU C   OXT  sing N N 180 
LEU CB  CG   sing N N 181 
LEU CB  HB2  sing N N 182 
LEU CB  HB3  sing N N 183 
LEU CG  CD1  sing N N 184 
LEU CG  CD2  sing N N 185 
LEU CG  HG   sing N N 186 
LEU CD1 HD11 sing N N 187 
LEU CD1 HD12 sing N N 188 
LEU CD1 HD13 sing N N 189 
LEU CD2 HD21 sing N N 190 
LEU CD2 HD22 sing N N 191 
LEU CD2 HD23 sing N N 192 
LEU OXT HXT  sing N N 193 
LYS N   CA   sing N N 194 
LYS N   H    sing N N 195 
LYS N   H2   sing N N 196 
LYS CA  C    sing N N 197 
LYS CA  CB   sing N N 198 
LYS CA  HA   sing N N 199 
LYS C   O    doub N N 200 
LYS C   OXT  sing N N 201 
LYS CB  CG   sing N N 202 
LYS CB  HB2  sing N N 203 
LYS CB  HB3  sing N N 204 
LYS CG  CD   sing N N 205 
LYS CG  HG2  sing N N 206 
LYS CG  HG3  sing N N 207 
LYS CD  CE   sing N N 208 
LYS CD  HD2  sing N N 209 
LYS CD  HD3  sing N N 210 
LYS CE  NZ   sing N N 211 
LYS CE  HE2  sing N N 212 
LYS CE  HE3  sing N N 213 
LYS NZ  HZ1  sing N N 214 
LYS NZ  HZ2  sing N N 215 
LYS NZ  HZ3  sing N N 216 
LYS OXT HXT  sing N N 217 
MET N   CA   sing N N 218 
MET N   H    sing N N 219 
MET N   H2   sing N N 220 
MET CA  C    sing N N 221 
MET CA  CB   sing N N 222 
MET CA  HA   sing N N 223 
MET C   O    doub N N 224 
MET C   OXT  sing N N 225 
MET CB  CG   sing N N 226 
MET CB  HB2  sing N N 227 
MET CB  HB3  sing N N 228 
MET CG  SD   sing N N 229 
MET CG  HG2  sing N N 230 
MET CG  HG3  sing N N 231 
MET SD  CE   sing N N 232 
MET CE  HE1  sing N N 233 
MET CE  HE2  sing N N 234 
MET CE  HE3  sing N N 235 
MET OXT HXT  sing N N 236 
PHE N   CA   sing N N 237 
PHE N   H    sing N N 238 
PHE N   H2   sing N N 239 
PHE CA  C    sing N N 240 
PHE CA  CB   sing N N 241 
PHE CA  HA   sing N N 242 
PHE C   O    doub N N 243 
PHE C   OXT  sing N N 244 
PHE CB  CG   sing N N 245 
PHE CB  HB2  sing N N 246 
PHE CB  HB3  sing N N 247 
PHE CG  CD1  doub Y N 248 
PHE CG  CD2  sing Y N 249 
PHE CD1 CE1  sing Y N 250 
PHE CD1 HD1  sing N N 251 
PHE CD2 CE2  doub Y N 252 
PHE CD2 HD2  sing N N 253 
PHE CE1 CZ   doub Y N 254 
PHE CE1 HE1  sing N N 255 
PHE CE2 CZ   sing Y N 256 
PHE CE2 HE2  sing N N 257 
PHE CZ  HZ   sing N N 258 
PHE OXT HXT  sing N N 259 
PRO N   CA   sing N N 260 
PRO N   CD   sing N N 261 
PRO N   H    sing N N 262 
PRO CA  C    sing N N 263 
PRO CA  CB   sing N N 264 
PRO CA  HA   sing N N 265 
PRO C   O    doub N N 266 
PRO C   OXT  sing N N 267 
PRO CB  CG   sing N N 268 
PRO CB  HB2  sing N N 269 
PRO CB  HB3  sing N N 270 
PRO CG  CD   sing N N 271 
PRO CG  HG2  sing N N 272 
PRO CG  HG3  sing N N 273 
PRO CD  HD2  sing N N 274 
PRO CD  HD3  sing N N 275 
PRO OXT HXT  sing N N 276 
SER N   CA   sing N N 277 
SER N   H    sing N N 278 
SER N   H2   sing N N 279 
SER CA  C    sing N N 280 
SER CA  CB   sing N N 281 
SER CA  HA   sing N N 282 
SER C   O    doub N N 283 
SER C   OXT  sing N N 284 
SER CB  OG   sing N N 285 
SER CB  HB2  sing N N 286 
SER CB  HB3  sing N N 287 
SER OG  HG   sing N N 288 
SER OXT HXT  sing N N 289 
THR N   CA   sing N N 290 
THR N   H    sing N N 291 
THR N   H2   sing N N 292 
THR CA  C    sing N N 293 
THR CA  CB   sing N N 294 
THR CA  HA   sing N N 295 
THR C   O    doub N N 296 
THR C   OXT  sing N N 297 
THR CB  OG1  sing N N 298 
THR CB  CG2  sing N N 299 
THR CB  HB   sing N N 300 
THR OG1 HG1  sing N N 301 
THR CG2 HG21 sing N N 302 
THR CG2 HG22 sing N N 303 
THR CG2 HG23 sing N N 304 
THR OXT HXT  sing N N 305 
TYR N   CA   sing N N 306 
TYR N   H    sing N N 307 
TYR N   H2   sing N N 308 
TYR CA  C    sing N N 309 
TYR CA  CB   sing N N 310 
TYR CA  HA   sing N N 311 
TYR C   O    doub N N 312 
TYR C   OXT  sing N N 313 
TYR CB  CG   sing N N 314 
TYR CB  HB2  sing N N 315 
TYR CB  HB3  sing N N 316 
TYR CG  CD1  doub Y N 317 
TYR CG  CD2  sing Y N 318 
TYR CD1 CE1  sing Y N 319 
TYR CD1 HD1  sing N N 320 
TYR CD2 CE2  doub Y N 321 
TYR CD2 HD2  sing N N 322 
TYR CE1 CZ   doub Y N 323 
TYR CE1 HE1  sing N N 324 
TYR CE2 CZ   sing Y N 325 
TYR CE2 HE2  sing N N 326 
TYR CZ  OH   sing N N 327 
TYR OH  HH   sing N N 328 
TYR OXT HXT  sing N N 329 
VAL N   CA   sing N N 330 
VAL N   H    sing N N 331 
VAL N   H2   sing N N 332 
VAL CA  C    sing N N 333 
VAL CA  CB   sing N N 334 
VAL CA  HA   sing N N 335 
VAL C   O    doub N N 336 
VAL C   OXT  sing N N 337 
VAL CB  CG1  sing N N 338 
VAL CB  CG2  sing N N 339 
VAL CB  HB   sing N N 340 
VAL CG1 HG11 sing N N 341 
VAL CG1 HG12 sing N N 342 
VAL CG1 HG13 sing N N 343 
VAL CG2 HG21 sing N N 344 
VAL CG2 HG22 sing N N 345 
VAL CG2 HG23 sing N N 346 
VAL OXT HXT  sing N N 347 
# 
_atom_sites.entry_id                    2AWX 
_atom_sites.fract_transf_matrix[1][1]   0.01690730 
_atom_sites.fract_transf_matrix[1][2]   0.00050978 
_atom_sites.fract_transf_matrix[1][3]   0.02685638 
_atom_sites.fract_transf_matrix[2][1]   -0.01524798 
_atom_sites.fract_transf_matrix[2][2]   0.00643010 
_atom_sites.fract_transf_matrix[2][3]   0.00947723 
_atom_sites.fract_transf_matrix[3][1]   -0.00296755 
_atom_sites.fract_transf_matrix[3][2]   -0.01771683 
_atom_sites.fract_transf_matrix[3][3]   0.00724599 
_atom_sites.fract_transf_vector[1]      0.340672 
_atom_sites.fract_transf_vector[2]      -0.004028 
_atom_sites.fract_transf_vector[3]      0.669288 
# 
loop_
_atom_type.symbol 
C 
N 
O 
S 
# 
loop_
_atom_site.group_PDB 
_atom_site.id 
_atom_site.type_symbol 
_atom_site.label_atom_id 
_atom_site.label_alt_id 
_atom_site.label_comp_id 
_atom_site.label_asym_id 
_atom_site.label_entity_id 
_atom_site.label_seq_id 
_atom_site.pdbx_PDB_ins_code 
_atom_site.Cartn_x 
_atom_site.Cartn_y 
_atom_site.Cartn_z 
_atom_site.occupancy 
_atom_site.B_iso_or_equiv 
_atom_site.pdbx_formal_charge 
_atom_site.auth_seq_id 
_atom_site.auth_comp_id 
_atom_site.auth_asym_id 
_atom_site.auth_atom_id 
_atom_site.pdbx_PDB_model_num 
ATOM   1    N N   . LYS A 1 3  ? -4.789  11.002  5.861   1.00 25.60 ? 316 LYS A N   1 
ATOM   2    C CA  . LYS A 1 3  ? -5.641  9.833   5.502   1.00 24.78 ? 316 LYS A CA  1 
ATOM   3    C C   . LYS A 1 3  ? -5.115  9.129   4.233   1.00 23.54 ? 316 LYS A C   1 
ATOM   4    O O   . LYS A 1 3  ? -5.250  9.638   3.119   1.00 23.26 ? 316 LYS A O   1 
ATOM   5    C CB  . LYS A 1 3  ? -7.096  10.269  5.302   1.00 25.34 ? 316 LYS A CB  1 
ATOM   6    N N   . ILE A 1 4  ? -4.529  7.954   4.438   1.00 22.79 ? 317 ILE A N   1 
ATOM   7    C CA  . ILE A 1 4  ? -3.978  7.109   3.379   1.00 21.29 ? 317 ILE A CA  1 
ATOM   8    C C   . ILE A 1 4  ? -5.047  6.118   2.908   1.00 21.34 ? 317 ILE A C   1 
ATOM   9    O O   . ILE A 1 4  ? -5.747  5.507   3.727   1.00 21.84 ? 317 ILE A O   1 
ATOM   10   C CB  . ILE A 1 4  ? -2.736  6.339   3.908   1.00 21.88 ? 317 ILE A CB  1 
ATOM   11   C CG1 . ILE A 1 4  ? -1.687  7.324   4.452   1.00 22.65 ? 317 ILE A CG1 1 
ATOM   12   C CG2 . ILE A 1 4  ? -2.159  5.413   2.847   1.00 20.91 ? 317 ILE A CG2 1 
ATOM   13   N N   . MET A 1 5  ? -5.221  5.992   1.593   1.00 19.63 ? 318 MET A N   1 
ATOM   14   C CA  . MET A 1 5  ? -6.051  4.906   1.080   1.00 19.29 ? 318 MET A CA  1 
ATOM   15   C C   . MET A 1 5  ? -5.489  4.275   -0.169  1.00 17.21 ? 318 MET A C   1 
ATOM   16   O O   . MET A 1 5  ? -4.690  4.889   -0.884  1.00 16.39 ? 318 MET A O   1 
ATOM   17   C CB  . MET A 1 5  ? -7.511  5.328   0.863   1.00 19.31 ? 318 MET A CB  1 
ATOM   18   C CG  . MET A 1 5  ? -7.782  6.260   -0.302  1.00 20.62 ? 318 MET A CG  1 
ATOM   19   S SD  . MET A 1 5  ? -9.572  6.404   -0.678  1.00 23.03 ? 318 MET A SD  1 
ATOM   20   C CE  . MET A 1 5  ? -10.220 7.090   0.842   1.00 24.11 ? 318 MET A CE  1 
ATOM   21   N N   . GLU A 1 6  ? -5.917  3.041   -0.408  1.00 15.06 ? 319 GLU A N   1 
ATOM   22   C CA  . GLU A 1 6  ? -5.521  2.295   -1.590  1.00 13.68 ? 319 GLU A CA  1 
ATOM   23   C C   . GLU A 1 6  ? -6.702  2.190   -2.551  1.00 12.56 ? 319 GLU A C   1 
ATOM   24   O O   . GLU A 1 6  ? -7.785  1.693   -2.208  1.00 13.27 ? 319 GLU A O   1 
ATOM   25   C CB  . GLU A 1 6  ? -5.026  0.898   -1.221  1.00 14.35 ? 319 GLU A CB  1 
ATOM   26   C CG  . GLU A 1 6  ? -4.430  0.154   -2.396  1.00 13.93 ? 319 GLU A CG  1 
ATOM   27   C CD  . GLU A 1 6  ? -3.850  -1.165  -1.960  1.00 17.43 ? 319 GLU A CD  1 
ATOM   28   O OE1 . GLU A 1 6  ? -2.612  -1.254  -1.874  1.00 18.26 ? 319 GLU A OE1 1 
ATOM   29   O OE2 . GLU A 1 6  ? -4.637  -2.080  -1.638  1.00 18.49 ? 319 GLU A OE2 1 
ATOM   30   N N   . ILE A 1 7  ? -6.471  2.664   -3.757  1.00 11.92 ? 320 ILE A N   1 
ATOM   31   C CA  . ILE A 1 7  ? -7.487  2.672   -4.799  1.00 11.18 ? 320 ILE A CA  1 
ATOM   32   C C   . ILE A 1 7  ? -7.159  1.604   -5.853  1.00 12.25 ? 320 ILE A C   1 
ATOM   33   O O   . ILE A 1 7  ? -6.029  1.539   -6.341  1.00 11.47 ? 320 ILE A O   1 
ATOM   34   C CB  . ILE A 1 7  ? -7.563  4.085   -5.433  1.00 11.56 ? 320 ILE A CB  1 
ATOM   35   C CG1 . ILE A 1 7  ? -7.930  5.145   -4.367  1.00 10.70 ? 320 ILE A CG1 1 
ATOM   36   C CG2 . ILE A 1 7  ? -8.518  4.091   -6.612  1.00 9.53  ? 320 ILE A CG2 1 
ATOM   37   C CD1 . ILE A 1 7  ? -7.867  6.578   -4.906  1.00 11.42 ? 320 ILE A CD1 1 
ATOM   38   N N   . LYS A 1 8  ? -8.145  0.761   -6.176  1.00 12.46 ? 321 LYS A N   1 
ATOM   39   C CA  . LYS A 1 8  ? -7.989  -0.267  -7.208  1.00 13.71 ? 321 LYS A CA  1 
ATOM   40   C C   . LYS A 1 8  ? -8.553  0.243   -8.523  1.00 13.47 ? 321 LYS A C   1 
ATOM   41   O O   . LYS A 1 8  ? -9.726  0.610   -8.590  1.00 12.63 ? 321 LYS A O   1 
ATOM   42   C CB  . LYS A 1 8  ? -8.680  -1.573  -6.802  1.00 13.74 ? 321 LYS A CB  1 
ATOM   43   C CG  . LYS A 1 8  ? -8.030  -2.260  -5.593  1.00 14.14 ? 321 LYS A CG  1 
ATOM   44   C CD  . LYS A 1 8  ? -8.689  -3.598  -5.237  1.00 17.27 ? 321 LYS A CD  1 
ATOM   45   C CE  . LYS A 1 8  ? -10.078 -3.429  -4.642  1.00 21.82 ? 321 LYS A CE  1 
ATOM   46   N NZ  . LYS A 1 8  ? -10.476 -4.625  -3.813  1.00 25.69 ? 321 LYS A NZ  1 
ATOM   47   N N   . LEU A 1 9  ? -7.701  0.268   -9.548  1.00 12.66 ? 322 LEU A N   1 
ATOM   48   C CA  . LEU A 1 9  ? -8.083  0.759   -10.876 1.00 13.54 ? 322 LEU A CA  1 
ATOM   49   C C   . LEU A 1 9  ? -7.692  -0.229  -11.952 1.00 14.07 ? 322 LEU A C   1 
ATOM   50   O O   . LEU A 1 9  ? -6.653  -0.868  -11.859 1.00 13.81 ? 322 LEU A O   1 
ATOM   51   C CB  . LEU A 1 9  ? -7.421  2.114   -11.169 1.00 14.03 ? 322 LEU A CB  1 
ATOM   52   C CG  . LEU A 1 9  ? -7.731  3.292   -10.244 1.00 12.54 ? 322 LEU A CG  1 
ATOM   53   C CD1 . LEU A 1 9  ? -6.835  4.492   -10.654 1.00 13.82 ? 322 LEU A CD1 1 
ATOM   54   C CD2 . LEU A 1 9  ? -9.218  3.644   -10.248 1.00 16.00 ? 322 LEU A CD2 1 
ATOM   55   N N   . ILE A 1 10 ? -8.545  -0.372  -12.965 1.00 15.14 ? 323 ILE A N   1 
ATOM   56   C CA  . ILE A 1 10 ? -8.135  -1.034  -14.187 1.00 17.15 ? 323 ILE A CA  1 
ATOM   57   C C   . ILE A 1 10 ? -7.758  0.074   -15.166 1.00 18.34 ? 323 ILE A C   1 
ATOM   58   O O   . ILE A 1 10 ? -8.534  1.008   -15.389 1.00 18.72 ? 323 ILE A O   1 
ATOM   59   C CB  . ILE A 1 10 ? -9.248  -1.929  -14.786 1.00 17.81 ? 323 ILE A CB  1 
ATOM   60   C CG1 . ILE A 1 10 ? -9.671  -2.989  -13.761 1.00 16.71 ? 323 ILE A CG1 1 
ATOM   61   C CG2 . ILE A 1 10 ? -8.774  -2.554  -16.109 1.00 17.34 ? 323 ILE A CG2 1 
ATOM   62   C CD1 . ILE A 1 10 ? -10.888 -3.804  -14.205 1.00 18.05 ? 323 ILE A CD1 1 
ATOM   63   N N   . LYS A 1 11 ? -6.542  -0.024  -15.694 1.00 20.65 ? 324 LYS A N   1 
ATOM   64   C CA  . LYS A 1 11 ? -6.022  0.886   -16.696 1.00 22.64 ? 324 LYS A CA  1 
ATOM   65   C C   . LYS A 1 11 ? -6.883  0.788   -17.966 1.00 22.94 ? 324 LYS A C   1 
ATOM   66   O O   . LYS A 1 11 ? -7.083  -0.295  -18.501 1.00 23.25 ? 324 LYS A O   1 
ATOM   67   C CB  . LYS A 1 11 ? -4.574  0.486   -16.979 1.00 22.66 ? 324 LYS A CB  1 
ATOM   68   C CG  . LYS A 1 11 ? -3.822  1.348   -17.962 1.00 24.60 ? 324 LYS A CG  1 
ATOM   69   C CD  . LYS A 1 11 ? -2.400  0.847   -18.190 1.00 24.68 ? 324 LYS A CD  1 
ATOM   70   C CE  . LYS A 1 11 ? -2.270  -0.645  -18.478 1.00 26.07 ? 324 LYS A CE  1 
ATOM   71   N NZ  . LYS A 1 11 ? -3.256  -1.212  -19.444 1.00 30.69 ? 324 LYS A NZ  1 
ATOM   72   N N   . GLY A 1 12 ? -7.432  1.916   -18.402 1.00 23.38 ? 325 GLY A N   1 
ATOM   73   C CA  . GLY A 1 12 ? -8.236  1.953   -19.604 1.00 23.20 ? 325 GLY A CA  1 
ATOM   74   C C   . GLY A 1 12 ? -7.365  2.156   -20.825 1.00 23.43 ? 325 GLY A C   1 
ATOM   75   O O   . GLY A 1 12 ? -6.136  2.272   -20.701 1.00 23.05 ? 325 GLY A O   1 
ATOM   76   N N   . PRO A 1 13 ? -7.989  2.184   -22.023 1.00 23.89 ? 326 PRO A N   1 
ATOM   77   C CA  . PRO A 1 13 ? -7.198  2.416   -23.239 1.00 24.08 ? 326 PRO A CA  1 
ATOM   78   C C   . PRO A 1 13 ? -6.399  3.715   -23.146 1.00 24.05 ? 326 PRO A C   1 
ATOM   79   O O   . PRO A 1 13 ? -5.268  3.781   -23.617 1.00 24.42 ? 326 PRO A O   1 
ATOM   80   C CB  . PRO A 1 13 ? -8.254  2.506   -24.348 1.00 23.81 ? 326 PRO A CB  1 
ATOM   81   C CG  . PRO A 1 13 ? -9.550  2.662   -23.668 1.00 24.53 ? 326 PRO A CG  1 
ATOM   82   C CD  . PRO A 1 13 ? -9.418  2.000   -22.331 1.00 23.78 ? 326 PRO A CD  1 
ATOM   83   N N   . LYS A 1 14 ? -6.965  4.723   -22.495 1.00 23.84 ? 327 LYS A N   1 
ATOM   84   C CA  . LYS A 1 14 ? -6.286  5.997   -22.395 1.00 23.75 ? 327 LYS A CA  1 
ATOM   85   C C   . LYS A 1 14 ? -5.558  6.206   -21.068 1.00 22.93 ? 327 LYS A C   1 
ATOM   86   O O   . LYS A 1 14 ? -5.111  7.313   -20.770 1.00 23.36 ? 327 LYS A O   1 
ATOM   87   C CB  . LYS A 1 14 ? -7.275  7.130   -22.646 1.00 24.21 ? 327 LYS A CB  1 
ATOM   88   C CG  . LYS A 1 14 ? -6.638  8.323   -23.334 1.00 25.03 ? 327 LYS A CG  1 
ATOM   89   C CD  . LYS A 1 14 ? -7.687  9.369   -23.587 1.00 23.56 ? 327 LYS A CD  1 
ATOM   90   C CE  . LYS A 1 14 ? -7.074  10.599  -24.176 1.00 23.09 ? 327 LYS A CE  1 
ATOM   91   N NZ  . LYS A 1 14 ? -8.140  11.585  -24.418 1.00 25.71 ? 327 LYS A NZ  1 
ATOM   92   N N   . GLY A 1 15 ? -5.420  5.149   -20.275 1.00 21.63 ? 328 GLY A N   1 
ATOM   93   C CA  . GLY A 1 15 ? -4.652  5.248   -19.045 1.00 19.18 ? 328 GLY A CA  1 
ATOM   94   C C   . GLY A 1 15 ? -5.536  5.260   -17.812 1.00 18.65 ? 328 GLY A C   1 
ATOM   95   O O   . GLY A 1 15 ? -6.648  4.731   -17.815 1.00 18.08 ? 328 GLY A O   1 
ATOM   96   N N   . LEU A 1 16 ? -5.045  5.891   -16.756 1.00 17.84 ? 329 LEU A N   1 
ATOM   97   C CA  . LEU A 1 16 ? -5.754  5.838   -15.464 1.00 17.27 ? 329 LEU A CA  1 
ATOM   98   C C   . LEU A 1 16 ? -6.802  6.926   -15.347 1.00 16.32 ? 329 LEU A C   1 
ATOM   99   O O   . LEU A 1 16 ? -7.707  6.852   -14.508 1.00 15.95 ? 329 LEU A O   1 
ATOM   100  C CB  . LEU A 1 16 ? -4.762  5.906   -14.314 1.00 16.80 ? 329 LEU A CB  1 
ATOM   101  C CG  . LEU A 1 16 ? -3.870  4.673   -14.187 1.00 16.93 ? 329 LEU A CG  1 
ATOM   102  C CD1 . LEU A 1 16 ? -2.945  4.914   -13.002 1.00 15.21 ? 329 LEU A CD1 1 
ATOM   103  C CD2 . LEU A 1 16 ? -4.710  3.415   -14.002 1.00 15.71 ? 329 LEU A CD2 1 
ATOM   104  N N   . GLY A 1 17 ? -6.692  7.933   -16.211 1.00 15.47 ? 330 GLY A N   1 
ATOM   105  C CA  . GLY A 1 17 ? -7.702  8.973   -16.292 1.00 15.11 ? 330 GLY A CA  1 
ATOM   106  C C   . GLY A 1 17 ? -7.555  10.103  -15.289 1.00 14.89 ? 330 GLY A C   1 
ATOM   107  O O   . GLY A 1 17 ? -8.550  10.579  -14.741 1.00 14.94 ? 330 GLY A O   1 
ATOM   108  N N   . PHE A 1 18 ? -6.314  10.527  -15.023 1.00 13.92 ? 331 PHE A N   1 
ATOM   109  C CA  . PHE A 1 18 ? -6.113  11.738  -14.233 1.00 13.10 ? 331 PHE A CA  1 
ATOM   110  C C   . PHE A 1 18 ? -4.810  12.420  -14.624 1.00 13.19 ? 331 PHE A C   1 
ATOM   111  O O   . PHE A 1 18 ? -3.917  11.767  -15.185 1.00 12.50 ? 331 PHE A O   1 
ATOM   112  C CB  . PHE A 1 18 ? -6.191  11.447  -12.720 1.00 13.30 ? 331 PHE A CB  1 
ATOM   113  C CG  . PHE A 1 18 ? -5.156  10.481  -12.231 1.00 11.66 ? 331 PHE A CG  1 
ATOM   114  C CD1 . PHE A 1 18 ? -3.916  10.935  -11.808 1.00 12.87 ? 331 PHE A CD1 1 
ATOM   115  C CD2 . PHE A 1 18 ? -5.433  9.108   -12.174 1.00 11.60 ? 331 PHE A CD2 1 
ATOM   116  C CE1 . PHE A 1 18 ? -2.945  10.030  -11.350 1.00 8.90  ? 331 PHE A CE1 1 
ATOM   117  C CE2 . PHE A 1 18 ? -4.475  8.203   -11.717 1.00 12.00 ? 331 PHE A CE2 1 
ATOM   118  C CZ  . PHE A 1 18 ? -3.218  8.683   -11.292 1.00 11.21 ? 331 PHE A CZ  1 
ATOM   119  N N   . SER A 1 19 ? -4.710  13.719  -14.335 1.00 13.46 ? 332 SER A N   1 
ATOM   120  C CA  . SER A 1 19 ? -3.487  14.487  -14.586 1.00 15.01 ? 332 SER A CA  1 
ATOM   121  C C   . SER A 1 19 ? -2.739  14.782  -13.285 1.00 14.48 ? 332 SER A C   1 
ATOM   122  O O   . SER A 1 19 ? -3.347  14.849  -12.218 1.00 14.08 ? 332 SER A O   1 
ATOM   123  C CB  . SER A 1 19 ? -3.822  15.800  -15.314 1.00 15.84 ? 332 SER A CB  1 
ATOM   124  O OG  . SER A 1 19 ? -4.469  15.500  -16.531 1.00 18.47 ? 332 SER A OG  1 
ATOM   125  N N   . ILE A 1 20 ? -1.423  14.940  -13.381 1.00 14.47 ? 333 ILE A N   1 
ATOM   126  C CA  . ILE A 1 20 ? -0.603  15.218  -12.208 1.00 14.83 ? 333 ILE A CA  1 
ATOM   127  C C   . ILE A 1 20 ? 0.255   16.483  -12.342 1.00 15.43 ? 333 ILE A C   1 
ATOM   128  O O   . ILE A 1 20 ? 0.521   16.956  -13.454 1.00 15.29 ? 333 ILE A O   1 
ATOM   129  C CB  . ILE A 1 20 ? 0.273   14.019  -11.796 1.00 14.87 ? 333 ILE A CB  1 
ATOM   130  C CG1 . ILE A 1 20 ? 1.211   13.574  -12.941 1.00 14.36 ? 333 ILE A CG1 1 
ATOM   131  C CG2 . ILE A 1 20 ? -0.640  12.873  -11.319 1.00 15.24 ? 333 ILE A CG2 1 
ATOM   132  C CD1 . ILE A 1 20 ? 2.458   12.920  -12.475 1.00 12.56 ? 333 ILE A CD1 1 
ATOM   133  N N   . ALA A 1 21 ? 0.651   17.023  -11.197 1.00 14.58 ? 334 ALA A N   1 
ATOM   134  C CA  . ALA A 1 21 ? 1.673   18.061  -11.134 1.00 14.61 ? 334 ALA A CA  1 
ATOM   135  C C   . ALA A 1 21 ? 2.623   17.702  -10.011 1.00 14.75 ? 334 ALA A C   1 
ATOM   136  O O   . ALA A 1 21 ? 2.379   16.742  -9.264  1.00 15.18 ? 334 ALA A O   1 
ATOM   137  C CB  . ALA A 1 21 ? 1.049   19.430  -10.902 1.00 14.79 ? 334 ALA A CB  1 
ATOM   138  N N   . GLY A 1 22 ? 3.722   18.436  -9.898  1.00 14.34 ? 335 GLY A N   1 
ATOM   139  C CA  . GLY A 1 22 ? 4.634   18.233  -8.772  1.00 14.01 ? 335 GLY A CA  1 
ATOM   140  C C   . GLY A 1 22 ? 5.865   17.440  -9.155  1.00 13.84 ? 335 GLY A C   1 
ATOM   141  O O   . GLY A 1 22 ? 6.089   17.156  -10.337 1.00 13.80 ? 335 GLY A O   1 
ATOM   142  N N   . GLY A 1 23 ? 6.677   17.112  -8.161  1.00 13.28 ? 336 GLY A N   1 
ATOM   143  C CA  . GLY A 1 23 ? 7.941   16.438  -8.393  1.00 13.49 ? 336 GLY A CA  1 
ATOM   144  C C   . GLY A 1 23 ? 9.123   17.255  -7.943  1.00 12.77 ? 336 GLY A C   1 
ATOM   145  O O   . GLY A 1 23 ? 9.071   18.490  -7.884  1.00 11.98 ? 336 GLY A O   1 
ATOM   146  N N   . VAL A 1 24 ? 10.177  16.545  -7.600  1.00 12.86 ? 337 VAL A N   1 
ATOM   147  C CA  . VAL A 1 24 ? 11.487  17.129  -7.282  1.00 13.27 ? 337 VAL A CA  1 
ATOM   148  C C   . VAL A 1 24 ? 11.918  18.016  -8.451  1.00 13.38 ? 337 VAL A C   1 
ATOM   149  O O   . VAL A 1 24 ? 11.918  17.571  -9.610  1.00 13.69 ? 337 VAL A O   1 
ATOM   150  C CB  . VAL A 1 24 ? 12.510  16.006  -7.091  1.00 13.54 ? 337 VAL A CB  1 
ATOM   151  C CG1 . VAL A 1 24 ? 13.947  16.558  -6.970  1.00 12.78 ? 337 VAL A CG1 1 
ATOM   152  C CG2 . VAL A 1 24 ? 12.141  15.164  -5.888  1.00 12.58 ? 337 VAL A CG2 1 
ATOM   153  N N   . GLY A 1 25 ? 12.245  19.274  -8.144  1.00 12.85 ? 338 GLY A N   1 
ATOM   154  C CA  . GLY A 1 25 ? 12.562  20.274  -9.159  1.00 14.21 ? 338 GLY A CA  1 
ATOM   155  C C   . GLY A 1 25 ? 11.368  20.870  -9.889  1.00 13.93 ? 338 GLY A C   1 
ATOM   156  O O   . GLY A 1 25 ? 11.540  21.691  -10.782 1.00 13.63 ? 338 GLY A O   1 
ATOM   157  N N   . ASN A 1 26 ? 10.151  20.481  -9.510  1.00 13.81 ? 339 ASN A N   1 
ATOM   158  C CA  . ASN A 1 26 ? 8.942   20.953  -10.182 1.00 14.59 ? 339 ASN A CA  1 
ATOM   159  C C   . ASN A 1 26 ? 7.793   21.053  -9.176  1.00 13.82 ? 339 ASN A C   1 
ATOM   160  O O   . ASN A 1 26 ? 6.705   20.520  -9.382  1.00 14.82 ? 339 ASN A O   1 
ATOM   161  C CB  . ASN A 1 26 ? 8.585   20.027  -11.358 1.00 15.10 ? 339 ASN A CB  1 
ATOM   162  C CG  . ASN A 1 26 ? 7.344   20.480  -12.124 1.00 18.60 ? 339 ASN A CG  1 
ATOM   163  O OD1 . ASN A 1 26 ? 7.255   21.620  -12.616 1.00 20.43 ? 339 ASN A OD1 1 
ATOM   164  N ND2 . ASN A 1 26 ? 6.375   19.574  -12.245 1.00 19.10 ? 339 ASN A ND2 1 
ATOM   165  N N   . GLN A 1 27 ? 8.057   21.738  -8.075  1.00 14.03 ? 340 GLN A N   1 
ATOM   166  C CA  . GLN A 1 27 ? 7.176   21.697  -6.911  1.00 13.87 ? 340 GLN A CA  1 
ATOM   167  C C   . GLN A 1 27 ? 5.828   22.330  -7.195  1.00 14.16 ? 340 GLN A C   1 
ATOM   168  O O   . GLN A 1 27 ? 5.756   23.460  -7.630  1.00 14.63 ? 340 GLN A O   1 
ATOM   169  C CB  . GLN A 1 27 ? 7.852   22.373  -5.711  1.00 13.76 ? 340 GLN A CB  1 
ATOM   170  C CG  . GLN A 1 27 ? 9.139   21.660  -5.208  1.00 12.78 ? 340 GLN A CG  1 
ATOM   171  C CD  . GLN A 1 27 ? 9.656   22.281  -3.931  1.00 12.45 ? 340 GLN A CD  1 
ATOM   172  O OE1 . GLN A 1 27 ? 9.397   23.461  -3.647  1.00 14.64 ? 340 GLN A OE1 1 
ATOM   173  N NE2 . GLN A 1 27 ? 10.358  21.495  -3.136  1.00 12.40 ? 340 GLN A NE2 1 
ATOM   174  N N   . HIS A 1 28 ? 4.765   21.575  -6.925  1.00 14.53 ? 341 HIS A N   1 
ATOM   175  C CA  . HIS A 1 28 ? 3.392   22.032  -7.046  1.00 14.38 ? 341 HIS A CA  1 
ATOM   176  C C   . HIS A 1 28 ? 3.010   22.962  -5.878  1.00 14.65 ? 341 HIS A C   1 
ATOM   177  O O   . HIS A 1 28 ? 2.306   23.958  -6.047  1.00 14.52 ? 341 HIS A O   1 
ATOM   178  C CB  . HIS A 1 28 ? 2.477   20.809  -7.066  1.00 14.16 ? 341 HIS A CB  1 
ATOM   179  C CG  . HIS A 1 28 ? 1.040   21.132  -7.324  1.00 13.71 ? 341 HIS A CG  1 
ATOM   180  N ND1 . HIS A 1 28 ? 0.632   21.839  -8.430  1.00 17.10 ? 341 HIS A ND1 1 
ATOM   181  C CD2 . HIS A 1 28 ? -0.080  20.860  -6.615  1.00 16.35 ? 341 HIS A CD2 1 
ATOM   182  C CE1 . HIS A 1 28 ? -0.684  21.973  -8.408  1.00 17.95 ? 341 HIS A CE1 1 
ATOM   183  N NE2 . HIS A 1 28 ? -1.143  21.386  -7.317  1.00 18.10 ? 341 HIS A NE2 1 
ATOM   184  N N   . ILE A 1 29 ? 3.475   22.626  -4.680  1.00 15.83 ? 342 ILE A N   1 
ATOM   185  C CA  . ILE A 1 29 ? 3.324   23.482  -3.511  1.00 15.93 ? 342 ILE A CA  1 
ATOM   186  C C   . ILE A 1 29 ? 4.741   23.828  -3.061  1.00 16.19 ? 342 ILE A C   1 
ATOM   187  O O   . ILE A 1 29 ? 5.564   22.902  -2.875  1.00 15.50 ? 342 ILE A O   1 
ATOM   188  C CB  . ILE A 1 29 ? 2.592   22.712  -2.363  1.00 16.22 ? 342 ILE A CB  1 
ATOM   189  C CG1 . ILE A 1 29 ? 1.143   22.400  -2.757  1.00 18.09 ? 342 ILE A CG1 1 
ATOM   190  C CG2 . ILE A 1 29 ? 2.681   23.468  -1.043  1.00 17.85 ? 342 ILE A CG2 1 
ATOM   191  C CD1 . ILE A 1 29 ? 0.493   21.346  -1.878  1.00 15.84 ? 342 ILE A CD1 1 
ATOM   192  N N   . PRO A 1 30 ? 5.053   25.139  -2.863  1.00 16.16 ? 343 PRO A N   1 
ATOM   193  C CA  . PRO A 1 30 ? 6.394   25.480  -2.386  1.00 15.63 ? 343 PRO A CA  1 
ATOM   194  C C   . PRO A 1 30 ? 6.811   24.626  -1.190  1.00 14.93 ? 343 PRO A C   1 
ATOM   195  O O   . PRO A 1 30 ? 6.037   24.481  -0.233  1.00 14.98 ? 343 PRO A O   1 
ATOM   196  C CB  . PRO A 1 30 ? 6.258   26.963  -1.976  1.00 15.31 ? 343 PRO A CB  1 
ATOM   197  C CG  . PRO A 1 30 ? 5.201   27.482  -2.873  1.00 16.07 ? 343 PRO A CG  1 
ATOM   198  C CD  . PRO A 1 30 ? 4.218   26.350  -3.050  1.00 16.90 ? 343 PRO A CD  1 
ATOM   199  N N   . GLY A 1 31 ? 8.003   24.029  -1.276  1.00 13.81 ? 344 GLY A N   1 
ATOM   200  C CA  . GLY A 1 31 ? 8.552   23.207  -0.215  1.00 14.75 ? 344 GLY A CA  1 
ATOM   201  C C   . GLY A 1 31 ? 8.145   21.749  -0.288  1.00 14.64 ? 344 GLY A C   1 
ATOM   202  O O   . GLY A 1 31 ? 8.615   20.939  0.501   1.00 15.20 ? 344 GLY A O   1 
ATOM   203  N N   . ASP A 1 32 ? 7.278   21.415  -1.241  1.00 13.92 ? 345 ASP A N   1 
ATOM   204  C CA  . ASP A 1 32 ? 6.777   20.051  -1.371  1.00 14.48 ? 345 ASP A CA  1 
ATOM   205  C C   . ASP A 1 32 ? 7.116   19.465  -2.748  1.00 13.68 ? 345 ASP A C   1 
ATOM   206  O O   . ASP A 1 32 ? 6.702   20.003  -3.777  1.00 14.06 ? 345 ASP A O   1 
ATOM   207  C CB  . ASP A 1 32 ? 5.266   20.044  -1.117  1.00 14.53 ? 345 ASP A CB  1 
ATOM   208  C CG  . ASP A 1 32 ? 4.697   18.648  -0.844  1.00 15.31 ? 345 ASP A CG  1 
ATOM   209  O OD1 . ASP A 1 32 ? 5.380   17.625  -1.045  1.00 15.04 ? 345 ASP A OD1 1 
ATOM   210  O OD2 . ASP A 1 32 ? 3.528   18.598  -0.415  1.00 16.62 ? 345 ASP A OD2 1 
ATOM   211  N N   . ASN A 1 33 ? 7.866   18.365  -2.737  1.00 13.93 ? 346 ASN A N   1 
ATOM   212  C CA  . ASN A 1 33 ? 8.227   17.610  -3.958  1.00 13.82 ? 346 ASN A CA  1 
ATOM   213  C C   . ASN A 1 33 ? 7.180   16.599  -4.425  1.00 13.40 ? 346 ASN A C   1 
ATOM   214  O O   . ASN A 1 33 ? 7.345   15.942  -5.455  1.00 12.67 ? 346 ASN A O   1 
ATOM   215  C CB  . ASN A 1 33 ? 9.547   16.888  -3.746  1.00 13.69 ? 346 ASN A CB  1 
ATOM   216  C CG  . ASN A 1 33 ? 10.711  17.855  -3.600  1.00 14.80 ? 346 ASN A CG  1 
ATOM   217  O OD1 . ASN A 1 33 ? 10.749  18.897  -4.252  1.00 14.23 ? 346 ASN A OD1 1 
ATOM   218  N ND2 . ASN A 1 33 ? 11.640  17.525  -2.728  1.00 13.68 ? 346 ASN A ND2 1 
ATOM   219  N N   . SER A 1 34 ? 6.113   16.479  -3.651  1.00 13.10 ? 347 SER A N   1 
ATOM   220  C CA  . SER A 1 34 ? 5.139   15.423  -3.864  1.00 13.19 ? 347 SER A CA  1 
ATOM   221  C C   . SER A 1 34 ? 4.353   15.560  -5.178  1.00 13.05 ? 347 SER A C   1 
ATOM   222  O O   . SER A 1 34 ? 4.208   16.660  -5.743  1.00 13.48 ? 347 SER A O   1 
ATOM   223  C CB  . SER A 1 34 ? 4.182   15.365  -2.663  1.00 12.63 ? 347 SER A CB  1 
ATOM   224  O OG  . SER A 1 34 ? 4.936   15.141  -1.471  1.00 14.94 ? 347 SER A OG  1 
ATOM   225  N N   . ILE A 1 35 ? 3.832   14.425  -5.636  1.00 13.02 ? 348 ILE A N   1 
ATOM   226  C CA  . ILE A 1 35 ? 2.994   14.361  -6.812  1.00 12.92 ? 348 ILE A CA  1 
ATOM   227  C C   . ILE A 1 35 ? 1.552   14.542  -6.382  1.00 13.48 ? 348 ILE A C   1 
ATOM   228  O O   . ILE A 1 35 ? 1.083   13.858  -5.474  1.00 14.64 ? 348 ILE A O   1 
ATOM   229  C CB  . ILE A 1 35 ? 3.148   13.024  -7.581  1.00 12.34 ? 348 ILE A CB  1 
ATOM   230  C CG1 . ILE A 1 35 ? 4.623   12.754  -7.897  1.00 13.05 ? 348 ILE A CG1 1 
ATOM   231  C CG2 . ILE A 1 35 ? 2.259   13.032  -8.871  1.00 12.72 ? 348 ILE A CG2 1 
ATOM   232  C CD1 . ILE A 1 35 ? 5.335   13.915  -8.714  1.00 14.49 ? 348 ILE A CD1 1 
ATOM   233  N N   . TYR A 1 36 ? 0.877   15.486  -7.037  1.00 12.91 ? 349 TYR A N   1 
ATOM   234  C CA  . TYR A 1 36 ? -0.507  15.837  -6.761  1.00 13.22 ? 349 TYR A CA  1 
ATOM   235  C C   . TYR A 1 36 ? -1.431  15.653  -7.937  1.00 13.50 ? 349 TYR A C   1 
ATOM   236  O O   . TYR A 1 36 ? -1.082  15.979  -9.089  1.00 12.76 ? 349 TYR A O   1 
ATOM   237  C CB  . TYR A 1 36 ? -0.590  17.299  -6.311  1.00 13.99 ? 349 TYR A CB  1 
ATOM   238  C CG  . TYR A 1 36 ? -0.113  17.449  -4.905  1.00 13.60 ? 349 TYR A CG  1 
ATOM   239  C CD1 . TYR A 1 36 ? -0.952  17.136  -3.846  1.00 13.20 ? 349 TYR A CD1 1 
ATOM   240  C CD2 . TYR A 1 36 ? 1.182   17.859  -4.629  1.00 15.15 ? 349 TYR A CD2 1 
ATOM   241  C CE1 . TYR A 1 36 ? -0.524  17.239  -2.546  1.00 16.33 ? 349 TYR A CE1 1 
ATOM   242  C CE2 . TYR A 1 36 ? 1.627   17.987  -3.308  1.00 17.49 ? 349 TYR A CE2 1 
ATOM   243  C CZ  . TYR A 1 36 ? 0.765   17.664  -2.272  1.00 15.30 ? 349 TYR A CZ  1 
ATOM   244  O OH  . TYR A 1 36 ? 1.178   17.749  -0.954  1.00 15.56 ? 349 TYR A OH  1 
ATOM   245  N N   . VAL A 1 37 ? -2.626  15.143  -7.649  1.00 12.86 ? 350 VAL A N   1 
ATOM   246  C CA  . VAL A 1 37 ? -3.659  15.032  -8.679  1.00 14.30 ? 350 VAL A CA  1 
ATOM   247  C C   . VAL A 1 37 ? -4.207  16.432  -8.994  1.00 14.59 ? 350 VAL A C   1 
ATOM   248  O O   . VAL A 1 37 ? -4.607  17.166  -8.078  1.00 14.07 ? 350 VAL A O   1 
ATOM   249  C CB  . VAL A 1 37 ? -4.799  14.096  -8.220  1.00 13.54 ? 350 VAL A CB  1 
ATOM   250  C CG1 . VAL A 1 37 ? -5.914  14.015  -9.271  1.00 13.81 ? 350 VAL A CG1 1 
ATOM   251  C CG2 . VAL A 1 37 ? -4.251  12.713  -7.935  1.00 13.77 ? 350 VAL A CG2 1 
ATOM   252  N N   . THR A 1 38 ? -4.204  16.797  -10.274 1.00 15.45 ? 351 THR A N   1 
ATOM   253  C CA  . THR A 1 38 ? -4.676  18.130  -10.699 1.00 16.92 ? 351 THR A CA  1 
ATOM   254  C C   . THR A 1 38 ? -5.999  18.129  -11.465 1.00 18.16 ? 351 THR A C   1 
ATOM   255  O O   . THR A 1 38 ? -6.708  19.138  -11.487 1.00 19.31 ? 351 THR A O   1 
ATOM   256  C CB  . THR A 1 38 ? -3.630  18.882  -11.526 1.00 16.57 ? 351 THR A CB  1 
ATOM   257  O OG1 . THR A 1 38 ? -3.298  18.108  -12.688 1.00 17.22 ? 351 THR A OG1 1 
ATOM   258  C CG2 . THR A 1 38 ? -2.393  19.159  -10.697 1.00 17.36 ? 351 THR A CG2 1 
ATOM   259  N N   . LYS A 1 39 ? -6.335  16.998  -12.085 1.00 19.01 ? 352 LYS A N   1 
ATOM   260  C CA  . LYS A 1 39 ? -7.549  16.878  -12.886 1.00 20.14 ? 352 LYS A CA  1 
ATOM   261  C C   . LYS A 1 39 ? -7.997  15.421  -12.930 1.00 20.15 ? 352 LYS A C   1 
ATOM   262  O O   . LYS A 1 39 ? -7.160  14.524  -13.043 1.00 19.67 ? 352 LYS A O   1 
ATOM   263  C CB  . LYS A 1 39 ? -7.276  17.396  -14.312 1.00 20.99 ? 352 LYS A CB  1 
ATOM   264  C CG  . LYS A 1 39 ? -8.504  17.584  -15.177 1.00 24.14 ? 352 LYS A CG  1 
ATOM   265  C CD  . LYS A 1 39 ? -8.080  17.577  -16.643 1.00 28.65 ? 352 LYS A CD  1 
ATOM   266  C CE  . LYS A 1 39 ? -9.279  17.596  -17.559 1.00 32.96 ? 352 LYS A CE  1 
ATOM   267  N NZ  . LYS A 1 39 ? -8.867  17.293  -18.958 1.00 34.30 ? 352 LYS A NZ  1 
ATOM   268  N N   . ILE A 1 40 ? -9.308  15.194  -12.822 1.00 20.33 ? 353 ILE A N   1 
ATOM   269  C CA  . ILE A 1 40 ? -9.900  13.870  -13.022 1.00 20.45 ? 353 ILE A CA  1 
ATOM   270  C C   . ILE A 1 40 ? -10.622 13.868  -14.359 1.00 21.57 ? 353 ILE A C   1 
ATOM   271  O O   . ILE A 1 40 ? -11.536 14.662  -14.562 1.00 20.70 ? 353 ILE A O   1 
ATOM   272  C CB  . ILE A 1 40 ? -10.928 13.506  -11.916 1.00 20.58 ? 353 ILE A CB  1 
ATOM   273  C CG1 . ILE A 1 40 ? -10.288 13.529  -10.516 1.00 19.76 ? 353 ILE A CG1 1 
ATOM   274  C CG2 . ILE A 1 40 ? -11.592 12.152  -12.205 1.00 19.83 ? 353 ILE A CG2 1 
ATOM   275  C CD1 . ILE A 1 40 ? -9.296  12.407  -10.268 1.00 18.92 ? 353 ILE A CD1 1 
ATOM   276  N N   . ILE A 1 41 ? -10.208 12.975  -15.249 1.00 21.94 ? 354 ILE A N   1 
ATOM   277  C CA  . ILE A 1 41 ? -10.804 12.843  -16.574 1.00 23.07 ? 354 ILE A CA  1 
ATOM   278  C C   . ILE A 1 41 ? -12.204 12.218  -16.538 1.00 23.46 ? 354 ILE A C   1 
ATOM   279  O O   . ILE A 1 41 ? -12.389 11.082  -16.100 1.00 22.73 ? 354 ILE A O   1 
ATOM   280  C CB  . ILE A 1 41 ? -9.901  12.014  -17.522 1.00 22.72 ? 354 ILE A CB  1 
ATOM   281  C CG1 . ILE A 1 41 ? -8.449  12.538  -17.545 1.00 22.63 ? 354 ILE A CG1 1 
ATOM   282  C CG2 . ILE A 1 41 ? -10.515 11.921  -18.887 1.00 23.64 ? 354 ILE A CG2 1 
ATOM   283  C CD1 . ILE A 1 41 ? -8.252  14.008  -17.839 1.00 22.88 ? 354 ILE A CD1 1 
ATOM   284  N N   . GLU A 1 42 ? -13.178 12.984  -17.023 1.00 24.89 ? 355 GLU A N   1 
ATOM   285  C CA  . GLU A 1 42 ? -14.561 12.517  -17.175 1.00 25.95 ? 355 GLU A CA  1 
ATOM   286  C C   . GLU A 1 42 ? -14.691 11.170  -17.889 1.00 25.32 ? 355 GLU A C   1 
ATOM   287  O O   . GLU A 1 42 ? -14.277 11.013  -19.047 1.00 25.75 ? 355 GLU A O   1 
ATOM   288  C CB  . GLU A 1 42 ? -15.384 13.576  -17.909 1.00 26.69 ? 355 GLU A CB  1 
ATOM   289  C CG  . GLU A 1 42 ? -16.399 14.266  -17.020 1.00 29.88 ? 355 GLU A CG  1 
ATOM   290  C CD  . GLU A 1 42 ? -17.739 13.564  -17.046 1.00 33.93 ? 355 GLU A CD  1 
ATOM   291  O OE1 . GLU A 1 42 ? -18.688 14.040  -16.377 1.00 37.18 ? 355 GLU A OE1 1 
ATOM   292  O OE2 . GLU A 1 42 ? -17.846 12.532  -17.743 1.00 36.91 ? 355 GLU A OE2 1 
ATOM   293  N N   . GLY A 1 43 ? -15.267 10.198  -17.184 1.00 24.68 ? 356 GLY A N   1 
ATOM   294  C CA  . GLY A 1 43 ? -15.498 8.865   -17.734 1.00 23.25 ? 356 GLY A CA  1 
ATOM   295  C C   . GLY A 1 43 ? -14.290 7.937   -17.711 1.00 22.60 ? 356 GLY A C   1 
ATOM   296  O O   . GLY A 1 43 ? -14.376 6.787   -18.157 1.00 22.81 ? 356 GLY A O   1 
ATOM   297  N N   . GLY A 1 44 ? -13.159 8.417   -17.191 1.00 21.33 ? 357 GLY A N   1 
ATOM   298  C CA  . GLY A 1 44 ? -11.964 7.582   -17.130 1.00 20.03 ? 357 GLY A CA  1 
ATOM   299  C C   . GLY A 1 44 ? -12.032 6.677   -15.920 1.00 19.23 ? 357 GLY A C   1 
ATOM   300  O O   . GLY A 1 44 ? -12.974 6.765   -15.131 1.00 19.42 ? 357 GLY A O   1 
ATOM   301  N N   . ALA A 1 45 ? -11.037 5.816   -15.757 1.00 18.53 ? 358 ALA A N   1 
ATOM   302  C CA  . ALA A 1 45 ? -11.045 4.832   -14.661 1.00 17.86 ? 358 ALA A CA  1 
ATOM   303  C C   . ALA A 1 45 ? -11.107 5.456   -13.256 1.00 17.87 ? 358 ALA A C   1 
ATOM   304  O O   . ALA A 1 45 ? -11.898 5.011   -12.405 1.00 17.52 ? 358 ALA A O   1 
ATOM   305  C CB  . ALA A 1 45 ? -9.832  3.886   -14.774 1.00 17.31 ? 358 ALA A CB  1 
ATOM   306  N N   . ALA A 1 46 ? -10.279 6.475   -13.005 1.00 17.48 ? 359 ALA A N   1 
ATOM   307  C CA  . ALA A 1 46 ? -10.285 7.163   -11.713 1.00 17.79 ? 359 ALA A CA  1 
ATOM   308  C C   . ALA A 1 46 ? -11.630 7.830   -11.429 1.00 18.06 ? 359 ALA A C   1 
ATOM   309  O O   . ALA A 1 46 ? -12.107 7.793   -10.304 1.00 17.05 ? 359 ALA A O   1 
ATOM   310  C CB  . ALA A 1 46 ? -9.149  8.190   -11.622 1.00 17.65 ? 359 ALA A CB  1 
ATOM   311  N N   . HIS A 1 47 ? -12.235 8.439   -12.449 1.00 18.20 ? 360 HIS A N   1 
ATOM   312  C CA  . HIS A 1 47 ? -13.553 9.072   -12.267 1.00 19.34 ? 360 HIS A CA  1 
ATOM   313  C C   . HIS A 1 47 ? -14.628 8.065   -11.889 1.00 19.14 ? 360 HIS A C   1 
ATOM   314  O O   . HIS A 1 47 ? -15.404 8.298   -10.953 1.00 20.00 ? 360 HIS A O   1 
ATOM   315  C CB  . HIS A 1 47 ? -13.978 9.839   -13.522 1.00 19.39 ? 360 HIS A CB  1 
ATOM   316  C CG  . HIS A 1 47 ? -15.239 10.637  -13.343 1.00 21.37 ? 360 HIS A CG  1 
ATOM   317  N ND1 . HIS A 1 47 ? -16.318 10.528  -14.193 1.00 24.16 ? 360 HIS A ND1 1 
ATOM   318  C CD2 . HIS A 1 47 ? -15.592 11.549  -12.403 1.00 23.60 ? 360 HIS A CD2 1 
ATOM   319  C CE1 . HIS A 1 47 ? -17.276 11.345  -13.796 1.00 23.10 ? 360 HIS A CE1 1 
ATOM   320  N NE2 . HIS A 1 47 ? -16.859 11.981  -12.715 1.00 24.77 ? 360 HIS A NE2 1 
ATOM   321  N N   . LYS A 1 48 ? -14.668 6.957   -12.625 1.00 19.76 ? 361 LYS A N   1 
ATOM   322  C CA  . LYS A 1 48 ? -15.671 5.905   -12.419 1.00 19.44 ? 361 LYS A CA  1 
ATOM   323  C C   . LYS A 1 48 ? -15.561 5.232   -11.050 1.00 18.89 ? 361 LYS A C   1 
ATOM   324  O O   . LYS A 1 48 ? -16.580 4.963   -10.397 1.00 18.37 ? 361 LYS A O   1 
ATOM   325  C CB  . LYS A 1 48 ? -15.633 4.890   -13.551 1.00 20.73 ? 361 LYS A CB  1 
ATOM   326  C CG  . LYS A 1 48 ? -16.253 5.436   -14.850 1.00 21.17 ? 361 LYS A CG  1 
ATOM   327  C CD  . LYS A 1 48 ? -16.357 4.376   -15.936 1.00 26.48 ? 361 LYS A CD  1 
ATOM   328  C CE  . LYS A 1 48 ? -17.190 4.903   -17.109 1.00 28.32 ? 361 LYS A CE  1 
ATOM   329  N NZ  . LYS A 1 48 ? -17.111 4.051   -18.338 1.00 31.64 ? 361 LYS A NZ  1 
ATOM   330  N N   . ASP A 1 49 ? -14.332 4.962   -10.615 1.00 17.36 ? 362 ASP A N   1 
ATOM   331  C CA  . ASP A 1 49 ? -14.093 4.484   -9.247  1.00 16.96 ? 362 ASP A CA  1 
ATOM   332  C C   . ASP A 1 49 ? -14.607 5.487   -8.199  1.00 16.10 ? 362 ASP A C   1 
ATOM   333  O O   . ASP A 1 49 ? -15.180 5.083   -7.178  1.00 16.32 ? 362 ASP A O   1 
ATOM   334  C CB  . ASP A 1 49 ? -12.609 4.190   -9.036  1.00 16.72 ? 362 ASP A CB  1 
ATOM   335  C CG  . ASP A 1 49 ? -12.284 3.878   -7.604  1.00 16.68 ? 362 ASP A CG  1 
ATOM   336  O OD1 . ASP A 1 49 ? -12.522 2.734   -7.155  1.00 15.16 ? 362 ASP A OD1 1 
ATOM   337  O OD2 . ASP A 1 49 ? -11.800 4.792   -6.914  1.00 15.89 ? 362 ASP A OD2 1 
ATOM   338  N N   . GLY A 1 50 ? -14.371 6.776   -8.441  1.00 16.45 ? 363 GLY A N   1 
ATOM   339  C CA  . GLY A 1 50 ? -14.886 7.874   -7.588  1.00 15.87 ? 363 GLY A CA  1 
ATOM   340  C C   . GLY A 1 50 ? -14.109 8.244   -6.333  1.00 15.91 ? 363 GLY A C   1 
ATOM   341  O O   . GLY A 1 50 ? -14.475 9.188   -5.642  1.00 16.26 ? 363 GLY A O   1 
ATOM   342  N N   . LYS A 1 51 ? -13.039 7.506   -6.030  1.00 14.88 ? 364 LYS A N   1 
ATOM   343  C CA  . LYS A 1 51 ? -12.263 7.735   -4.812  1.00 13.63 ? 364 LYS A CA  1 
ATOM   344  C C   . LYS A 1 51 ? -11.234 8.867   -4.956  1.00 12.85 ? 364 LYS A C   1 
ATOM   345  O O   . LYS A 1 51 ? -11.115 9.718   -4.069  1.00 12.37 ? 364 LYS A O   1 
ATOM   346  C CB  . LYS A 1 51 ? -11.588 6.437   -4.376  1.00 12.98 ? 364 LYS A CB  1 
ATOM   347  C CG  . LYS A 1 51 ? -12.589 5.388   -3.900  1.00 13.69 ? 364 LYS A CG  1 
ATOM   348  C CD  . LYS A 1 51 ? -11.873 4.138   -3.439  1.00 15.48 ? 364 LYS A CD  1 
ATOM   349  C CE  . LYS A 1 51 ? -12.897 3.173   -2.910  1.00 15.12 ? 364 LYS A CE  1 
ATOM   350  N NZ  . LYS A 1 51 ? -12.415 1.793   -3.029  1.00 18.41 ? 364 LYS A NZ  1 
ATOM   351  N N   . LEU A 1 52 ? -10.532 8.887   -6.088  1.00 12.03 ? 365 LEU A N   1 
ATOM   352  C CA  . LEU A 1 52 ? -9.441  9.829   -6.310  1.00 12.27 ? 365 LEU A CA  1 
ATOM   353  C C   . LEU A 1 52 ? -10.004 11.225  -6.522  1.00 13.54 ? 365 LEU A C   1 
ATOM   354  O O   . LEU A 1 52 ? -11.002 11.387  -7.231  1.00 13.99 ? 365 LEU A O   1 
ATOM   355  C CB  . LEU A 1 52 ? -8.623  9.417   -7.554  1.00 11.71 ? 365 LEU A CB  1 
ATOM   356  C CG  . LEU A 1 52 ? -7.306  10.164  -7.703  1.00 11.29 ? 365 LEU A CG  1 
ATOM   357  C CD1 . LEU A 1 52 ? -6.301  9.663   -6.632  1.00 10.53 ? 365 LEU A CD1 1 
ATOM   358  C CD2 . LEU A 1 52 ? -6.753  9.966   -9.118  1.00 11.80 ? 365 LEU A CD2 1 
ATOM   359  N N   . GLN A 1 53 ? -9.375  12.227  -5.925  1.00 14.10 ? 366 GLN A N   1 
ATOM   360  C CA  . GLN A 1 53 ? -9.857  13.603  -6.085  1.00 15.17 ? 366 GLN A CA  1 
ATOM   361  C C   . GLN A 1 53 ? -8.718  14.567  -6.382  1.00 15.61 ? 366 GLN A C   1 
ATOM   362  O O   . GLN A 1 53 ? -7.567  14.323  -6.022  1.00 14.57 ? 366 GLN A O   1 
ATOM   363  C CB  . GLN A 1 53 ? -10.641 14.069  -4.833  1.00 15.72 ? 366 GLN A CB  1 
ATOM   364  C CG  . GLN A 1 53 ? -11.930 13.255  -4.478  1.00 17.51 ? 366 GLN A CG  1 
ATOM   365  C CD  . GLN A 1 53 ? -12.957 13.070  -5.618  1.00 22.53 ? 366 GLN A CD  1 
ATOM   366  O OE1 . GLN A 1 53 ? -13.048 13.873  -6.569  1.00 23.94 ? 366 GLN A OE1 1 
ATOM   367  N NE2 . GLN A 1 53 ? -13.753 12.006  -5.507  1.00 21.51 ? 366 GLN A NE2 1 
ATOM   368  N N   . ILE A 1 54 ? -9.044  15.664  -7.057  1.00 15.96 ? 367 ILE A N   1 
ATOM   369  C CA  . ILE A 1 54 ? -8.079  16.758  -7.230  1.00 16.01 ? 367 ILE A CA  1 
ATOM   370  C C   . ILE A 1 54 ? -7.483  17.117  -5.877  1.00 15.80 ? 367 ILE A C   1 
ATOM   371  O O   . ILE A 1 54 ? -8.200  17.229  -4.888  1.00 16.60 ? 367 ILE A O   1 
ATOM   372  C CB  . ILE A 1 54 ? -8.769  17.990  -7.842  1.00 16.93 ? 367 ILE A CB  1 
ATOM   373  C CG1 . ILE A 1 54 ? -9.243  17.653  -9.253  1.00 16.63 ? 367 ILE A CG1 1 
ATOM   374  C CG2 . ILE A 1 54 ? -7.826  19.235  -7.818  1.00 16.54 ? 367 ILE A CG2 1 
ATOM   375  C CD1 . ILE A 1 54 ? -10.258 18.635  -9.803  1.00 21.48 ? 367 ILE A CD1 1 
ATOM   376  N N   . GLY A 1 55 ? -6.171  17.294  -5.838  1.00 15.58 ? 368 GLY A N   1 
ATOM   377  C CA  . GLY A 1 55 ? -5.498  17.682  -4.617  1.00 14.14 ? 368 GLY A CA  1 
ATOM   378  C C   . GLY A 1 55 ? -4.967  16.504  -3.827  1.00 13.20 ? 368 GLY A C   1 
ATOM   379  O O   . GLY A 1 55 ? -4.152  16.697  -2.952  1.00 12.66 ? 368 GLY A O   1 
ATOM   380  N N   . ASP A 1 56 ? -5.401  15.278  -4.152  1.00 13.18 ? 369 ASP A N   1 
ATOM   381  C CA  . ASP A 1 56 ? -4.814  14.091  -3.511  1.00 12.29 ? 369 ASP A CA  1 
ATOM   382  C C   . ASP A 1 56 ? -3.329  13.963  -3.833  1.00 11.88 ? 369 ASP A C   1 
ATOM   383  O O   . ASP A 1 56 ? -2.896  14.266  -4.954  1.00 11.65 ? 369 ASP A O   1 
ATOM   384  C CB  . ASP A 1 56 ? -5.519  12.809  -3.939  1.00 11.71 ? 369 ASP A CB  1 
ATOM   385  C CG  . ASP A 1 56 ? -6.902  12.665  -3.349  1.00 13.83 ? 369 ASP A CG  1 
ATOM   386  O OD1 . ASP A 1 56 ? -7.265  13.421  -2.418  1.00 12.74 ? 369 ASP A OD1 1 
ATOM   387  O OD2 . ASP A 1 56 ? -7.623  11.766  -3.842  1.00 13.49 ? 369 ASP A OD2 1 
ATOM   388  N N   . LYS A 1 57 ? -2.570  13.480  -2.853  1.00 11.79 ? 370 LYS A N   1 
ATOM   389  C CA  . LYS A 1 57 ? -1.140  13.210  -3.024  1.00 11.82 ? 370 LYS A CA  1 
ATOM   390  C C   . LYS A 1 57 ? -0.954  11.738  -3.395  1.00 11.61 ? 370 LYS A C   1 
ATOM   391  O O   . LYS A 1 57 ? -1.488  10.851  -2.733  1.00 11.06 ? 370 LYS A O   1 
ATOM   392  C CB  . LYS A 1 57 ? -0.367  13.551  -1.731  1.00 12.36 ? 370 LYS A CB  1 
ATOM   393  C CG  . LYS A 1 57 ? 1.113   13.139  -1.724  1.00 13.23 ? 370 LYS A CG  1 
ATOM   394  C CD  . LYS A 1 57 ? 1.810   13.629  -0.440  1.00 12.97 ? 370 LYS A CD  1 
ATOM   395  C CE  . LYS A 1 57 ? 3.065   12.829  -0.142  1.00 14.17 ? 370 LYS A CE  1 
ATOM   396  N NZ  . LYS A 1 57 ? 3.827   13.465  0.988   1.00 14.39 ? 370 LYS A NZ  1 
ATOM   397  N N   . LEU A 1 58 ? -0.203  11.480  -4.453  1.00 11.90 ? 371 LEU A N   1 
ATOM   398  C CA  . LEU A 1 58 ? 0.126   10.090  -4.800  1.00 12.69 ? 371 LEU A CA  1 
ATOM   399  C C   . LEU A 1 58 ? 1.334   9.574   -4.024  1.00 12.68 ? 371 LEU A C   1 
ATOM   400  O O   . LEU A 1 58 ? 2.388   10.217  -3.972  1.00 13.05 ? 371 LEU A O   1 
ATOM   401  C CB  . LEU A 1 58 ? 0.322   9.963   -6.314  1.00 12.05 ? 371 LEU A CB  1 
ATOM   402  C CG  . LEU A 1 58 ? -0.791  10.509  -7.221  1.00 14.32 ? 371 LEU A CG  1 
ATOM   403  C CD1 . LEU A 1 58 ? -0.359  10.336  -8.685  1.00 16.52 ? 371 LEU A CD1 1 
ATOM   404  C CD2 . LEU A 1 58 ? -2.162  9.841   -6.962  1.00 15.39 ? 371 LEU A CD2 1 
ATOM   405  N N   . LEU A 1 59 ? 1.165   8.422   -3.384  1.00 11.95 ? 372 LEU A N   1 
ATOM   406  C CA  . LEU A 1 59 ? 2.261   7.779   -2.652  1.00 11.28 ? 372 LEU A CA  1 
ATOM   407  C C   . LEU A 1 59 ? 2.950   6.690   -3.459  1.00 11.15 ? 372 LEU A C   1 
ATOM   408  O O   . LEU A 1 59 ? 4.174   6.568   -3.441  1.00 11.61 ? 372 LEU A O   1 
ATOM   409  C CB  . LEU A 1 59 ? 1.750   7.212   -1.331  1.00 10.98 ? 372 LEU A CB  1 
ATOM   410  C CG  . LEU A 1 59 ? 1.013   8.208   -0.423  1.00 9.70  ? 372 LEU A CG  1 
ATOM   411  C CD1 . LEU A 1 59 ? 0.421   7.472   0.797   1.00 13.53 ? 372 LEU A CD1 1 
ATOM   412  C CD2 . LEU A 1 59 ? 1.986   9.253   -0.011  1.00 12.09 ? 372 LEU A CD2 1 
ATOM   413  N N   . ALA A 1 60 ? 2.153   5.872   -4.141  1.00 11.53 ? 373 ALA A N   1 
ATOM   414  C CA  . ALA A 1 60 ? 2.689   4.768   -4.930  1.00 10.28 ? 373 ALA A CA  1 
ATOM   415  C C   . ALA A 1 60 ? 1.729   4.311   -5.995  1.00 10.96 ? 373 ALA A C   1 
ATOM   416  O O   . ALA A 1 60 ? 0.498   4.446   -5.844  1.00 11.42 ? 373 ALA A O   1 
ATOM   417  C CB  . ALA A 1 60 ? 3.105   3.567   -4.019  1.00 10.22 ? 373 ALA A CB  1 
ATOM   418  N N   . VAL A 1 61 ? 2.300   3.768   -7.067  1.00 10.91 ? 374 VAL A N   1 
ATOM   419  C CA  . VAL A 1 61 ? 1.537   3.057   -8.093  1.00 11.41 ? 374 VAL A CA  1 
ATOM   420  C C   . VAL A 1 61 ? 2.109   1.647   -8.228  1.00 11.76 ? 374 VAL A C   1 
ATOM   421  O O   . VAL A 1 61 ? 3.254   1.457   -8.657  1.00 11.01 ? 374 VAL A O   1 
ATOM   422  C CB  . VAL A 1 61 ? 1.506   3.798   -9.454  1.00 12.07 ? 374 VAL A CB  1 
ATOM   423  C CG1 . VAL A 1 61 ? 2.946   4.109   -9.975  1.00 10.46 ? 374 VAL A CG1 1 
ATOM   424  C CG2 . VAL A 1 61 ? 0.727   2.962   -10.475 1.00 10.84 ? 374 VAL A CG2 1 
ATOM   425  N N   . ASN A 1 62 ? 1.304   0.656   -7.852  1.00 12.04 ? 375 ASN A N   1 
ATOM   426  C CA  . ASN A 1 62 ? 1.829   -0.698  -7.591  1.00 13.30 ? 375 ASN A CA  1 
ATOM   427  C C   . ASN A 1 62 ? 3.109   -0.661  -6.745  1.00 13.14 ? 375 ASN A C   1 
ATOM   428  O O   . ASN A 1 62 ? 3.089   -0.056  -5.698  1.00 14.07 ? 375 ASN A O   1 
ATOM   429  C CB  . ASN A 1 62 ? 1.936   -1.506  -8.885  1.00 12.93 ? 375 ASN A CB  1 
ATOM   430  C CG  . ASN A 1 62 ? 0.569   -1.868  -9.432  1.00 14.60 ? 375 ASN A CG  1 
ATOM   431  O OD1 . ASN A 1 62 ? -0.363  -2.089  -8.662  1.00 17.00 ? 375 ASN A OD1 1 
ATOM   432  N ND2 . ASN A 1 62 ? 0.441   -1.933  -10.756 1.00 15.23 ? 375 ASN A ND2 1 
ATOM   433  N N   . SER A 1 63 ? 4.223   -1.229  -7.195  1.00 14.55 ? 376 SER A N   1 
ATOM   434  C CA  . SER A 1 63 ? 5.439   -1.245  -6.340  1.00 15.47 ? 376 SER A CA  1 
ATOM   435  C C   . SER A 1 63 ? 6.258   0.056   -6.387  1.00 15.02 ? 376 SER A C   1 
ATOM   436  O O   . SER A 1 63 ? 7.235   0.207   -5.640  1.00 16.40 ? 376 SER A O   1 
ATOM   437  C CB  . SER A 1 63 ? 6.346   -2.432  -6.713  1.00 16.27 ? 376 SER A CB  1 
ATOM   438  O OG  . SER A 1 63 ? 5.683   -3.660  -6.496  1.00 20.56 ? 376 SER A OG  1 
ATOM   439  N N   . VAL A 1 64 ? 5.885   0.984   -7.272  1.00 13.76 ? 377 VAL A N   1 
ATOM   440  C CA  . VAL A 1 64 ? 6.723   2.157   -7.538  1.00 13.14 ? 377 VAL A CA  1 
ATOM   441  C C   . VAL A 1 64 ? 6.369   3.297   -6.577  1.00 12.36 ? 377 VAL A C   1 
ATOM   442  O O   . VAL A 1 64 ? 5.235   3.773   -6.567  1.00 11.42 ? 377 VAL A O   1 
ATOM   443  C CB  . VAL A 1 64 ? 6.632   2.583   -9.031  1.00 12.88 ? 377 VAL A CB  1 
ATOM   444  C CG1 . VAL A 1 64 ? 7.489   3.820   -9.345  1.00 12.87 ? 377 VAL A CG1 1 
ATOM   445  C CG2 . VAL A 1 64 ? 7.113   1.443   -9.920  1.00 13.42 ? 377 VAL A CG2 1 
ATOM   446  N N   . SER A 1 65 ? 7.345   3.741   -5.789  1.00 12.36 ? 378 SER A N   1 
ATOM   447  C CA  . SER A 1 65 ? 7.118   4.911   -4.948  1.00 12.72 ? 378 SER A CA  1 
ATOM   448  C C   . SER A 1 65 ? 7.006   6.157   -5.811  1.00 12.40 ? 378 SER A C   1 
ATOM   449  O O   . SER A 1 65 ? 7.690   6.273   -6.844  1.00 12.71 ? 378 SER A O   1 
ATOM   450  C CB  . SER A 1 65 ? 8.205   5.071   -3.862  1.00 13.59 ? 378 SER A CB  1 
ATOM   451  O OG  . SER A 1 65 ? 7.968   6.259   -3.098  1.00 13.36 ? 378 SER A OG  1 
ATOM   452  N N   . LEU A 1 66 ? 6.092   7.061   -5.437  1.00 11.67 ? 379 LEU A N   1 
ATOM   453  C CA  . LEU A 1 66 ? 5.991   8.354   -6.111  1.00 11.74 ? 379 LEU A CA  1 
ATOM   454  C C   . LEU A 1 66 ? 6.360   9.473   -5.158  1.00 12.28 ? 379 LEU A C   1 
ATOM   455  O O   . LEU A 1 66 ? 6.090   10.650  -5.431  1.00 11.90 ? 379 LEU A O   1 
ATOM   456  C CB  . LEU A 1 66 ? 4.566   8.581   -6.657  1.00 11.63 ? 379 LEU A CB  1 
ATOM   457  C CG  . LEU A 1 66 ? 4.111   7.544   -7.690  1.00 12.63 ? 379 LEU A CG  1 
ATOM   458  C CD1 . LEU A 1 66 ? 2.620   7.705   -8.036  1.00 15.24 ? 379 LEU A CD1 1 
ATOM   459  C CD2 . LEU A 1 66 ? 4.965   7.655   -8.950  1.00 15.96 ? 379 LEU A CD2 1 
ATOM   460  N N   . GLU A 1 67 ? 6.977   9.100   -4.035  1.00 12.25 ? 380 GLU A N   1 
ATOM   461  C CA  . GLU A 1 67 ? 7.460   10.077  -3.063  1.00 13.80 ? 380 GLU A CA  1 
ATOM   462  C C   . GLU A 1 67 ? 8.898   10.501  -3.373  1.00 14.00 ? 380 GLU A C   1 
ATOM   463  O O   . GLU A 1 67 ? 9.768   9.655   -3.564  1.00 15.02 ? 380 GLU A O   1 
ATOM   464  C CB  . GLU A 1 67 ? 7.399   9.475   -1.653  1.00 13.17 ? 380 GLU A CB  1 
ATOM   465  C CG  . GLU A 1 67 ? 5.990   9.199   -1.235  1.00 15.60 ? 380 GLU A CG  1 
ATOM   466  C CD  . GLU A 1 67 ? 5.887   8.743   0.202   1.00 20.51 ? 380 GLU A CD  1 
ATOM   467  O OE1 . GLU A 1 67 ? 5.891   9.609   1.105   1.00 22.93 ? 380 GLU A OE1 1 
ATOM   468  O OE2 . GLU A 1 67 ? 5.790   7.517   0.409   1.00 22.72 ? 380 GLU A OE2 1 
ATOM   469  N N   . GLU A 1 68 ? 9.129   11.808  -3.436  1.00 14.12 ? 381 GLU A N   1 
ATOM   470  C CA  . GLU A 1 68 ? 10.472  12.358  -3.715  1.00 14.11 ? 381 GLU A CA  1 
ATOM   471  C C   . GLU A 1 68 ? 11.035  11.867  -5.071  1.00 13.90 ? 381 GLU A C   1 
ATOM   472  O O   . GLU A 1 68 ? 12.203  11.471  -5.192  1.00 13.97 ? 381 GLU A O   1 
ATOM   473  C CB  . GLU A 1 68 ? 11.421  12.082  -2.549  1.00 14.08 ? 381 GLU A CB  1 
ATOM   474  C CG  . GLU A 1 68 ? 10.956  12.677  -1.207  1.00 14.09 ? 381 GLU A CG  1 
ATOM   475  C CD  . GLU A 1 68 ? 10.646  14.156  -1.300  1.00 14.29 ? 381 GLU A CD  1 
ATOM   476  O OE1 . GLU A 1 68 ? 11.571  14.947  -1.534  1.00 14.47 ? 381 GLU A OE1 1 
ATOM   477  O OE2 . GLU A 1 68 ? 9.465   14.528  -1.160  1.00 17.11 ? 381 GLU A OE2 1 
ATOM   478  N N   . VAL A 1 69 ? 10.172  11.886  -6.087  1.00 13.65 ? 382 VAL A N   1 
ATOM   479  C CA  . VAL A 1 69 ? 10.538  11.553  -7.466  1.00 13.54 ? 382 VAL A CA  1 
ATOM   480  C C   . VAL A 1 69 ? 10.362  12.797  -8.327  1.00 12.64 ? 382 VAL A C   1 
ATOM   481  O O   . VAL A 1 69 ? 9.641   13.695  -7.946  1.00 11.16 ? 382 VAL A O   1 
ATOM   482  C CB  . VAL A 1 69 ? 9.663   10.393  -8.042  1.00 13.38 ? 382 VAL A CB  1 
ATOM   483  C CG1 . VAL A 1 69 ? 9.789   9.161   -7.172  1.00 14.62 ? 382 VAL A CG1 1 
ATOM   484  C CG2 . VAL A 1 69 ? 8.172   10.823  -8.232  1.00 13.35 ? 382 VAL A CG2 1 
ATOM   485  N N   . THR A 1 70 ? 11.033  12.838  -9.480  1.00 13.48 ? 383 THR A N   1 
ATOM   486  C CA  . THR A 1 70 ? 10.796  13.882  -10.496 1.00 13.45 ? 383 THR A CA  1 
ATOM   487  C C   . THR A 1 70 ? 9.430   13.727  -11.189 1.00 14.26 ? 383 THR A C   1 
ATOM   488  O O   . THR A 1 70 ? 8.799   12.647  -11.181 1.00 13.70 ? 383 THR A O   1 
ATOM   489  C CB  . THR A 1 70 ? 11.906  13.861  -11.577 1.00 13.69 ? 383 THR A CB  1 
ATOM   490  O OG1 . THR A 1 70 ? 11.737  12.683  -12.368 1.00 11.74 ? 383 THR A OG1 1 
ATOM   491  C CG2 . THR A 1 70 ? 13.309  13.863  -10.943 1.00 13.77 ? 383 THR A CG2 1 
ATOM   492  N N   . HIS A 1 71 ? 8.972   14.801  -11.811 1.00 13.87 ? 384 HIS A N   1 
ATOM   493  C CA  . HIS A 1 71 ? 7.730   14.748  -12.546 1.00 14.62 ? 384 HIS A CA  1 
ATOM   494  C C   . HIS A 1 71 ? 7.797   13.664  -13.627 1.00 14.45 ? 384 HIS A C   1 
ATOM   495  O O   . HIS A 1 71 ? 6.874   12.848  -13.734 1.00 14.82 ? 384 HIS A O   1 
ATOM   496  C CB  . HIS A 1 71 ? 7.407   16.091  -13.191 1.00 15.65 ? 384 HIS A CB  1 
ATOM   497  C CG  . HIS A 1 71 ? 6.034   16.143  -13.772 1.00 15.69 ? 384 HIS A CG  1 
ATOM   498  N ND1 . HIS A 1 71 ? 4.911   16.343  -13.002 1.00 18.57 ? 384 HIS A ND1 1 
ATOM   499  C CD2 . HIS A 1 71 ? 5.596   15.972  -15.040 1.00 14.58 ? 384 HIS A CD2 1 
ATOM   500  C CE1 . HIS A 1 71 ? 3.841   16.329  -13.777 1.00 18.12 ? 384 HIS A CE1 1 
ATOM   501  N NE2 . HIS A 1 71 ? 4.233   16.106  -15.019 1.00 18.93 ? 384 HIS A NE2 1 
ATOM   502  N N   . GLU A 1 72 ? 8.891   13.640  -14.398 1.00 13.37 ? 385 GLU A N   1 
ATOM   503  C CA  . GLU A 1 72 ? 9.038   12.652  -15.467 1.00 14.08 ? 385 GLU A CA  1 
ATOM   504  C C   . GLU A 1 72 ? 9.023   11.209  -14.943 1.00 13.49 ? 385 GLU A C   1 
ATOM   505  O O   . GLU A 1 72 ? 8.429   10.320  -15.567 1.00 13.76 ? 385 GLU A O   1 
ATOM   506  C CB  . GLU A 1 72 ? 10.301  12.921  -16.312 1.00 15.03 ? 385 GLU A CB  1 
ATOM   507  N N   . GLU A 1 73 ? 9.641   10.970  -13.784 1.00 13.36 ? 386 GLU A N   1 
ATOM   508  C CA  . GLU A 1 73 ? 9.580   9.650   -13.156 1.00 12.83 ? 386 GLU A CA  1 
ATOM   509  C C   . GLU A 1 73 ? 8.140   9.220   -12.815 1.00 12.64 ? 386 GLU A C   1 
ATOM   510  O O   . GLU A 1 73 ? 7.750   8.062   -13.017 1.00 11.95 ? 386 GLU A O   1 
ATOM   511  C CB  . GLU A 1 73 ? 10.466  9.610   -11.904 1.00 13.64 ? 386 GLU A CB  1 
ATOM   512  C CG  . GLU A 1 73 ? 11.921  9.325   -12.273 1.00 17.52 ? 386 GLU A CG  1 
ATOM   513  C CD  . GLU A 1 73 ? 12.952  9.776   -11.248 1.00 22.54 ? 386 GLU A CD  1 
ATOM   514  O OE1 . GLU A 1 73 ? 12.589  10.250  -10.151 1.00 19.53 ? 386 GLU A OE1 1 
ATOM   515  O OE2 . GLU A 1 73 ? 14.159  9.641   -11.574 1.00 25.37 ? 386 GLU A OE2 1 
ATOM   516  N N   . ALA A 1 74 ? 7.348   10.150  -12.289 1.00 11.75 ? 387 ALA A N   1 
ATOM   517  C CA  . ALA A 1 74 ? 5.969   9.823   -11.937 1.00 10.85 ? 387 ALA A CA  1 
ATOM   518  C C   . ALA A 1 74 ? 5.105   9.610   -13.195 1.00 11.39 ? 387 ALA A C   1 
ATOM   519  O O   . ALA A 1 74 ? 4.290   8.686   -13.245 1.00 10.26 ? 387 ALA A O   1 
ATOM   520  C CB  . ALA A 1 74 ? 5.392   10.908  -11.037 1.00 11.59 ? 387 ALA A CB  1 
ATOM   521  N N   . VAL A 1 75 ? 5.288   10.456  -14.205 1.00 12.28 ? 388 VAL A N   1 
ATOM   522  C CA  . VAL A 1 75 ? 4.591   10.266  -15.479 1.00 13.20 ? 388 VAL A CA  1 
ATOM   523  C C   . VAL A 1 75 ? 4.910   8.873   -16.064 1.00 13.52 ? 388 VAL A C   1 
ATOM   524  O O   . VAL A 1 75 ? 4.009   8.120   -16.429 1.00 13.14 ? 388 VAL A O   1 
ATOM   525  C CB  . VAL A 1 75 ? 4.953   11.371  -16.507 1.00 14.01 ? 388 VAL A CB  1 
ATOM   526  C CG1 . VAL A 1 75 ? 4.446   10.976  -17.886 1.00 14.90 ? 388 VAL A CG1 1 
ATOM   527  C CG2 . VAL A 1 75 ? 4.389   12.744  -16.085 1.00 13.90 ? 388 VAL A CG2 1 
ATOM   528  N N   . THR A 1 76 ? 6.195   8.543   -16.158 1.00 13.40 ? 389 THR A N   1 
ATOM   529  C CA  . THR A 1 76 ? 6.622   7.222   -16.640 1.00 13.41 ? 389 THR A CA  1 
ATOM   530  C C   . THR A 1 76 ? 5.958   6.100   -15.846 1.00 13.50 ? 389 THR A C   1 
ATOM   531  O O   . THR A 1 76 ? 5.410   5.164   -16.431 1.00 13.02 ? 389 THR A O   1 
ATOM   532  C CB  . THR A 1 76 ? 8.160   7.084   -16.568 1.00 13.69 ? 389 THR A CB  1 
ATOM   533  O OG1 . THR A 1 76 ? 8.735   8.004   -17.492 1.00 16.25 ? 389 THR A OG1 1 
ATOM   534  C CG2 . THR A 1 76 ? 8.635   5.635   -16.883 1.00 14.18 ? 389 THR A CG2 1 
ATOM   535  N N   . ALA A 1 77 ? 5.989   6.214   -14.516 1.00 12.72 ? 390 ALA A N   1 
ATOM   536  C CA  . ALA A 1 77 ? 5.427   5.200   -13.633 1.00 13.02 ? 390 ALA A CA  1 
ATOM   537  C C   . ALA A 1 77 ? 3.953   4.979   -13.902 1.00 13.07 ? 390 ALA A C   1 
ATOM   538  O O   . ALA A 1 77 ? 3.511   3.832   -14.010 1.00 12.98 ? 390 ALA A O   1 
ATOM   539  C CB  . ALA A 1 77 ? 5.645   5.581   -12.154 1.00 11.61 ? 390 ALA A CB  1 
ATOM   540  N N   . LEU A 1 78 ? 3.207   6.078   -14.035 1.00 13.77 ? 391 LEU A N   1 
ATOM   541  C CA  . LEU A 1 78 ? 1.756   6.023   -14.233 1.00 14.63 ? 391 LEU A CA  1 
ATOM   542  C C   . LEU A 1 78 ? 1.355   5.514   -15.634 1.00 16.25 ? 391 LEU A C   1 
ATOM   543  O O   . LEU A 1 78 ? 0.302   4.892   -15.790 1.00 17.05 ? 391 LEU A O   1 
ATOM   544  C CB  . LEU A 1 78 ? 1.116   7.385   -13.943 1.00 14.29 ? 391 LEU A CB  1 
ATOM   545  C CG  . LEU A 1 78 ? 1.201   7.827   -12.467 1.00 12.60 ? 391 LEU A CG  1 
ATOM   546  C CD1 . LEU A 1 78 ? 0.931   9.337   -12.267 1.00 15.29 ? 391 LEU A CD1 1 
ATOM   547  C CD2 . LEU A 1 78 ? 0.299   6.949   -11.550 1.00 11.11 ? 391 LEU A CD2 1 
ATOM   548  N N   . LYS A 1 79 ? 2.186   5.801   -16.630 1.00 16.49 ? 392 LYS A N   1 
ATOM   549  C CA  . LYS A 1 79 ? 1.940   5.374   -18.015 1.00 18.18 ? 392 LYS A CA  1 
ATOM   550  C C   . LYS A 1 79 ? 2.235   3.898   -18.216 1.00 18.39 ? 392 LYS A C   1 
ATOM   551  O O   . LYS A 1 79 ? 1.564   3.236   -19.013 1.00 19.45 ? 392 LYS A O   1 
ATOM   552  C CB  . LYS A 1 79 ? 2.789   6.173   -18.997 1.00 18.01 ? 392 LYS A CB  1 
ATOM   553  C CG  . LYS A 1 79 ? 2.456   7.628   -19.116 1.00 19.75 ? 392 LYS A CG  1 
ATOM   554  N N   . ASN A 1 80 ? 3.225   3.378   -17.492 1.00 18.64 ? 393 ASN A N   1 
ATOM   555  C CA  . ASN A 1 80 ? 3.776   2.055   -17.771 1.00 18.84 ? 393 ASN A CA  1 
ATOM   556  C C   . ASN A 1 80 ? 3.452   1.006   -16.725 1.00 19.23 ? 393 ASN A C   1 
ATOM   557  O O   . ASN A 1 80 ? 4.082   -0.031  -16.659 1.00 20.01 ? 393 ASN A O   1 
ATOM   558  C CB  . ASN A 1 80 ? 5.285   2.144   -18.068 1.00 18.29 ? 393 ASN A CB  1 
ATOM   559  C CG  . ASN A 1 80 ? 5.566   2.963   -19.325 1.00 19.02 ? 393 ASN A CG  1 
ATOM   560  O OD1 . ASN A 1 80 ? 5.256   2.525   -20.439 1.00 18.52 ? 393 ASN A OD1 1 
ATOM   561  N ND2 . ASN A 1 80 ? 6.105   4.179   -19.147 1.00 16.23 ? 393 ASN A ND2 1 
ATOM   562  N N   . THR A 1 81 ? 2.428   1.281   -15.922 1.00 20.26 ? 394 THR A N   1 
ATOM   563  C CA  . THR A 1 81 ? 1.904   0.283   -15.000 1.00 20.71 ? 394 THR A CA  1 
ATOM   564  C C   . THR A 1 81 ? 1.328   -0.889  -15.770 1.00 20.23 ? 394 THR A C   1 
ATOM   565  O O   . THR A 1 81 ? 1.013   -0.783  -16.962 1.00 20.45 ? 394 THR A O   1 
ATOM   566  C CB  . THR A 1 81 ? 0.726   0.828   -14.158 1.00 20.92 ? 394 THR A CB  1 
ATOM   567  O OG1 . THR A 1 81 ? -0.441  0.930   -14.988 1.00 22.65 ? 394 THR A OG1 1 
ATOM   568  C CG2 . THR A 1 81 ? 1.045   2.154   -13.581 1.00 21.58 ? 394 THR A CG2 1 
ATOM   569  N N   . SER A 1 82 ? 1.150   -1.998  -15.070 1.00 20.40 ? 395 SER A N   1 
ATOM   570  C CA  . SER A 1 82 ? 0.361   -3.099  -15.572 1.00 20.37 ? 395 SER A CA  1 
ATOM   571  C C   . SER A 1 82 ? -1.121  -2.690  -15.627 1.00 20.41 ? 395 SER A C   1 
ATOM   572  O O   . SER A 1 82 ? -1.499  -1.601  -15.173 1.00 19.85 ? 395 SER A O   1 
ATOM   573  C CB  . SER A 1 82 ? 0.545   -4.311  -14.661 1.00 20.70 ? 395 SER A CB  1 
ATOM   574  O OG  . SER A 1 82 ? 0.330   -3.949  -13.303 1.00 21.22 ? 395 SER A OG  1 
ATOM   575  N N   . ASP A 1 83 ? -1.947  -3.584  -16.158 1.00 19.80 ? 396 ASP A N   1 
ATOM   576  C CA  . ASP A 1 83 ? -3.380  -3.351  -16.342 1.00 20.24 ? 396 ASP A CA  1 
ATOM   577  C C   . ASP A 1 83 ? -4.108  -3.092  -15.040 1.00 18.96 ? 396 ASP A C   1 
ATOM   578  O O   . ASP A 1 83 ? -5.006  -2.252  -14.969 1.00 19.23 ? 396 ASP A O   1 
ATOM   579  C CB  . ASP A 1 83 ? -4.024  -4.560  -17.027 1.00 21.39 ? 396 ASP A CB  1 
ATOM   580  C CG  . ASP A 1 83 ? -3.515  -4.769  -18.437 1.00 24.90 ? 396 ASP A CG  1 
ATOM   581  O OD1 . ASP A 1 83 ? -3.161  -5.929  -18.771 1.00 28.53 ? 396 ASP A OD1 1 
ATOM   582  O OD2 . ASP A 1 83 ? -3.460  -3.769  -19.198 1.00 29.00 ? 396 ASP A OD2 1 
ATOM   583  N N   . PHE A 1 84 ? -3.716  -3.849  -14.023 1.00 17.02 ? 397 PHE A N   1 
ATOM   584  C CA  . PHE A 1 84 ? -4.385  -3.819  -12.740 1.00 16.21 ? 397 PHE A CA  1 
ATOM   585  C C   . PHE A 1 84 ? -3.525  -3.005  -11.775 1.00 14.76 ? 397 PHE A C   1 
ATOM   586  O O   . PHE A 1 84 ? -2.351  -3.314  -11.557 1.00 13.87 ? 397 PHE A O   1 
ATOM   587  C CB  . PHE A 1 84 ? -4.563  -5.230  -12.227 1.00 16.22 ? 397 PHE A CB  1 
ATOM   588  C CG  . PHE A 1 84 ? -5.354  -6.139  -13.145 1.00 17.39 ? 397 PHE A CG  1 
ATOM   589  C CD1 . PHE A 1 84 ? -6.444  -5.669  -13.887 1.00 19.76 ? 397 PHE A CD1 1 
ATOM   590  C CD2 . PHE A 1 84 ? -5.028  -7.492  -13.226 1.00 19.90 ? 397 PHE A CD2 1 
ATOM   591  C CE1 . PHE A 1 84 ? -7.189  -6.539  -14.710 1.00 19.90 ? 397 PHE A CE1 1 
ATOM   592  C CE2 . PHE A 1 84 ? -5.777  -8.370  -14.029 1.00 20.26 ? 397 PHE A CE2 1 
ATOM   593  C CZ  . PHE A 1 84 ? -6.846  -7.889  -14.774 1.00 19.18 ? 397 PHE A CZ  1 
ATOM   594  N N   . VAL A 1 85 ? -4.116  -1.963  -11.213 1.00 13.77 ? 398 VAL A N   1 
ATOM   595  C CA  . VAL A 1 85 ? -3.341  -0.965  -10.487 1.00 12.73 ? 398 VAL A CA  1 
ATOM   596  C C   . VAL A 1 85 ? -3.851  -0.769  -9.066  1.00 12.36 ? 398 VAL A C   1 
ATOM   597  O O   . VAL A 1 85 ? -5.062  -0.585  -8.849  1.00 11.71 ? 398 VAL A O   1 
ATOM   598  C CB  . VAL A 1 85 ? -3.409  0.376   -11.195 1.00 13.72 ? 398 VAL A CB  1 
ATOM   599  C CG1 . VAL A 1 85 ? -2.755  1.472   -10.360 1.00 13.23 ? 398 VAL A CG1 1 
ATOM   600  C CG2 . VAL A 1 85 ? -2.741  0.278   -12.568 1.00 13.54 ? 398 VAL A CG2 1 
ATOM   601  N N   . TYR A 1 86 ? -2.897  -0.759  -8.129  1.00 10.84 ? 399 TYR A N   1 
ATOM   602  C CA  . TYR A 1 86 ? -3.135  -0.410  -6.740  1.00 10.65 ? 399 TYR A CA  1 
ATOM   603  C C   . TYR A 1 86 ? -2.486  0.925   -6.549  1.00 10.05 ? 399 TYR A C   1 
ATOM   604  O O   . TYR A 1 86 ? -1.257  1.018   -6.548  1.00 10.04 ? 399 TYR A O   1 
ATOM   605  C CB  . TYR A 1 86 ? -2.447  -1.399  -5.792  1.00 11.60 ? 399 TYR A CB  1 
ATOM   606  C CG  . TYR A 1 86 ? -3.041  -2.793  -5.765  1.00 10.01 ? 399 TYR A CG  1 
ATOM   607  C CD1 . TYR A 1 86 ? -2.465  -3.826  -6.506  1.00 8.68  ? 399 TYR A CD1 1 
ATOM   608  C CD2 . TYR A 1 86 ? -4.177  -3.063  -5.012  1.00 10.60 ? 399 TYR A CD2 1 
ATOM   609  C CE1 . TYR A 1 86 ? -3.018  -5.108  -6.493  1.00 13.93 ? 399 TYR A CE1 1 
ATOM   610  C CE2 . TYR A 1 86 ? -4.731  -4.359  -4.971  1.00 9.73  ? 399 TYR A CE2 1 
ATOM   611  C CZ  . TYR A 1 86 ? -4.139  -5.362  -5.711  1.00 12.53 ? 399 TYR A CZ  1 
ATOM   612  O OH  . TYR A 1 86 ? -4.666  -6.644  -5.681  1.00 13.51 ? 399 TYR A OH  1 
ATOM   613  N N   . LEU A 1 87 ? -3.303  1.966   -6.425  1.00 9.42  ? 400 LEU A N   1 
ATOM   614  C CA  . LEU A 1 87 ? -2.776  3.330   -6.318  1.00 9.85  ? 400 LEU A CA  1 
ATOM   615  C C   . LEU A 1 87 ? -2.912  3.744   -4.865  1.00 9.74  ? 400 LEU A C   1 
ATOM   616  O O   . LEU A 1 87 ? -4.040  3.822   -4.368  1.00 10.45 ? 400 LEU A O   1 
ATOM   617  C CB  . LEU A 1 87 ? -3.576  4.258   -7.256  1.00 9.16  ? 400 LEU A CB  1 
ATOM   618  C CG  . LEU A 1 87 ? -3.205  5.730   -7.406  1.00 11.12 ? 400 LEU A CG  1 
ATOM   619  C CD1 . LEU A 1 87 ? -1.828  5.887   -8.109  1.00 11.13 ? 400 LEU A CD1 1 
ATOM   620  C CD2 . LEU A 1 87 ? -4.280  6.506   -8.173  1.00 11.18 ? 400 LEU A CD2 1 
ATOM   621  N N   . LYS A 1 88 ? -1.784  4.003   -4.189  1.00 10.28 ? 401 LYS A N   1 
ATOM   622  C CA  . LYS A 1 88 ? -1.830  4.498   -2.813  1.00 11.33 ? 401 LYS A CA  1 
ATOM   623  C C   . LYS A 1 88 ? -1.791  6.007   -2.814  1.00 10.99 ? 401 LYS A C   1 
ATOM   624  O O   . LYS A 1 88 ? -0.935  6.626   -3.475  1.00 10.08 ? 401 LYS A O   1 
ATOM   625  C CB  . LYS A 1 88 ? -0.694  3.954   -1.939  1.00 12.13 ? 401 LYS A CB  1 
ATOM   626  C CG  . LYS A 1 88 ? -0.861  2.509   -1.567  1.00 15.17 ? 401 LYS A CG  1 
ATOM   627  C CD  . LYS A 1 88 ? 0.279   1.984   -0.718  1.00 20.77 ? 401 LYS A CD  1 
ATOM   628  C CE  . LYS A 1 88 ? 0.077   0.504   -0.381  1.00 22.85 ? 401 LYS A CE  1 
ATOM   629  N NZ  . LYS A 1 88 ? -0.036  -0.326  -1.622  1.00 26.36 ? 401 LYS A NZ  1 
ATOM   630  N N   . VAL A 1 89 ? -2.706  6.598   -2.044  1.00 11.91 ? 402 VAL A N   1 
ATOM   631  C CA  . VAL A 1 89 ? -2.864  8.038   -2.025  1.00 12.68 ? 402 VAL A CA  1 
ATOM   632  C C   . VAL A 1 89 ? -2.993  8.568   -0.590  1.00 13.70 ? 402 VAL A C   1 
ATOM   633  O O   . VAL A 1 89 ? -3.353  7.828   0.328   1.00 13.49 ? 402 VAL A O   1 
ATOM   634  C CB  . VAL A 1 89 ? -4.067  8.534   -2.950  1.00 12.30 ? 402 VAL A CB  1 
ATOM   635  C CG1 . VAL A 1 89 ? -3.932  7.987   -4.416  1.00 11.50 ? 402 VAL A CG1 1 
ATOM   636  C CG2 . VAL A 1 89 ? -5.444  8.152   -2.395  1.00 13.46 ? 402 VAL A CG2 1 
ATOM   637  N N   . ALA A 1 90 ? -2.651  9.838   -0.413  1.00 14.26 ? 403 ALA A N   1 
ATOM   638  C CA  . ALA A 1 90 ? -2.905  10.544  0.841   1.00 15.41 ? 403 ALA A CA  1 
ATOM   639  C C   . ALA A 1 90 ? -3.847  11.706  0.560   1.00 16.90 ? 403 ALA A C   1 
ATOM   640  O O   . ALA A 1 90 ? -3.569  12.580  -0.285  1.00 16.15 ? 403 ALA A O   1 
ATOM   641  C CB  . ALA A 1 90 ? -1.616  11.014  1.472   1.00 15.64 ? 403 ALA A CB  1 
ATOM   642  N N   . LYS A 1 91 ? -4.976  11.681  1.252   1.00 18.66 ? 404 LYS A N   1 
ATOM   643  C CA  . LYS A 1 91 ? -5.961  12.758  1.204   1.00 21.94 ? 404 LYS A CA  1 
ATOM   644  C C   . LYS A 1 91 ? -5.442  13.902  2.067   1.00 23.42 ? 404 LYS A C   1 
ATOM   645  O O   . LYS A 1 91 ? -5.189  13.693  3.250   1.00 24.21 ? 404 LYS A O   1 
ATOM   646  C CB  . LYS A 1 91 ? -7.315  12.290  1.769   1.00 21.79 ? 404 LYS A CB  1 
ATOM   647  C CG  . LYS A 1 91 ? -7.941  11.000  1.174   1.00 23.93 ? 404 LYS A CG  1 
ATOM   648  C CD  . LYS A 1 91 ? -7.987  11.008  -0.319  1.00 20.65 ? 404 LYS A CD  1 
ATOM   649  C CE  . LYS A 1 91 ? -9.225  10.295  -0.910  1.00 18.28 ? 404 LYS A CE  1 
ATOM   650  N NZ  . LYS A 1 91 ? -9.701  11.033  -2.134  1.00 11.75 ? 404 LYS A NZ  1 
ATOM   651  N N   . PRO A 1 92 ? -5.325  15.112  1.499   1.00 25.59 ? 405 PRO A N   1 
ATOM   652  C CA  . PRO A 1 92 ? -4.728  16.268  2.190   1.00 27.47 ? 405 PRO A CA  1 
ATOM   653  C C   . PRO A 1 92 ? -5.573  16.694  3.387   1.00 29.19 ? 405 PRO A C   1 
ATOM   654  O O   . PRO A 1 92 ? -6.788  16.500  3.386   1.00 29.33 ? 405 PRO A O   1 
ATOM   655  C CB  . PRO A 1 92 ? -4.777  17.372  1.124   1.00 27.46 ? 405 PRO A CB  1 
ATOM   656  C CG  . PRO A 1 92 ? -5.924  16.969  0.229   1.00 27.02 ? 405 PRO A CG  1 
ATOM   657  C CD  . PRO A 1 92 ? -5.825  15.480  0.161   1.00 25.74 ? 405 PRO A CD  1 
ATOM   658  N N   . THR A 1 93 ? -4.942  17.275  4.398   1.00 31.93 ? 406 THR A N   1 
ATOM   659  C CA  . THR A 1 93 ? -5.706  17.727  5.560   1.00 34.35 ? 406 THR A CA  1 
ATOM   660  C C   . THR A 1 93 ? -6.076  19.216  5.486   1.00 35.37 ? 406 THR A C   1 
ATOM   661  O O   . THR A 1 93 ? -7.178  19.592  5.877   1.00 36.49 ? 406 THR A O   1 
ATOM   662  C CB  . THR A 1 93 ? -5.042  17.316  6.912   1.00 34.64 ? 406 THR A CB  1 
ATOM   663  O OG1 . THR A 1 93 ? -5.777  17.879  8.013   1.00 35.58 ? 406 THR A OG1 1 
ATOM   664  C CG2 . THR A 1 93 ? -3.570  17.733  6.974   1.00 35.10 ? 406 THR A CG2 1 
ATOM   665  N N   . SER A 1 94 ? -5.186  20.047  4.942   1.00 36.38 ? 407 SER A N   1 
ATOM   666  C CA  . SER A 1 94 ? -5.412  21.492  4.907   1.00 36.85 ? 407 SER A CA  1 
ATOM   667  C C   . SER A 1 94 ? -6.084  22.006  3.627   1.00 37.37 ? 407 SER A C   1 
ATOM   668  O O   . SER A 1 94 ? -6.687  21.239  2.867   1.00 37.56 ? 407 SER A O   1 
ATOM   669  C CB  . SER A 1 94 ? -4.114  22.261  5.205   1.00 37.15 ? 407 SER A CB  1 
ATOM   670  O OG  . SER A 1 94 ? -3.176  22.162  4.139   1.00 37.83 ? 407 SER A OG  1 
ATOM   671  N N   . ILE B 1 4  ? 5.071   -6.476  -4.720  1.00 26.74 ? 317 ILE B N   1 
ATOM   672  C CA  . ILE B 1 4  ? 5.811   -6.538  -3.413  1.00 27.30 ? 317 ILE B CA  1 
ATOM   673  C C   . ILE B 1 4  ? 6.159   -5.140  -2.862  1.00 27.13 ? 317 ILE B C   1 
ATOM   674  O O   . ILE B 1 4  ? 6.699   -4.293  -3.573  1.00 28.04 ? 317 ILE B O   1 
ATOM   675  C CB  . ILE B 1 4  ? 7.067   -7.464  -3.499  1.00 27.02 ? 317 ILE B CB  1 
ATOM   676  C CG1 . ILE B 1 4  ? 6.627   -8.923  -3.676  1.00 28.08 ? 317 ILE B CG1 1 
ATOM   677  C CG2 . ILE B 1 4  ? 7.953   -7.311  -2.267  1.00 28.01 ? 317 ILE B CG2 1 
ATOM   678  C CD1 . ILE B 1 4  ? 7.764   -9.929  -3.939  1.00 27.47 ? 317 ILE B CD1 1 
ATOM   679  N N   . MET B 1 5  ? 5.806   -4.895  -1.602  1.00 26.60 ? 318 MET B N   1 
ATOM   680  C CA  . MET B 1 5  ? 6.020   -3.596  -0.971  1.00 25.85 ? 318 MET B CA  1 
ATOM   681  C C   . MET B 1 5  ? 6.552   -3.788  0.450   1.00 24.51 ? 318 MET B C   1 
ATOM   682  O O   . MET B 1 5  ? 6.398   -4.853  1.043   1.00 23.07 ? 318 MET B O   1 
ATOM   683  C CB  . MET B 1 5  ? 4.720   -2.780  -0.929  1.00 27.39 ? 318 MET B CB  1 
ATOM   684  C CG  . MET B 1 5  ? 4.020   -2.559  -2.290  1.00 28.86 ? 318 MET B CG  1 
ATOM   685  S SD  . MET B 1 5  ? 2.784   -3.823  -2.692  1.00 34.26 ? 318 MET B SD  1 
ATOM   686  C CE  . MET B 1 5  ? 2.132   -3.163  -4.238  1.00 30.78 ? 318 MET B CE  1 
ATOM   687  N N   . GLU B 1 6  ? 7.197   -2.760  0.983   1.00 22.74 ? 319 GLU B N   1 
ATOM   688  C CA  . GLU B 1 6  ? 7.704   -2.817  2.345   1.00 21.62 ? 319 GLU B CA  1 
ATOM   689  C C   . GLU B 1 6  ? 6.912   -1.848  3.198   1.00 20.01 ? 319 GLU B C   1 
ATOM   690  O O   . GLU B 1 6  ? 6.611   -0.741  2.769   1.00 20.94 ? 319 GLU B O   1 
ATOM   691  C CB  . GLU B 1 6  ? 9.200   -2.538  2.383   1.00 22.62 ? 319 GLU B CB  1 
ATOM   692  C CG  . GLU B 1 6  ? 9.994   -3.724  1.861   1.00 26.40 ? 319 GLU B CG  1 
ATOM   693  C CD  . GLU B 1 6  ? 11.474  -3.451  1.673   1.00 32.12 ? 319 GLU B CD  1 
ATOM   694  O OE1 . GLU B 1 6  ? 11.853  -2.309  1.324   1.00 33.46 ? 319 GLU B OE1 1 
ATOM   695  O OE2 . GLU B 1 6  ? 12.270  -4.398  1.876   1.00 35.78 ? 319 GLU B OE2 1 
ATOM   696  N N   . ILE B 1 7  ? 6.547   -2.281  4.390   1.00 17.13 ? 320 ILE B N   1 
ATOM   697  C CA  . ILE B 1 7  ? 5.775   -1.454  5.312   1.00 15.56 ? 320 ILE B CA  1 
ATOM   698  C C   . ILE B 1 7  ? 6.523   -1.445  6.616   1.00 16.09 ? 320 ILE B C   1 
ATOM   699  O O   . ILE B 1 7  ? 6.881   -2.503  7.130   1.00 15.64 ? 320 ILE B O   1 
ATOM   700  C CB  . ILE B 1 7  ? 4.330   -1.981  5.514   1.00 14.87 ? 320 ILE B CB  1 
ATOM   701  C CG1 . ILE B 1 7  ? 3.565   -1.929  4.178   1.00 13.14 ? 320 ILE B CG1 1 
ATOM   702  C CG2 . ILE B 1 7  ? 3.588   -1.182  6.620   1.00 13.31 ? 320 ILE B CG2 1 
ATOM   703  C CD1 . ILE B 1 7  ? 2.225   -2.590  4.175   1.00 15.23 ? 320 ILE B CD1 1 
ATOM   704  N N   . LYS B 1 8  ? 6.733   -0.239  7.138   1.00 15.98 ? 321 LYS B N   1 
ATOM   705  C CA  . LYS B 1 8  ? 7.497   -0.035  8.348   1.00 16.08 ? 321 LYS B CA  1 
ATOM   706  C C   . LYS B 1 8  ? 6.569   0.503   9.424   1.00 15.08 ? 321 LYS B C   1 
ATOM   707  O O   . LYS B 1 8  ? 5.889   1.480   9.202   1.00 15.22 ? 321 LYS B O   1 
ATOM   708  C CB  . LYS B 1 8  ? 8.616   0.973   8.057   1.00 16.34 ? 321 LYS B CB  1 
ATOM   709  C CG  . LYS B 1 8  ? 9.762   0.371   7.267   1.00 19.18 ? 321 LYS B CG  1 
ATOM   710  C CD  . LYS B 1 8  ? 10.817  1.415   6.909   1.00 24.46 ? 321 LYS B CD  1 
ATOM   711  C CE  . LYS B 1 8  ? 10.579  1.972   5.519   1.00 25.89 ? 321 LYS B CE  1 
ATOM   712  N NZ  . LYS B 1 8  ? 11.887  2.098   4.816   1.00 28.33 ? 321 LYS B NZ  1 
ATOM   713  N N   . LEU B 1 9  ? 6.532   -0.150  10.579  1.00 15.03 ? 322 LEU B N   1 
ATOM   714  C CA  . LEU B 1 9  ? 5.621   0.246   11.640  1.00 14.17 ? 322 LEU B CA  1 
ATOM   715  C C   . LEU B 1 9  ? 6.352   0.394   12.962  1.00 14.98 ? 322 LEU B C   1 
ATOM   716  O O   . LEU B 1 9  ? 7.292   -0.356  13.246  1.00 14.48 ? 322 LEU B O   1 
ATOM   717  C CB  . LEU B 1 9  ? 4.531   -0.811  11.817  1.00 15.03 ? 322 LEU B CB  1 
ATOM   718  C CG  . LEU B 1 9  ? 3.610   -1.123  10.610  1.00 12.72 ? 322 LEU B CG  1 
ATOM   719  C CD1 . LEU B 1 9  ? 2.634   -2.220  11.019  1.00 10.48 ? 322 LEU B CD1 1 
ATOM   720  C CD2 . LEU B 1 9  ? 2.841   0.104   10.172  1.00 13.97 ? 322 LEU B CD2 1 
ATOM   721  N N   . ILE B 1 10 ? 5.885   1.346   13.759  1.00 14.18 ? 323 ILE B N   1 
ATOM   722  C CA  . ILE B 1 10 ? 6.251   1.427   15.159  1.00 14.67 ? 323 ILE B CA  1 
ATOM   723  C C   . ILE B 1 10 ? 5.163   0.693   15.928  1.00 14.70 ? 323 ILE B C   1 
ATOM   724  O O   . ILE B 1 10 ? 3.973   1.006   15.796  1.00 14.60 ? 323 ILE B O   1 
ATOM   725  C CB  . ILE B 1 10 ? 6.356   2.880   15.652  1.00 14.62 ? 323 ILE B CB  1 
ATOM   726  C CG1 . ILE B 1 10 ? 7.524   3.582   14.950  1.00 15.84 ? 323 ILE B CG1 1 
ATOM   727  C CG2 . ILE B 1 10 ? 6.500   2.899   17.185  1.00 15.12 ? 323 ILE B CG2 1 
ATOM   728  C CD1 . ILE B 1 10 ? 7.635   5.090   15.218  1.00 13.94 ? 323 ILE B CD1 1 
ATOM   729  N N   . LYS B 1 11 ? 5.578   -0.300  16.690  1.00 15.34 ? 324 LYS B N   1 
ATOM   730  C CA  . LYS B 1 11 ? 4.666   -1.128  17.480  1.00 17.54 ? 324 LYS B CA  1 
ATOM   731  C C   . LYS B 1 11 ? 4.008   -0.306  18.584  1.00 19.27 ? 324 LYS B C   1 
ATOM   732  O O   . LYS B 1 11 ? 4.681   0.484   19.261  1.00 20.18 ? 324 LYS B O   1 
ATOM   733  C CB  . LYS B 1 11 ? 5.403   -2.340  18.050  1.00 17.17 ? 324 LYS B CB  1 
ATOM   734  C CG  . LYS B 1 11 ? 4.490   -3.338  18.701  1.00 18.42 ? 324 LYS B CG  1 
ATOM   735  C CD  . LYS B 1 11 ? 5.296   -4.371  19.457  1.00 23.52 ? 324 LYS B CD  1 
ATOM   736  C CE  . LYS B 1 11 ? 5.664   -5.508  18.555  1.00 26.20 ? 324 LYS B CE  1 
ATOM   737  N NZ  . LYS B 1 11 ? 6.184   -6.658  19.363  1.00 27.40 ? 324 LYS B NZ  1 
ATOM   738  N N   . GLY B 1 12 ? 2.692   -0.448  18.710  1.00 20.41 ? 325 GLY B N   1 
ATOM   739  C CA  . GLY B 1 12 ? 1.913   0.397   19.595  1.00 22.95 ? 325 GLY B CA  1 
ATOM   740  C C   . GLY B 1 12 ? 1.773   -0.254  20.955  1.00 24.16 ? 325 GLY B C   1 
ATOM   741  O O   . GLY B 1 12 ? 2.286   -1.357  21.170  1.00 24.64 ? 325 GLY B O   1 
ATOM   742  N N   . PRO B 1 13 ? 1.067   0.422   21.887  1.00 25.19 ? 326 PRO B N   1 
ATOM   743  C CA  . PRO B 1 13 ? 0.768   -0.202  23.171  1.00 25.51 ? 326 PRO B CA  1 
ATOM   744  C C   . PRO B 1 13 ? 0.018   -1.512  22.948  1.00 25.25 ? 326 PRO B C   1 
ATOM   745  O O   . PRO B 1 13 ? 0.226   -2.471  23.675  1.00 25.95 ? 326 PRO B O   1 
ATOM   746  C CB  . PRO B 1 13 ? -0.145  0.820   23.858  1.00 25.73 ? 326 PRO B CB  1 
ATOM   747  C CG  . PRO B 1 13 ? 0.171   2.105   23.233  1.00 25.84 ? 326 PRO B CG  1 
ATOM   748  C CD  . PRO B 1 13 ? 0.512   1.785   21.795  1.00 25.46 ? 326 PRO B CD  1 
ATOM   749  N N   . LYS B 1 14 ? -0.843  -1.542  21.931  1.00 25.06 ? 327 LYS B N   1 
ATOM   750  C CA  . LYS B 1 14 ? -1.576  -2.748  21.582  1.00 23.81 ? 327 LYS B CA  1 
ATOM   751  C C   . LYS B 1 14 ? -0.987  -3.539  20.406  1.00 22.90 ? 327 LYS B C   1 
ATOM   752  O O   . LYS B 1 14 ? -1.719  -4.228  19.693  1.00 23.90 ? 327 LYS B O   1 
ATOM   753  C CB  . LYS B 1 14 ? -3.048  -2.414  21.338  1.00 24.27 ? 327 LYS B CB  1 
ATOM   754  C CG  . LYS B 1 14 ? -3.808  -2.135  22.634  1.00 25.32 ? 327 LYS B CG  1 
ATOM   755  N N   . GLY B 1 15 ? 0.333   -3.475  20.233  1.00 20.41 ? 328 GLY B N   1 
ATOM   756  C CA  . GLY B 1 15 ? 1.018   -4.272  19.220  1.00 18.06 ? 328 GLY B CA  1 
ATOM   757  C C   . GLY B 1 15 ? 1.015   -3.577  17.873  1.00 16.71 ? 328 GLY B C   1 
ATOM   758  O O   . GLY B 1 15 ? 0.972   -2.350  17.807  1.00 17.15 ? 328 GLY B O   1 
ATOM   759  N N   . LEU B 1 16 ? 1.042   -4.363  16.795  1.00 15.89 ? 329 LEU B N   1 
ATOM   760  C CA  . LEU B 1 16 ? 1.058   -3.809  15.433  1.00 13.93 ? 329 LEU B CA  1 
ATOM   761  C C   . LEU B 1 16 ? -0.338  -3.511  14.884  1.00 13.67 ? 329 LEU B C   1 
ATOM   762  O O   . LEU B 1 16 ? -0.482  -2.743  13.917  1.00 12.95 ? 329 LEU B O   1 
ATOM   763  C CB  . LEU B 1 16 ? 1.778   -4.754  14.470  1.00 14.72 ? 329 LEU B CB  1 
ATOM   764  C CG  . LEU B 1 16 ? 3.240   -5.066  14.793  1.00 14.05 ? 329 LEU B CG  1 
ATOM   765  C CD1 . LEU B 1 16 ? 3.657   -6.266  14.019  1.00 12.34 ? 329 LEU B CD1 1 
ATOM   766  C CD2 . LEU B 1 16 ? 4.085   -3.850  14.463  1.00 16.18 ? 329 LEU B CD2 1 
ATOM   767  N N   . GLY B 1 17 ? -1.352  -4.120  15.491  1.00 12.75 ? 330 GLY B N   1 
ATOM   768  C CA  . GLY B 1 17 ? -2.757  -3.869  15.120  1.00 11.63 ? 330 GLY B CA  1 
ATOM   769  C C   . GLY B 1 17 ? -3.274  -4.545  13.842  1.00 10.71 ? 330 GLY B C   1 
ATOM   770  O O   . GLY B 1 17 ? -4.001  -3.950  13.029  1.00 8.92  ? 330 GLY B O   1 
ATOM   771  N N   . PHE B 1 18 ? -2.908  -5.803  13.644  1.00 10.86 ? 331 PHE B N   1 
ATOM   772  C CA  . PHE B 1 18 ? -3.557  -6.596  12.593  1.00 10.71 ? 331 PHE B CA  1 
ATOM   773  C C   . PHE B 1 18 ? -3.617  -8.077  12.964  1.00 11.15 ? 331 PHE B C   1 
ATOM   774  O O   . PHE B 1 18 ? -2.914  -8.516  13.868  1.00 11.67 ? 331 PHE B O   1 
ATOM   775  C CB  . PHE B 1 18 ? -2.876  -6.366  11.226  1.00 10.52 ? 331 PHE B CB  1 
ATOM   776  C CG  . PHE B 1 18 ? -1.431  -6.814  11.175  1.00 11.60 ? 331 PHE B CG  1 
ATOM   777  C CD1 . PHE B 1 18 ? -1.099  -8.120  10.829  1.00 12.61 ? 331 PHE B CD1 1 
ATOM   778  C CD2 . PHE B 1 18 ? -0.392  -5.911  11.435  1.00 15.10 ? 331 PHE B CD2 1 
ATOM   779  C CE1 . PHE B 1 18 ? 0.257   -8.528  10.774  1.00 11.36 ? 331 PHE B CE1 1 
ATOM   780  C CE2 . PHE B 1 18 ? 0.939   -6.314  11.362  1.00 12.65 ? 331 PHE B CE2 1 
ATOM   781  C CZ  . PHE B 1 18 ? 1.259   -7.614  11.013  1.00 11.53 ? 331 PHE B CZ  1 
ATOM   782  N N   . SER B 1 19 ? -4.517  -8.801  12.292  1.00 10.86 ? 332 SER B N   1 
ATOM   783  C CA  . SER B 1 19 ? -4.710  -10.214 12.479  1.00 11.56 ? 332 SER B CA  1 
ATOM   784  C C   . SER B 1 19 ? -4.260  -10.934 11.215  1.00 11.61 ? 332 SER B C   1 
ATOM   785  O O   . SER B 1 19 ? -4.313  -10.370 10.104  1.00 11.03 ? 332 SER B O   1 
ATOM   786  C CB  . SER B 1 19 ? -6.183  -10.543 12.756  1.00 12.23 ? 332 SER B CB  1 
ATOM   787  O OG  . SER B 1 19 ? -6.607  -9.963  13.996  1.00 15.04 ? 332 SER B OG  1 
ATOM   788  N N   . ILE B 1 20 ? -3.853  -12.185 11.397  1.00 10.76 ? 333 ILE B N   1 
ATOM   789  C CA  . ILE B 1 20 ? -3.368  -13.008 10.300  1.00 11.55 ? 333 ILE B CA  1 
ATOM   790  C C   . ILE B 1 20 ? -4.065  -14.373 10.309  1.00 11.16 ? 333 ILE B C   1 
ATOM   791  O O   . ILE B 1 20 ? -4.610  -14.801 11.327  1.00 11.27 ? 333 ILE B O   1 
ATOM   792  C CB  . ILE B 1 20 ? -1.818  -13.199 10.303  1.00 10.80 ? 333 ILE B CB  1 
ATOM   793  C CG1 . ILE B 1 20 ? -1.348  -13.916 11.593  1.00 13.62 ? 333 ILE B CG1 1 
ATOM   794  C CG2 . ILE B 1 20 ? -1.110  -11.858 10.069  1.00 12.17 ? 333 ILE B CG2 1 
ATOM   795  C CD1 . ILE B 1 20 ? 0.042   -14.532 11.533  1.00 11.88 ? 333 ILE B CD1 1 
ATOM   796  N N   . ALA B 1 21 ? -4.034  -15.037 9.157   1.00 11.86 ? 334 ALA B N   1 
ATOM   797  C CA  . ALA B 1 21 ? -4.469  -16.406 9.037   1.00 12.45 ? 334 ALA B CA  1 
ATOM   798  C C   . ALA B 1 21 ? -3.526  -17.038 8.027   1.00 12.88 ? 334 ALA B C   1 
ATOM   799  O O   . ALA B 1 21 ? -2.598  -16.376 7.533   1.00 13.93 ? 334 ALA B O   1 
ATOM   800  C CB  . ALA B 1 21 ? -5.919  -16.493 8.572   1.00 11.94 ? 334 ALA B CB  1 
ATOM   801  N N   . GLY B 1 22 ? -3.701  -18.320 7.766   1.00 13.28 ? 335 GLY B N   1 
ATOM   802  C CA  . GLY B 1 22 ? -2.833  -18.992 6.790   1.00 13.03 ? 335 GLY B CA  1 
ATOM   803  C C   . GLY B 1 22 ? -1.688  -19.751 7.438   1.00 13.15 ? 335 GLY B C   1 
ATOM   804  O O   . GLY B 1 22 ? -1.603  -19.840 8.675   1.00 14.03 ? 335 GLY B O   1 
ATOM   805  N N   . GLY B 1 23 ? -0.796  -20.285 6.600   1.00 12.90 ? 336 GLY B N   1 
ATOM   806  C CA  . GLY B 1 23 ? 0.326   -21.125 7.054   1.00 12.99 ? 336 GLY B CA  1 
ATOM   807  C C   . GLY B 1 23 ? 0.251   -22.559 6.551   1.00 13.84 ? 336 GLY B C   1 
ATOM   808  O O   . GLY B 1 23 ? -0.821  -23.055 6.216   1.00 14.62 ? 336 GLY B O   1 
ATOM   809  N N   . VAL B 1 24 ? 1.399   -23.224 6.504   1.00 14.02 ? 337 VAL B N   1 
ATOM   810  C CA  . VAL B 1 24 ? 1.459   -24.651 6.173   1.00 14.97 ? 337 VAL B CA  1 
ATOM   811  C C   . VAL B 1 24 ? 0.658   -25.407 7.248   1.00 15.56 ? 337 VAL B C   1 
ATOM   812  O O   . VAL B 1 24 ? 0.916   -25.274 8.448   1.00 16.32 ? 337 VAL B O   1 
ATOM   813  C CB  . VAL B 1 24 ? 2.936   -25.145 6.096   1.00 14.77 ? 337 VAL B CB  1 
ATOM   814  C CG1 . VAL B 1 24 ? 3.008   -26.671 5.891   1.00 15.47 ? 337 VAL B CG1 1 
ATOM   815  C CG2 . VAL B 1 24 ? 3.683   -24.403 5.001   1.00 13.50 ? 337 VAL B CG2 1 
ATOM   816  N N   . GLY B 1 25 ? -0.349  -26.164 6.820   1.00 16.49 ? 338 GLY B N   1 
ATOM   817  C CA  . GLY B 1 25 ? -1.160  -26.937 7.760   1.00 16.67 ? 338 GLY B CA  1 
ATOM   818  C C   . GLY B 1 25 ? -2.305  -26.146 8.363   1.00 16.75 ? 338 GLY B C   1 
ATOM   819  O O   . GLY B 1 25 ? -3.020  -26.641 9.253   1.00 16.05 ? 338 GLY B O   1 
ATOM   820  N N   . ASN B 1 26 ? -2.486  -24.926 7.858   1.00 16.45 ? 339 ASN B N   1 
ATOM   821  C CA  . ASN B 1 26 ? -3.515  -23.998 8.323   1.00 15.57 ? 339 ASN B CA  1 
ATOM   822  C C   . ASN B 1 26 ? -3.946  -23.099 7.167   1.00 15.75 ? 339 ASN B C   1 
ATOM   823  O O   . ASN B 1 26 ? -4.047  -21.877 7.304   1.00 15.10 ? 339 ASN B O   1 
ATOM   824  C CB  . ASN B 1 26 ? -2.961  -23.145 9.469   1.00 16.20 ? 339 ASN B CB  1 
ATOM   825  C CG  . ASN B 1 26 ? -4.032  -22.398 10.197  1.00 17.80 ? 339 ASN B CG  1 
ATOM   826  O OD1 . ASN B 1 26 ? -5.010  -22.983 10.635  1.00 20.48 ? 339 ASN B OD1 1 
ATOM   827  N ND2 . ASN B 1 26 ? -3.872  -21.081 10.309  1.00 19.94 ? 339 ASN B ND2 1 
ATOM   828  N N   . GLN B 1 27 ? -4.199  -23.702 6.011   1.00 14.63 ? 340 GLN B N   1 
ATOM   829  C CA  . GLN B 1 27 ? -4.445  -22.926 4.794   1.00 14.41 ? 340 GLN B CA  1 
ATOM   830  C C   . GLN B 1 27 ? -5.687  -22.035 4.887   1.00 14.54 ? 340 GLN B C   1 
ATOM   831  O O   . GLN B 1 27 ? -6.787  -22.513 5.177   1.00 14.01 ? 340 GLN B O   1 
ATOM   832  C CB  . GLN B 1 27 ? -4.586  -23.856 3.588   1.00 13.63 ? 340 GLN B CB  1 
ATOM   833  C CG  . GLN B 1 27 ? -3.449  -24.855 3.425   1.00 13.61 ? 340 GLN B CG  1 
ATOM   834  C CD  . GLN B 1 27 ? -3.574  -25.654 2.157   1.00 11.47 ? 340 GLN B CD  1 
ATOM   835  O OE1 . GLN B 1 27 ? -4.674  -26.097 1.767   1.00 12.03 ? 340 GLN B OE1 1 
ATOM   836  N NE2 . GLN B 1 27 ? -2.448  -25.849 1.490   1.00 11.90 ? 340 GLN B NE2 1 
ATOM   837  N N   . HIS B 1 28 ? -5.481  -20.743 4.637   1.00 14.89 ? 341 HIS B N   1 
ATOM   838  C CA  . HIS B 1 28 ? -6.544  -19.740 4.565   1.00 15.62 ? 341 HIS B CA  1 
ATOM   839  C C   . HIS B 1 28 ? -7.389  -19.912 3.300   1.00 15.62 ? 341 HIS B C   1 
ATOM   840  O O   . HIS B 1 28 ? -8.589  -19.603 3.290   1.00 15.34 ? 341 HIS B O   1 
ATOM   841  C CB  . HIS B 1 28 ? -5.901  -18.347 4.607   1.00 15.72 ? 341 HIS B CB  1 
ATOM   842  C CG  . HIS B 1 28 ? -6.878  -17.220 4.563   1.00 17.15 ? 341 HIS B CG  1 
ATOM   843  N ND1 . HIS B 1 28 ? -7.789  -16.984 5.574   1.00 18.42 ? 341 HIS B ND1 1 
ATOM   844  C CD2 . HIS B 1 28 ? -7.077  -16.251 3.639   1.00 19.17 ? 341 HIS B CD2 1 
ATOM   845  C CE1 . HIS B 1 28 ? -8.515  -15.924 5.264   1.00 19.23 ? 341 HIS B CE1 1 
ATOM   846  N NE2 . HIS B 1 28 ? -8.101  -15.462 4.096   1.00 20.00 ? 341 HIS B NE2 1 
ATOM   847  N N   . ILE B 1 29 ? -6.739  -20.401 2.243   1.00 15.73 ? 342 ILE B N   1 
ATOM   848  C CA  . ILE B 1 29 ? -7.350  -20.694 0.967   1.00 16.82 ? 342 ILE B CA  1 
ATOM   849  C C   . ILE B 1 29 ? -6.873  -22.100 0.588   1.00 16.74 ? 342 ILE B C   1 
ATOM   850  O O   . ILE B 1 29 ? -5.670  -22.348 0.535   1.00 15.91 ? 342 ILE B O   1 
ATOM   851  C CB  . ILE B 1 29 ? -6.910  -19.680 -0.144  1.00 16.68 ? 342 ILE B CB  1 
ATOM   852  C CG1 . ILE B 1 29 ? -7.332  -18.241 0.226   1.00 17.34 ? 342 ILE B CG1 1 
ATOM   853  C CG2 . ILE B 1 29 ? -7.462  -20.100 -1.522  1.00 18.40 ? 342 ILE B CG2 1 
ATOM   854  C CD1 . ILE B 1 29 ? -6.643  -17.130 -0.603  1.00 16.70 ? 342 ILE B CD1 1 
ATOM   855  N N   . PRO B 1 30 ? -7.805  -23.019 0.298   1.00 17.15 ? 343 PRO B N   1 
ATOM   856  C CA  . PRO B 1 30 ? -7.387  -24.406 0.001   1.00 17.17 ? 343 PRO B CA  1 
ATOM   857  C C   . PRO B 1 30 ? -6.309  -24.420 -1.088  1.00 17.01 ? 343 PRO B C   1 
ATOM   858  O O   . PRO B 1 30 ? -6.510  -23.816 -2.137  1.00 17.62 ? 343 PRO B O   1 
ATOM   859  C CB  . PRO B 1 30 ? -8.680  -25.055 -0.517  1.00 17.88 ? 343 PRO B CB  1 
ATOM   860  C CG  . PRO B 1 30 ? -9.781  -24.249 0.102   1.00 17.81 ? 343 PRO B CG  1 
ATOM   861  C CD  . PRO B 1 30 ? -9.260  -22.836 0.175   1.00 17.41 ? 343 PRO B CD  1 
ATOM   862  N N   . GLY B 1 31 ? -5.166  -25.048 -0.805  1.00 15.78 ? 344 GLY B N   1 
ATOM   863  C CA  . GLY B 1 31 ? -4.068  -25.136 -1.766  1.00 15.93 ? 344 GLY B CA  1 
ATOM   864  C C   . GLY B 1 31 ? -2.963  -24.119 -1.567  1.00 15.14 ? 344 GLY B C   1 
ATOM   865  O O   . GLY B 1 31 ? -1.930  -24.202 -2.204  1.00 15.58 ? 344 GLY B O   1 
ATOM   866  N N   . ASP B 1 32 ? -3.170  -23.185 -0.639  1.00 14.90 ? 345 ASP B N   1 
ATOM   867  C CA  . ASP B 1 32 ? -2.313  -22.003 -0.488  1.00 14.43 ? 345 ASP B CA  1 
ATOM   868  C C   . ASP B 1 32 ? -1.859  -21.873 0.967   1.00 14.17 ? 345 ASP B C   1 
ATOM   869  O O   . ASP B 1 32 ? -2.688  -21.717 1.859   1.00 14.52 ? 345 ASP B O   1 
ATOM   870  C CB  . ASP B 1 32 ? -3.134  -20.779 -0.930  1.00 14.21 ? 345 ASP B CB  1 
ATOM   871  C CG  . ASP B 1 32 ? -2.349  -19.473 -0.902  1.00 15.53 ? 345 ASP B CG  1 
ATOM   872  O OD1 . ASP B 1 32 ? -1.261  -19.421 -0.317  1.00 15.43 ? 345 ASP B OD1 1 
ATOM   873  O OD2 . ASP B 1 32 ? -2.846  -18.480 -1.485  1.00 17.91 ? 345 ASP B OD2 1 
ATOM   874  N N   . ASN B 1 33 ? -0.549  -21.915 1.193   1.00 12.20 ? 346 ASN B N   1 
ATOM   875  C CA  . ASN B 1 33 ? 0.020   -21.916 2.544   1.00 12.86 ? 346 ASN B CA  1 
ATOM   876  C C   . ASN B 1 33 ? 0.452   -20.546 3.011   1.00 12.25 ? 346 ASN B C   1 
ATOM   877  O O   . ASN B 1 33 ? 1.001   -20.432 4.087   1.00 12.56 ? 346 ASN B O   1 
ATOM   878  C CB  . ASN B 1 33 ? 1.222   -22.857 2.586   1.00 12.49 ? 346 ASN B CB  1 
ATOM   879  C CG  . ASN B 1 33 ? 0.829   -24.294 2.323   1.00 14.06 ? 346 ASN B CG  1 
ATOM   880  O OD1 . ASN B 1 33 ? -0.226  -24.743 2.768   1.00 14.37 ? 346 ASN B OD1 1 
ATOM   881  N ND2 . ASN B 1 33 ? 1.689   -25.031 1.636   1.00 10.11 ? 346 ASN B ND2 1 
ATOM   882  N N   . SER B 1 34 ? 0.201   -19.518 2.191   1.00 12.36 ? 347 SER B N   1 
ATOM   883  C CA  . SER B 1 34 ? 0.654   -18.155 2.511   1.00 12.51 ? 347 SER B CA  1 
ATOM   884  C C   . SER B 1 34 ? 0.023   -17.663 3.811   1.00 11.42 ? 347 SER B C   1 
ATOM   885  O O   . SER B 1 34 ? -1.050  -18.131 4.216   1.00 10.88 ? 347 SER B O   1 
ATOM   886  C CB  . SER B 1 34 ? 0.301   -17.177 1.375   1.00 13.13 ? 347 SER B CB  1 
ATOM   887  O OG  . SER B 1 34 ? 0.829   -17.598 0.126   1.00 15.96 ? 347 SER B OG  1 
ATOM   888  N N   . ILE B 1 35 ? 0.711   -16.724 4.453   1.00 11.40 ? 348 ILE B N   1 
ATOM   889  C CA  . ILE B 1 35 ? 0.179   -15.960 5.569   1.00 11.04 ? 348 ILE B CA  1 
ATOM   890  C C   . ILE B 1 35 ? -0.545  -14.744 4.994   1.00 11.31 ? 348 ILE B C   1 
ATOM   891  O O   . ILE B 1 35 ? 0.032   -14.004 4.181   1.00 9.82  ? 348 ILE B O   1 
ATOM   892  C CB  . ILE B 1 35 ? 1.317   -15.467 6.532   1.00 11.21 ? 348 ILE B CB  1 
ATOM   893  C CG1 . ILE B 1 35 ? 2.158   -16.634 7.069   1.00 11.84 ? 348 ILE B CG1 1 
ATOM   894  C CG2 . ILE B 1 35 ? 0.738   -14.642 7.714   1.00 9.13  ? 348 ILE B CG2 1 
ATOM   895  C CD1 . ILE B 1 35 ? 1.393   -17.773 7.678   1.00 12.31 ? 348 ILE B CD1 1 
ATOM   896  N N   . TYR B 1 36 ? -1.797  -14.539 5.429   1.00 11.08 ? 349 TYR B N   1 
ATOM   897  C CA  . TYR B 1 36 ? -2.585  -13.410 4.964   1.00 11.10 ? 349 TYR B CA  1 
ATOM   898  C C   . TYR B 1 36 ? -3.044  -12.522 6.108   1.00 10.62 ? 349 TYR B C   1 
ATOM   899  O O   . TYR B 1 36 ? -3.347  -12.993 7.186   1.00 10.85 ? 349 TYR B O   1 
ATOM   900  C CB  . TYR B 1 36 ? -3.831  -13.883 4.205   1.00 12.18 ? 349 TYR B CB  1 
ATOM   901  C CG  . TYR B 1 36 ? -3.529  -14.452 2.841   1.00 11.85 ? 349 TYR B CG  1 
ATOM   902  C CD1 . TYR B 1 36 ? -3.307  -13.608 1.743   1.00 13.35 ? 349 TYR B CD1 1 
ATOM   903  C CD2 . TYR B 1 36 ? -3.471  -15.821 2.649   1.00 11.97 ? 349 TYR B CD2 1 
ATOM   904  C CE1 . TYR B 1 36 ? -3.040  -14.134 0.487   1.00 15.56 ? 349 TYR B CE1 1 
ATOM   905  C CE2 . TYR B 1 36 ? -3.194  -16.363 1.406   1.00 14.58 ? 349 TYR B CE2 1 
ATOM   906  C CZ  . TYR B 1 36 ? -2.982  -15.506 0.326   1.00 13.67 ? 349 TYR B CZ  1 
ATOM   907  O OH  . TYR B 1 36 ? -2.713  -16.039 -0.909  1.00 14.06 ? 349 TYR B OH  1 
ATOM   908  N N   . VAL B 1 37 ? -3.104  -11.228 5.836   1.00 10.94 ? 350 VAL B N   1 
ATOM   909  C CA  . VAL B 1 37 ? -3.729  -10.286 6.772   1.00 10.97 ? 350 VAL B CA  1 
ATOM   910  C C   . VAL B 1 37 ? -5.251  -10.428 6.664   1.00 11.73 ? 350 VAL B C   1 
ATOM   911  O O   . VAL B 1 37 ? -5.806  -10.356 5.566   1.00 12.50 ? 350 VAL B O   1 
ATOM   912  C CB  . VAL B 1 37 ? -3.349  -8.844  6.412   1.00 11.66 ? 350 VAL B CB  1 
ATOM   913  C CG1 . VAL B 1 37 ? -4.034  -7.866  7.401   1.00 10.97 ? 350 VAL B CG1 1 
ATOM   914  C CG2 . VAL B 1 37 ? -1.822  -8.690  6.469   1.00 10.39 ? 350 VAL B CG2 1 
ATOM   915  N N   . THR B 1 38 ? -5.915  -10.574 7.802   1.00 11.84 ? 351 THR B N   1 
ATOM   916  C CA  . THR B 1 38 ? -7.374  -10.796 7.856   1.00 12.92 ? 351 THR B CA  1 
ATOM   917  C C   . THR B 1 38 ? -8.137  -9.588  8.433   1.00 13.22 ? 351 THR B C   1 
ATOM   918  O O   . THR B 1 38 ? -9.286  -9.343  8.060   1.00 13.20 ? 351 THR B O   1 
ATOM   919  C CB  . THR B 1 38 ? -7.727  -12.072 8.675   1.00 12.74 ? 351 THR B CB  1 
ATOM   920  O OG1 . THR B 1 38 ? -7.117  -11.999 9.951   1.00 13.36 ? 351 THR B OG1 1 
ATOM   921  C CG2 . THR B 1 38 ? -7.217  -13.337 7.974   1.00 13.45 ? 351 THR B CG2 1 
ATOM   922  N N   . LYS B 1 39 ? -7.506  -8.830  9.330   1.00 12.88 ? 352 LYS B N   1 
ATOM   923  C CA  . LYS B 1 39 ? -8.156  -7.630  9.904   1.00 13.72 ? 352 LYS B CA  1 
ATOM   924  C C   . LYS B 1 39 ? -7.133  -6.534  10.160  1.00 13.59 ? 352 LYS B C   1 
ATOM   925  O O   . LYS B 1 39 ? -5.970  -6.826  10.398  1.00 12.64 ? 352 LYS B O   1 
ATOM   926  C CB  . LYS B 1 39 ? -8.896  -7.977  11.200  1.00 14.26 ? 352 LYS B CB  1 
ATOM   927  C CG  . LYS B 1 39 ? -10.144 -8.897  11.054  1.00 17.20 ? 352 LYS B CG  1 
ATOM   928  C CD  . LYS B 1 39 ? -11.215 -8.255  10.173  1.00 18.28 ? 352 LYS B CD  1 
ATOM   929  C CE  . LYS B 1 39 ? -12.567 -8.957  10.284  1.00 19.30 ? 352 LYS B CE  1 
ATOM   930  N NZ  . LYS B 1 39 ? -13.629 -8.095  9.697   1.00 24.86 ? 352 LYS B NZ  1 
ATOM   931  N N   . ILE B 1 40 ? -7.546  -5.276  10.076  1.00 13.98 ? 353 ILE B N   1 
ATOM   932  C CA  . ILE B 1 40 ? -6.682  -4.165  10.474  1.00 13.95 ? 353 ILE B CA  1 
ATOM   933  C C   . ILE B 1 40 ? -7.451  -3.516  11.628  1.00 13.72 ? 353 ILE B C   1 
ATOM   934  O O   . ILE B 1 40 ? -8.591  -3.093  11.431  1.00 14.16 ? 353 ILE B O   1 
ATOM   935  C CB  . ILE B 1 40 ? -6.463  -3.136  9.325   1.00 14.40 ? 353 ILE B CB  1 
ATOM   936  C CG1 . ILE B 1 40 ? -5.983  -3.811  8.021   1.00 16.17 ? 353 ILE B CG1 1 
ATOM   937  C CG2 . ILE B 1 40 ? -5.545  -2.004  9.777   1.00 14.41 ? 353 ILE B CG2 1 
ATOM   938  C CD1 . ILE B 1 40 ? -4.529  -4.166  7.994   1.00 17.08 ? 353 ILE B CD1 1 
ATOM   939  N N   . ILE B 1 41 ? -6.849  -3.493  12.820  1.00 13.00 ? 354 ILE B N   1 
ATOM   940  C CA  . ILE B 1 41 ? -7.539  -3.093  14.049  1.00 13.32 ? 354 ILE B CA  1 
ATOM   941  C C   . ILE B 1 41 ? -7.665  -1.573  14.086  1.00 13.55 ? 354 ILE B C   1 
ATOM   942  O O   . ILE B 1 41 ? -6.670  -0.855  13.901  1.00 13.29 ? 354 ILE B O   1 
ATOM   943  C CB  . ILE B 1 41 ? -6.807  -3.638  15.315  1.00 14.10 ? 354 ILE B CB  1 
ATOM   944  C CG1 . ILE B 1 41 ? -6.547  -5.144  15.160  1.00 13.35 ? 354 ILE B CG1 1 
ATOM   945  C CG2 . ILE B 1 41 ? -7.595  -3.334  16.589  1.00 13.51 ? 354 ILE B CG2 1 
ATOM   946  C CD1 . ILE B 1 41 ? -7.807  -5.998  14.984  1.00 13.18 ? 354 ILE B CD1 1 
ATOM   947  N N   . GLU B 1 42 ? -8.896  -1.095  14.287  1.00 13.99 ? 355 GLU B N   1 
ATOM   948  C CA  . GLU B 1 42 ? -9.164  0.325   14.217  1.00 14.34 ? 355 GLU B CA  1 
ATOM   949  C C   . GLU B 1 42 ? -8.349  1.062   15.276  1.00 14.33 ? 355 GLU B C   1 
ATOM   950  O O   . GLU B 1 42 ? -8.361  0.691   16.453  1.00 14.74 ? 355 GLU B O   1 
ATOM   951  C CB  . GLU B 1 42 ? -10.658 0.628   14.371  1.00 15.41 ? 355 GLU B CB  1 
ATOM   952  C CG  . GLU B 1 42 ? -10.898 2.122   14.308  1.00 18.09 ? 355 GLU B CG  1 
ATOM   953  C CD  . GLU B 1 42 ? -12.247 2.521   13.797  1.00 21.76 ? 355 GLU B CD  1 
ATOM   954  O OE1 . GLU B 1 42 ? -12.580 2.200   12.632  1.00 23.16 ? 355 GLU B OE1 1 
ATOM   955  O OE2 . GLU B 1 42 ? -12.953 3.214   14.559  1.00 23.26 ? 355 GLU B OE2 1 
ATOM   956  N N   . GLY B 1 43 ? -7.629  2.093   14.835  1.00 13.96 ? 356 GLY B N   1 
ATOM   957  C CA  . GLY B 1 43 ? -6.826  2.927   15.733  1.00 14.35 ? 356 GLY B CA  1 
ATOM   958  C C   . GLY B 1 43 ? -5.453  2.371   16.069  1.00 14.30 ? 356 GLY B C   1 
ATOM   959  O O   . GLY B 1 43 ? -4.674  3.014   16.806  1.00 14.59 ? 356 GLY B O   1 
ATOM   960  N N   . GLY B 1 44 ? -5.145  1.175   15.556  1.00 14.29 ? 357 GLY B N   1 
ATOM   961  C CA  . GLY B 1 44 ? -3.857  0.534   15.815  1.00 14.00 ? 357 GLY B CA  1 
ATOM   962  C C   . GLY B 1 44 ? -2.785  1.020   14.861  1.00 13.77 ? 357 GLY B C   1 
ATOM   963  O O   . GLY B 1 44 ? -3.071  1.789   13.938  1.00 13.08 ? 357 GLY B O   1 
ATOM   964  N N   . ALA B 1 45 ? -1.557  0.537   15.051  1.00 13.63 ? 358 ALA B N   1 
ATOM   965  C CA  . ALA B 1 45 ? -0.392  1.067   14.298  1.00 13.03 ? 358 ALA B CA  1 
ATOM   966  C C   . ALA B 1 45 ? -0.526  0.892   12.789  1.00 12.87 ? 358 ALA B C   1 
ATOM   967  O O   . ALA B 1 45 ? -0.206  1.803   12.018  1.00 12.72 ? 358 ALA B O   1 
ATOM   968  C CB  . ALA B 1 45 ? 0.924   0.425   14.797  1.00 12.75 ? 358 ALA B CB  1 
ATOM   969  N N   . ALA B 1 46 ? -1.009  -0.277  12.366  1.00 13.44 ? 359 ALA B N   1 
ATOM   970  C CA  . ALA B 1 46 ? -1.147  -0.569  10.944  1.00 13.27 ? 359 ALA B CA  1 
ATOM   971  C C   . ALA B 1 46 ? -2.254  0.306   10.367  1.00 14.13 ? 359 ALA B C   1 
ATOM   972  O O   . ALA B 1 46 ? -2.141  0.815   9.256   1.00 13.59 ? 359 ALA B O   1 
ATOM   973  C CB  . ALA B 1 46 ? -1.463  -2.052  10.721  1.00 12.97 ? 359 ALA B CB  1 
ATOM   974  N N   . HIS B 1 47 ? -3.324  0.487   11.129  1.00 14.78 ? 360 HIS B N   1 
ATOM   975  C CA  . HIS B 1 47 ? -4.405  1.340   10.656  1.00 16.28 ? 360 HIS B CA  1 
ATOM   976  C C   . HIS B 1 47 ? -3.908  2.790   10.547  1.00 16.97 ? 360 HIS B C   1 
ATOM   977  O O   . HIS B 1 47 ? -4.072  3.413   9.506   1.00 17.47 ? 360 HIS B O   1 
ATOM   978  C CB  . HIS B 1 47 ? -5.623  1.224   11.565  1.00 15.88 ? 360 HIS B CB  1 
ATOM   979  C CG  . HIS B 1 47 ? -6.758  2.116   11.172  1.00 16.79 ? 360 HIS B CG  1 
ATOM   980  N ND1 . HIS B 1 47 ? -7.587  2.708   12.094  1.00 17.76 ? 360 HIS B ND1 1 
ATOM   981  C CD2 . HIS B 1 47 ? -7.199  2.517   9.956   1.00 17.48 ? 360 HIS B CD2 1 
ATOM   982  C CE1 . HIS B 1 47 ? -8.492  3.439   11.468  1.00 18.14 ? 360 HIS B CE1 1 
ATOM   983  N NE2 . HIS B 1 47 ? -8.281  3.337   10.169  1.00 18.47 ? 360 HIS B NE2 1 
ATOM   984  N N   . LYS B 1 48 ? -3.274  3.286   11.613  1.00 18.09 ? 361 LYS B N   1 
ATOM   985  C CA  . LYS B 1 48 ? -2.680  4.645   11.663  1.00 19.73 ? 361 LYS B CA  1 
ATOM   986  C C   . LYS B 1 48 ? -1.796  4.860   10.423  1.00 19.27 ? 361 LYS B C   1 
ATOM   987  O O   . LYS B 1 48 ? -1.987  5.838   9.669   1.00 20.01 ? 361 LYS B O   1 
ATOM   988  C CB  . LYS B 1 48 ? -1.880  4.764   12.967  1.00 19.53 ? 361 LYS B CB  1 
ATOM   989  C CG  . LYS B 1 48 ? -1.310  6.115   13.385  1.00 22.39 ? 361 LYS B CG  1 
ATOM   990  C CD  . LYS B 1 48 ? -0.537  5.896   14.677  1.00 22.42 ? 361 LYS B CD  1 
ATOM   991  C CE  . LYS B 1 48 ? -0.220  7.162   15.434  1.00 25.45 ? 361 LYS B CE  1 
ATOM   992  N NZ  . LYS B 1 48 ? 0.409   6.857   16.772  1.00 28.78 ? 361 LYS B NZ  1 
ATOM   993  N N   . ASP B 1 49 ? -0.865  3.931   10.183  1.00 18.15 ? 362 ASP B N   1 
ATOM   994  C CA  . ASP B 1 49 ? 0.013   3.975   9.005   1.00 17.47 ? 362 ASP B CA  1 
ATOM   995  C C   . ASP B 1 49 ? -0.734  4.004   7.671   1.00 18.08 ? 362 ASP B C   1 
ATOM   996  O O   . ASP B 1 49 ? -0.332  4.748   6.778   1.00 18.52 ? 362 ASP B O   1 
ATOM   997  C CB  . ASP B 1 49 ? 0.997   2.804   8.989   1.00 17.26 ? 362 ASP B CB  1 
ATOM   998  C CG  . ASP B 1 49 ? 1.841   2.774   7.735   1.00 15.47 ? 362 ASP B CG  1 
ATOM   999  O OD1 . ASP B 1 49 ? 2.783   3.581   7.645   1.00 16.75 ? 362 ASP B OD1 1 
ATOM   1000 O OD2 . ASP B 1 49 ? 1.571   1.955   6.831   1.00 17.66 ? 362 ASP B OD2 1 
ATOM   1001 N N   . GLY B 1 50 ? -1.782  3.182   7.526   1.00 17.91 ? 363 GLY B N   1 
ATOM   1002 C CA  . GLY B 1 50 ? -2.630  3.189   6.310   1.00 17.57 ? 363 GLY B CA  1 
ATOM   1003 C C   . GLY B 1 50 ? -2.230  2.313   5.120   1.00 17.36 ? 363 GLY B C   1 
ATOM   1004 O O   . GLY B 1 50 ? -3.038  2.085   4.207   1.00 17.53 ? 363 GLY B O   1 
ATOM   1005 N N   . LYS B 1 51 ? -1.004  1.804   5.106   1.00 17.09 ? 364 LYS B N   1 
ATOM   1006 C CA  . LYS B 1 51 ? -0.527  1.039   3.943   1.00 17.09 ? 364 LYS B CA  1 
ATOM   1007 C C   . LYS B 1 51 ? -1.048  -0.395  3.884   1.00 16.27 ? 364 LYS B C   1 
ATOM   1008 O O   . LYS B 1 51 ? -1.429  -0.892  2.811   1.00 16.27 ? 364 LYS B O   1 
ATOM   1009 C CB  . LYS B 1 51 ? 1.008   1.056   3.845   1.00 17.05 ? 364 LYS B CB  1 
ATOM   1010 C CG  . LYS B 1 51 ? 1.603   2.406   3.488   1.00 17.46 ? 364 LYS B CG  1 
ATOM   1011 C CD  . LYS B 1 51 ? 3.144   2.339   3.570   1.00 19.29 ? 364 LYS B CD  1 
ATOM   1012 C CE  . LYS B 1 51 ? 3.781   3.724   3.370   1.00 22.75 ? 364 LYS B CE  1 
ATOM   1013 N NZ  . LYS B 1 51 ? 5.245   3.762   3.728   1.00 25.71 ? 364 LYS B NZ  1 
ATOM   1014 N N   . LEU B 1 52 ? -1.048  -1.072  5.027   1.00 15.64 ? 365 LEU B N   1 
ATOM   1015 C CA  . LEU B 1 52 ? -1.444  -2.482  5.080   1.00 14.88 ? 365 LEU B CA  1 
ATOM   1016 C C   . LEU B 1 52 ? -2.944  -2.667  4.844   1.00 14.50 ? 365 LEU B C   1 
ATOM   1017 O O   . LEU B 1 52 ? -3.767  -1.896  5.338   1.00 15.27 ? 365 LEU B O   1 
ATOM   1018 C CB  . LEU B 1 52 ? -1.022  -3.110  6.421   1.00 14.03 ? 365 LEU B CB  1 
ATOM   1019 C CG  . LEU B 1 52 ? -1.113  -4.630  6.561   1.00 12.70 ? 365 LEU B CG  1 
ATOM   1020 C CD1 . LEU B 1 52 ? -0.042  -5.311  5.726   1.00 13.24 ? 365 LEU B CD1 1 
ATOM   1021 C CD2 . LEU B 1 52 ? -0.998  -4.990  8.032   1.00 11.78 ? 365 LEU B CD2 1 
ATOM   1022 N N   . GLN B 1 53 ? -3.290  -3.706  4.101   1.00 14.55 ? 366 GLN B N   1 
ATOM   1023 C CA  . GLN B 1 53 ? -4.679  -3.957  3.707   1.00 14.46 ? 366 GLN B CA  1 
ATOM   1024 C C   . GLN B 1 53 ? -5.096  -5.381  4.019   1.00 14.66 ? 366 GLN B C   1 
ATOM   1025 O O   . GLN B 1 53 ? -4.273  -6.308  3.941   1.00 13.44 ? 366 GLN B O   1 
ATOM   1026 C CB  . GLN B 1 53 ? -4.842  -3.689  2.200   1.00 15.04 ? 366 GLN B CB  1 
ATOM   1027 C CG  . GLN B 1 53 ? -4.422  -2.280  1.775   1.00 15.29 ? 366 GLN B CG  1 
ATOM   1028 C CD  . GLN B 1 53 ? -5.303  -1.188  2.361   1.00 16.82 ? 366 GLN B CD  1 
ATOM   1029 O OE1 . GLN B 1 53 ? -6.500  -1.369  2.532   1.00 21.42 ? 366 GLN B OE1 1 
ATOM   1030 N NE2 . GLN B 1 53 ? -4.712  -0.051  2.651   1.00 20.79 ? 366 GLN B NE2 1 
ATOM   1031 N N   . ILE B 1 54 ? -6.371  -5.565  4.378   1.00 14.48 ? 367 ILE B N   1 
ATOM   1032 C CA  . ILE B 1 54 ? -6.927  -6.910  4.520   1.00 14.95 ? 367 ILE B CA  1 
ATOM   1033 C C   . ILE B 1 54 ? -6.629  -7.636  3.209   1.00 14.25 ? 367 ILE B C   1 
ATOM   1034 O O   . ILE B 1 54 ? -6.742  -7.037  2.138   1.00 14.68 ? 367 ILE B O   1 
ATOM   1035 C CB  . ILE B 1 54 ? -8.446  -6.895  4.780   1.00 15.15 ? 367 ILE B CB  1 
ATOM   1036 C CG1 . ILE B 1 54 ? -8.757  -6.492  6.236   1.00 16.38 ? 367 ILE B CG1 1 
ATOM   1037 C CG2 . ILE B 1 54 ? -9.069  -8.287  4.471   1.00 15.90 ? 367 ILE B CG2 1 
ATOM   1038 C CD1 . ILE B 1 54 ? -10.181 -5.930  6.399   1.00 18.83 ? 367 ILE B CD1 1 
ATOM   1039 N N   . GLY B 1 55 ? -6.223  -8.899  3.298   1.00 12.84 ? 368 GLY B N   1 
ATOM   1040 C CA  . GLY B 1 55 ? -5.943  -9.691  2.103   1.00 12.88 ? 368 GLY B CA  1 
ATOM   1041 C C   . GLY B 1 55 ? -4.509  -9.695  1.619   1.00 12.78 ? 368 GLY B C   1 
ATOM   1042 O O   . GLY B 1 55 ? -4.147  -10.509 0.768   1.00 11.82 ? 368 GLY B O   1 
ATOM   1043 N N   . ASP B 1 56 ? -3.683  -8.791  2.150   1.00 13.31 ? 369 ASP B N   1 
ATOM   1044 C CA  . ASP B 1 56 ? -2.282  -8.716  1.746   1.00 13.35 ? 369 ASP B CA  1 
ATOM   1045 C C   . ASP B 1 56 ? -1.600  -10.004 2.188   1.00 13.71 ? 369 ASP B C   1 
ATOM   1046 O O   . ASP B 1 56 ? -1.973  -10.590 3.204   1.00 14.02 ? 369 ASP B O   1 
ATOM   1047 C CB  . ASP B 1 56 ? -1.573  -7.515  2.377   1.00 13.16 ? 369 ASP B CB  1 
ATOM   1048 C CG  . ASP B 1 56 ? -1.897  -6.172  1.694   1.00 13.02 ? 369 ASP B CG  1 
ATOM   1049 O OD1 . ASP B 1 56 ? -2.598  -6.119  0.657   1.00 13.69 ? 369 ASP B OD1 1 
ATOM   1050 O OD2 . ASP B 1 56 ? -1.446  -5.145  2.233   1.00 12.07 ? 369 ASP B OD2 1 
ATOM   1051 N N   . LYS B 1 57 ? -0.627  -10.462 1.406   1.00 13.14 ? 370 LYS B N   1 
ATOM   1052 C CA  . LYS B 1 57 ? 0.169   -11.603 1.800   1.00 13.55 ? 370 LYS B CA  1 
ATOM   1053 C C   . LYS B 1 57 ? 1.388   -11.116 2.574   1.00 12.71 ? 370 LYS B C   1 
ATOM   1054 O O   . LYS B 1 57 ? 2.133   -10.258 2.104   1.00 12.24 ? 370 LYS B O   1 
ATOM   1055 C CB  . LYS B 1 57 ? 0.575   -12.402 0.563   1.00 13.46 ? 370 LYS B CB  1 
ATOM   1056 C CG  . LYS B 1 57 ? 1.419   -13.605 0.875   1.00 15.51 ? 370 LYS B CG  1 
ATOM   1057 C CD  . LYS B 1 57 ? 1.935   -14.257 -0.383  1.00 21.01 ? 370 LYS B CD  1 
ATOM   1058 C CE  . LYS B 1 57 ? 0.824   -14.520 -1.412  1.00 25.30 ? 370 LYS B CE  1 
ATOM   1059 N NZ  . LYS B 1 57 ? 1.366   -15.132 -2.695  1.00 26.73 ? 370 LYS B NZ  1 
ATOM   1060 N N   . LEU B 1 58 ? 1.594   -11.636 3.776   1.00 13.02 ? 371 LEU B N   1 
ATOM   1061 C CA  . LEU B 1 58 ? 2.834   -11.312 4.492   1.00 14.02 ? 371 LEU B CA  1 
ATOM   1062 C C   . LEU B 1 58 ? 3.966   -12.237 4.050   1.00 14.10 ? 371 LEU B C   1 
ATOM   1063 O O   . LEU B 1 58 ? 3.911   -13.441 4.276   1.00 14.14 ? 371 LEU B O   1 
ATOM   1064 C CB  . LEU B 1 58 ? 2.649   -11.422 6.001   1.00 14.64 ? 371 LEU B CB  1 
ATOM   1065 C CG  . LEU B 1 58 ? 1.761   -10.449 6.739   1.00 17.34 ? 371 LEU B CG  1 
ATOM   1066 C CD1 . LEU B 1 58 ? 2.061   -10.612 8.254   1.00 17.79 ? 371 LEU B CD1 1 
ATOM   1067 C CD2 . LEU B 1 58 ? 1.966   -8.984  6.237   1.00 19.68 ? 371 LEU B CD2 1 
ATOM   1068 N N   . LEU B 1 59 ? 4.992   -11.659 3.436   1.00 13.58 ? 372 LEU B N   1 
ATOM   1069 C CA  . LEU B 1 59 ? 6.115   -12.423 2.900   1.00 13.64 ? 372 LEU B CA  1 
ATOM   1070 C C   . LEU B 1 59 ? 7.238   -12.581 3.917   1.00 13.92 ? 372 LEU B C   1 
ATOM   1071 O O   . LEU B 1 59 ? 7.928   -13.603 3.936   1.00 13.35 ? 372 LEU B O   1 
ATOM   1072 C CB  . LEU B 1 59 ? 6.638   -11.728 1.645   1.00 14.13 ? 372 LEU B CB  1 
ATOM   1073 C CG  . LEU B 1 59 ? 5.749   -11.837 0.399   1.00 14.81 ? 372 LEU B CG  1 
ATOM   1074 C CD1 . LEU B 1 59 ? 6.493   -11.162 -0.744  1.00 13.46 ? 372 LEU B CD1 1 
ATOM   1075 C CD2 . LEU B 1 59 ? 5.482   -13.295 0.112   1.00 19.83 ? 372 LEU B CD2 1 
ATOM   1076 N N   . ALA B 1 60 ? 7.393   -11.573 4.773   1.00 14.14 ? 373 ALA B N   1 
ATOM   1077 C CA  . ALA B 1 60 ? 8.450   -11.551 5.788   1.00 14.75 ? 373 ALA B CA  1 
ATOM   1078 C C   . ALA B 1 60 ? 8.137   -10.564 6.885   1.00 14.67 ? 373 ALA B C   1 
ATOM   1079 O O   . ALA B 1 60 ? 7.421   -9.562  6.686   1.00 14.36 ? 373 ALA B O   1 
ATOM   1080 C CB  . ALA B 1 60 ? 9.813   -11.206 5.166   1.00 14.35 ? 373 ALA B CB  1 
ATOM   1081 N N   . VAL B 1 61 ? 8.688   -10.859 8.055   1.00 14.82 ? 374 VAL B N   1 
ATOM   1082 C CA  . VAL B 1 61 ? 8.639   -9.952  9.190   1.00 16.05 ? 374 VAL B CA  1 
ATOM   1083 C C   . VAL B 1 61 ? 10.095  -9.804  9.598   1.00 16.33 ? 374 VAL B C   1 
ATOM   1084 O O   . VAL B 1 61 ? 10.755  -10.794 9.931   1.00 15.61 ? 374 VAL B O   1 
ATOM   1085 C CB  . VAL B 1 61 ? 7.789   -10.499 10.355  1.00 15.76 ? 374 VAL B CB  1 
ATOM   1086 C CG1 . VAL B 1 61 ? 7.851   -9.563  11.613  1.00 16.24 ? 374 VAL B CG1 1 
ATOM   1087 C CG2 . VAL B 1 61 ? 6.321   -10.702 9.910   1.00 17.75 ? 374 VAL B CG2 1 
ATOM   1088 N N   . ASN B 1 62 ? 10.581  -8.571  9.542   1.00 17.86 ? 375 ASN B N   1 
ATOM   1089 C CA  . ASN B 1 62 ? 12.008  -8.290  9.714   1.00 19.68 ? 375 ASN B CA  1 
ATOM   1090 C C   . ASN B 1 62 ? 12.843  -9.271  8.924   1.00 20.10 ? 375 ASN B C   1 
ATOM   1091 O O   . ASN B 1 62 ? 12.749  -9.342  7.697   1.00 21.50 ? 375 ASN B O   1 
ATOM   1092 C CB  . ASN B 1 62 ? 12.388  -8.353  11.199  1.00 19.46 ? 375 ASN B CB  1 
ATOM   1093 C CG  . ASN B 1 62 ? 11.705  -7.295  12.014  1.00 20.09 ? 375 ASN B CG  1 
ATOM   1094 O OD1 . ASN B 1 62 ? 11.360  -6.236  11.502  1.00 20.67 ? 375 ASN B OD1 1 
ATOM   1095 N ND2 . ASN B 1 62 ? 11.520  -7.563  13.301  1.00 21.70 ? 375 ASN B ND2 1 
ATOM   1096 N N   . SER B 1 63 ? 13.597  -10.084 9.655   1.00 21.66 ? 376 SER B N   1 
ATOM   1097 C CA  . SER B 1 63 ? 14.565  -10.971 9.064   1.00 22.51 ? 376 SER B CA  1 
ATOM   1098 C C   . SER B 1 63 ? 13.965  -12.312 8.666   1.00 22.24 ? 376 SER B C   1 
ATOM   1099 O O   . SER B 1 63 ? 14.607  -13.125 7.991   1.00 22.80 ? 376 SER B O   1 
ATOM   1100 C CB  . SER B 1 63 ? 15.687  -11.199 10.058  1.00 22.82 ? 376 SER B CB  1 
ATOM   1101 O OG  . SER B 1 63 ? 16.880  -11.335 9.346   1.00 25.76 ? 376 SER B OG  1 
ATOM   1102 N N   . VAL B 1 64 ? 12.716  -12.523 9.048   1.00 21.72 ? 377 VAL B N   1 
ATOM   1103 C CA  . VAL B 1 64 ? 12.121  -13.847 8.976   1.00 20.93 ? 377 VAL B CA  1 
ATOM   1104 C C   . VAL B 1 64 ? 11.196  -14.011 7.774   1.00 20.49 ? 377 VAL B C   1 
ATOM   1105 O O   . VAL B 1 64 ? 10.192  -13.295 7.641   1.00 19.50 ? 377 VAL B O   1 
ATOM   1106 C CB  . VAL B 1 64 ? 11.401  -14.177 10.289  1.00 21.15 ? 377 VAL B CB  1 
ATOM   1107 C CG1 . VAL B 1 64 ? 11.003  -15.653 10.340  1.00 20.56 ? 377 VAL B CG1 1 
ATOM   1108 C CG2 . VAL B 1 64 ? 12.311  -13.828 11.472  1.00 22.17 ? 377 VAL B CG2 1 
ATOM   1109 N N   . SER B 1 65 ? 11.536  -14.951 6.895   1.00 19.39 ? 378 SER B N   1 
ATOM   1110 C CA  . SER B 1 65 ? 10.669  -15.241 5.752   1.00 18.73 ? 378 SER B CA  1 
ATOM   1111 C C   . SER B 1 65 ? 9.433   -15.976 6.236   1.00 17.69 ? 378 SER B C   1 
ATOM   1112 O O   . SER B 1 65 ? 9.539   -16.873 7.078   1.00 17.13 ? 378 SER B O   1 
ATOM   1113 C CB  . SER B 1 65 ? 11.376  -16.083 4.693   1.00 18.80 ? 378 SER B CB  1 
ATOM   1114 O OG  . SER B 1 65 ? 10.431  -16.527 3.727   1.00 19.83 ? 378 SER B OG  1 
ATOM   1115 N N   . LEU B 1 66 ? 8.271   -15.609 5.695   1.00 17.36 ? 379 LEU B N   1 
ATOM   1116 C CA  . LEU B 1 66 ? 7.027   -16.327 5.984   1.00 17.04 ? 379 LEU B CA  1 
ATOM   1117 C C   . LEU B 1 66 ? 6.528   -17.125 4.773   1.00 17.73 ? 379 LEU B C   1 
ATOM   1118 O O   . LEU B 1 66 ? 5.331   -17.444 4.672   1.00 17.59 ? 379 LEU B O   1 
ATOM   1119 C CB  . LEU B 1 66 ? 5.938   -15.369 6.494   1.00 17.64 ? 379 LEU B CB  1 
ATOM   1120 C CG  . LEU B 1 66 ? 6.160   -14.604 7.802   1.00 17.00 ? 379 LEU B CG  1 
ATOM   1121 C CD1 . LEU B 1 66 ? 4.925   -13.755 8.145   1.00 18.25 ? 379 LEU B CD1 1 
ATOM   1122 C CD2 . LEU B 1 66 ? 6.517   -15.536 8.954   1.00 17.22 ? 379 LEU B CD2 1 
ATOM   1123 N N   . GLU B 1 67 ? 7.455   -17.456 3.875   1.00 17.70 ? 380 GLU B N   1 
ATOM   1124 C CA  . GLU B 1 67 ? 7.153   -18.294 2.714   1.00 17.46 ? 380 GLU B CA  1 
ATOM   1125 C C   . GLU B 1 67 ? 7.202   -19.763 3.105   1.00 17.46 ? 380 GLU B C   1 
ATOM   1126 O O   . GLU B 1 67 ? 8.249   -20.281 3.536   1.00 17.93 ? 380 GLU B O   1 
ATOM   1127 C CB  . GLU B 1 67 ? 8.094   -17.993 1.541   1.00 17.93 ? 380 GLU B CB  1 
ATOM   1128 N N   . GLU B 1 68 ? 6.042   -20.405 3.006   1.00 17.29 ? 381 GLU B N   1 
ATOM   1129 C CA  . GLU B 1 68 ? 5.873   -21.817 3.322   1.00 17.05 ? 381 GLU B CA  1 
ATOM   1130 C C   . GLU B 1 68 ? 6.272   -22.135 4.775   1.00 17.25 ? 381 GLU B C   1 
ATOM   1131 O O   . GLU B 1 68 ? 7.095   -23.020 5.020   1.00 17.44 ? 381 GLU B O   1 
ATOM   1132 C CB  . GLU B 1 68 ? 6.647   -22.688 2.311   1.00 17.33 ? 381 GLU B CB  1 
ATOM   1133 C CG  . GLU B 1 68 ? 6.158   -22.576 0.874   1.00 18.18 ? 381 GLU B CG  1 
ATOM   1134 C CD  . GLU B 1 68 ? 4.727   -23.049 0.706   1.00 18.06 ? 381 GLU B CD  1 
ATOM   1135 O OE1 . GLU B 1 68 ? 4.334   -24.023 1.367   1.00 15.05 ? 381 GLU B OE1 1 
ATOM   1136 O OE2 . GLU B 1 68 ? 3.986   -22.436 -0.078  1.00 20.67 ? 381 GLU B OE2 1 
ATOM   1137 N N   . VAL B 1 69 ? 5.693   -21.397 5.730   1.00 16.59 ? 382 VAL B N   1 
ATOM   1138 C CA  . VAL B 1 69 ? 5.903   -21.647 7.167   1.00 17.34 ? 382 VAL B CA  1 
ATOM   1139 C C   . VAL B 1 69 ? 4.585   -21.993 7.854   1.00 17.02 ? 382 VAL B C   1 
ATOM   1140 O O   . VAL B 1 69 ? 3.520   -21.738 7.310   1.00 17.66 ? 382 VAL B O   1 
ATOM   1141 C CB  . VAL B 1 69 ? 6.557   -20.445 7.881   1.00 17.33 ? 382 VAL B CB  1 
ATOM   1142 C CG1 . VAL B 1 69 ? 7.913   -20.096 7.212   1.00 18.65 ? 382 VAL B CG1 1 
ATOM   1143 C CG2 . VAL B 1 69 ? 5.597   -19.241 7.933   1.00 16.88 ? 382 VAL B CG2 1 
ATOM   1144 N N   . THR B 1 70 ? 4.657   -22.573 9.047   1.00 17.39 ? 383 THR B N   1 
ATOM   1145 C CA  . THR B 1 70 ? 3.446   -22.854 9.813   1.00 17.17 ? 383 THR B CA  1 
ATOM   1146 C C   . THR B 1 70 ? 2.911   -21.556 10.421  1.00 16.61 ? 383 THR B C   1 
ATOM   1147 O O   . THR B 1 70 ? 3.621   -20.540 10.481  1.00 14.66 ? 383 THR B O   1 
ATOM   1148 C CB  . THR B 1 70 ? 3.699   -23.860 10.934  1.00 17.52 ? 383 THR B CB  1 
ATOM   1149 O OG1 . THR B 1 70 ? 4.636   -23.299 11.858  1.00 18.88 ? 383 THR B OG1 1 
ATOM   1150 C CG2 . THR B 1 70 ? 4.236   -25.185 10.362  1.00 18.09 ? 383 THR B CG2 1 
ATOM   1151 N N   . HIS B 1 71 ? 1.645   -21.585 10.818  1.00 16.79 ? 384 HIS B N   1 
ATOM   1152 C CA  . HIS B 1 71 ? 1.029   -20.449 11.475  1.00 17.98 ? 384 HIS B CA  1 
ATOM   1153 C C   . HIS B 1 71 ? 1.763   -20.099 12.769  1.00 19.12 ? 384 HIS B C   1 
ATOM   1154 O O   . HIS B 1 71 ? 1.938   -18.919 13.104  1.00 18.94 ? 384 HIS B O   1 
ATOM   1155 C CB  . HIS B 1 71 ? -0.448  -20.722 11.766  1.00 18.25 ? 384 HIS B CB  1 
ATOM   1156 C CG  . HIS B 1 71 ? -1.191  -19.493 12.168  1.00 19.24 ? 384 HIS B CG  1 
ATOM   1157 N ND1 . HIS B 1 71 ? -1.602  -18.544 11.256  1.00 20.83 ? 384 HIS B ND1 1 
ATOM   1158 C CD2 . HIS B 1 71 ? -1.575  -19.037 13.387  1.00 21.82 ? 384 HIS B CD2 1 
ATOM   1159 C CE1 . HIS B 1 71 ? -2.219  -17.561 11.895  1.00 20.17 ? 384 HIS B CE1 1 
ATOM   1160 N NE2 . HIS B 1 71 ? -2.214  -17.836 13.187  1.00 21.74 ? 384 HIS B NE2 1 
ATOM   1161 N N   . GLU B 1 72 ? 2.208   -21.127 13.495  1.00 20.01 ? 385 GLU B N   1 
ATOM   1162 C CA  . GLU B 1 72 ? 2.945   -20.883 14.715  1.00 21.04 ? 385 GLU B CA  1 
ATOM   1163 C C   . GLU B 1 72 ? 4.270   -20.164 14.447  1.00 20.21 ? 385 GLU B C   1 
ATOM   1164 O O   . GLU B 1 72 ? 4.592   -19.203 15.130  1.00 20.86 ? 385 GLU B O   1 
ATOM   1165 C CB  . GLU B 1 72 ? 3.140   -22.164 15.529  1.00 22.13 ? 385 GLU B CB  1 
ATOM   1166 C CG  . GLU B 1 72 ? 3.493   -21.877 17.006  1.00 25.88 ? 385 GLU B CG  1 
ATOM   1167 C CD  . GLU B 1 72 ? 2.716   -20.680 17.627  1.00 30.25 ? 385 GLU B CD  1 
ATOM   1168 O OE1 . GLU B 1 72 ? 1.464   -20.616 17.511  1.00 31.54 ? 385 GLU B OE1 1 
ATOM   1169 O OE2 . GLU B 1 72 ? 3.371   -19.802 18.247  1.00 31.19 ? 385 GLU B OE2 1 
ATOM   1170 N N   . GLU B 1 73 ? 4.997   -20.601 13.425  1.00 20.31 ? 386 GLU B N   1 
ATOM   1171 C CA  . GLU B 1 73 ? 6.204   -19.896 12.967  1.00 19.83 ? 386 GLU B CA  1 
ATOM   1172 C C   . GLU B 1 73 ? 5.943   -18.412 12.676  1.00 19.12 ? 386 GLU B C   1 
ATOM   1173 O O   . GLU B 1 73 ? 6.701   -17.536 13.117  1.00 18.66 ? 386 GLU B O   1 
ATOM   1174 C CB  . GLU B 1 73 ? 6.805   -20.599 11.747  1.00 20.58 ? 386 GLU B CB  1 
ATOM   1175 C CG  . GLU B 1 73 ? 7.559   -21.878 12.122  1.00 22.08 ? 386 GLU B CG  1 
ATOM   1176 C CD  . GLU B 1 73 ? 8.083   -22.633 10.928  1.00 26.85 ? 386 GLU B CD  1 
ATOM   1177 O OE1 . GLU B 1 73 ? 7.293   -22.941 10.011  1.00 25.13 ? 386 GLU B OE1 1 
ATOM   1178 O OE2 . GLU B 1 73 ? 9.306   -22.929 10.906  1.00 30.87 ? 386 GLU B OE2 1 
ATOM   1179 N N   . ALA B 1 74 ? 4.858   -18.138 11.953  1.00 18.54 ? 387 ALA B N   1 
ATOM   1180 C CA  . ALA B 1 74 ? 4.438   -16.769 11.653  1.00 18.14 ? 387 ALA B CA  1 
ATOM   1181 C C   . ALA B 1 74 ? 4.069   -15.984 12.908  1.00 17.86 ? 387 ALA B C   1 
ATOM   1182 O O   . ALA B 1 74 ? 4.456   -14.836 13.051  1.00 17.01 ? 387 ALA B O   1 
ATOM   1183 C CB  . ALA B 1 74 ? 3.270   -16.783 10.710  1.00 18.50 ? 387 ALA B CB  1 
ATOM   1184 N N   . VAL B 1 75 ? 3.292   -16.607 13.790  1.00 18.20 ? 388 VAL B N   1 
ATOM   1185 C CA  . VAL B 1 75 ? 2.921   -16.012 15.081  1.00 18.64 ? 388 VAL B CA  1 
ATOM   1186 C C   . VAL B 1 75 ? 4.154   -15.729 15.960  1.00 19.71 ? 388 VAL B C   1 
ATOM   1187 O O   . VAL B 1 75 ? 4.266   -14.646 16.549  1.00 20.04 ? 388 VAL B O   1 
ATOM   1188 C CB  . VAL B 1 75 ? 1.880   -16.893 15.831  1.00 19.37 ? 388 VAL B CB  1 
ATOM   1189 C CG1 . VAL B 1 75 ? 1.771   -16.495 17.301  1.00 17.86 ? 388 VAL B CG1 1 
ATOM   1190 C CG2 . VAL B 1 75 ? 0.528   -16.794 15.144  1.00 18.89 ? 388 VAL B CG2 1 
ATOM   1191 N N   . THR B 1 76 ? 5.071   -16.693 16.040  1.00 20.00 ? 389 THR B N   1 
ATOM   1192 C CA  . THR B 1 76 ? 6.357   -16.502 16.725  1.00 20.55 ? 389 THR B CA  1 
ATOM   1193 C C   . THR B 1 76 ? 7.158   -15.312 16.171  1.00 20.03 ? 389 THR B C   1 
ATOM   1194 O O   . THR B 1 76 ? 7.644   -14.500 16.939  1.00 19.59 ? 389 THR B O   1 
ATOM   1195 C CB  . THR B 1 76 ? 7.209   -17.797 16.732  1.00 21.00 ? 389 THR B CB  1 
ATOM   1196 O OG1 . THR B 1 76 ? 6.489   -18.814 17.439  1.00 23.18 ? 389 THR B OG1 1 
ATOM   1197 C CG2 . THR B 1 76 ? 8.567   -17.573 17.424  1.00 20.81 ? 389 THR B CG2 1 
ATOM   1198 N N   . ALA B 1 77 ? 7.265   -15.203 14.848  1.00 20.13 ? 390 ALA B N   1 
ATOM   1199 C CA  . ALA B 1 77 ? 7.955   -14.068 14.226  1.00 20.38 ? 390 ALA B CA  1 
ATOM   1200 C C   . ALA B 1 77 ? 7.329   -12.698 14.571  1.00 20.58 ? 390 ALA B C   1 
ATOM   1201 O O   . ALA B 1 77 ? 8.047   -11.715 14.772  1.00 21.18 ? 390 ALA B O   1 
ATOM   1202 C CB  . ALA B 1 77 ? 8.077   -14.267 12.702  1.00 20.36 ? 390 ALA B CB  1 
ATOM   1203 N N   . LEU B 1 78 ? 6.005   -12.649 14.664  1.00 20.58 ? 391 LEU B N   1 
ATOM   1204 C CA  . LEU B 1 78 ? 5.280   -11.412 14.977  1.00 21.01 ? 391 LEU B CA  1 
ATOM   1205 C C   . LEU B 1 78 ? 5.372   -11.043 16.449  1.00 21.65 ? 391 LEU B C   1 
ATOM   1206 O O   . LEU B 1 78 ? 5.533   -9.874  16.799  1.00 21.86 ? 391 LEU B O   1 
ATOM   1207 C CB  . LEU B 1 78 ? 3.815   -11.523 14.524  1.00 19.95 ? 391 LEU B CB  1 
ATOM   1208 C CG  . LEU B 1 78 ? 3.636   -11.426 12.999  1.00 19.67 ? 391 LEU B CG  1 
ATOM   1209 C CD1 . LEU B 1 78 ? 2.272   -11.954 12.563  1.00 18.05 ? 391 LEU B CD1 1 
ATOM   1210 C CD2 . LEU B 1 78 ? 3.840   -9.982  12.545  1.00 15.71 ? 391 LEU B CD2 1 
ATOM   1211 N N   . LYS B 1 79 ? 5.266   -12.053 17.304  1.00 22.27 ? 392 LYS B N   1 
ATOM   1212 C CA  . LYS B 1 79 ? 5.420   -11.890 18.756  1.00 23.59 ? 392 LYS B CA  1 
ATOM   1213 C C   . LYS B 1 79 ? 6.838   -11.484 19.138  1.00 23.58 ? 392 LYS B C   1 
ATOM   1214 O O   . LYS B 1 79 ? 7.049   -10.766 20.113  1.00 24.20 ? 392 LYS B O   1 
ATOM   1215 C CB  . LYS B 1 79 ? 5.068   -13.199 19.472  1.00 22.99 ? 392 LYS B CB  1 
ATOM   1216 C CG  . LYS B 1 79 ? 3.605   -13.321 19.815  1.00 24.89 ? 392 LYS B CG  1 
ATOM   1217 C CD  . LYS B 1 79 ? 3.367   -14.432 20.810  1.00 26.85 ? 392 LYS B CD  1 
ATOM   1218 N N   . ASN B 1 80 ? 7.812   -11.955 18.373  1.00 24.03 ? 393 ASN B N   1 
ATOM   1219 C CA  . ASN B 1 80 ? 9.215   -11.666 18.668  1.00 24.86 ? 393 ASN B CA  1 
ATOM   1220 C C   . ASN B 1 80 ? 9.721   -10.289 18.230  1.00 25.12 ? 393 ASN B C   1 
ATOM   1221 O O   . ASN B 1 80 ? 10.894  -9.957  18.453  1.00 26.38 ? 393 ASN B O   1 
ATOM   1222 C CB  . ASN B 1 80 ? 10.110  -12.754 18.089  1.00 25.46 ? 393 ASN B CB  1 
ATOM   1223 C CG  . ASN B 1 80 ? 10.256  -13.942 19.029  1.00 27.27 ? 393 ASN B CG  1 
ATOM   1224 O OD1 . ASN B 1 80 ? 10.062  -13.826 20.245  1.00 29.41 ? 393 ASN B OD1 1 
ATOM   1225 N ND2 . ASN B 1 80 ? 10.614  -15.088 18.467  1.00 29.95 ? 393 ASN B ND2 1 
ATOM   1226 N N   . THR B 1 81 ? 8.851   -9.487  17.630  1.00 24.69 ? 394 THR B N   1 
ATOM   1227 C CA  . THR B 1 81 ? 9.230   -8.140  17.210  1.00 24.41 ? 394 THR B CA  1 
ATOM   1228 C C   . THR B 1 81 ? 9.346   -7.175  18.394  1.00 24.80 ? 394 THR B C   1 
ATOM   1229 O O   . THR B 1 81 ? 8.671   -7.335  19.417  1.00 24.32 ? 394 THR B O   1 
ATOM   1230 C CB  . THR B 1 81 ? 8.225   -7.540  16.225  1.00 24.24 ? 394 THR B CB  1 
ATOM   1231 O OG1 . THR B 1 81 ? 6.916   -7.558  16.808  1.00 22.46 ? 394 THR B OG1 1 
ATOM   1232 C CG2 . THR B 1 81 ? 8.227   -8.316  14.910  1.00 24.42 ? 394 THR B CG2 1 
ATOM   1233 N N   . SER B 1 82 ? 10.214  -6.180  18.237  1.00 25.11 ? 395 SER B N   1 
ATOM   1234 C CA  . SER B 1 82 ? 10.355  -5.114  19.211  1.00 25.44 ? 395 SER B CA  1 
ATOM   1235 C C   . SER B 1 82 ? 9.737   -3.824  18.661  1.00 25.01 ? 395 SER B C   1 
ATOM   1236 O O   . SER B 1 82 ? 8.735   -3.865  17.932  1.00 25.85 ? 395 SER B O   1 
ATOM   1237 C CB  . SER B 1 82 ? 11.831  -4.922  19.616  1.00 26.06 ? 395 SER B CB  1 
ATOM   1238 O OG  . SER B 1 82 ? 12.704  -4.894  18.495  1.00 27.57 ? 395 SER B OG  1 
ATOM   1239 N N   . ASP B 1 83 ? 10.345  -2.694  19.005  1.00 23.47 ? 396 ASP B N   1 
ATOM   1240 C CA  . ASP B 1 83 ? 9.788   -1.358  18.775  1.00 21.88 ? 396 ASP B CA  1 
ATOM   1241 C C   . ASP B 1 83 ? 9.390   -1.086  17.339  1.00 20.67 ? 396 ASP B C   1 
ATOM   1242 O O   . ASP B 1 83 ? 8.311   -0.555  17.074  1.00 20.90 ? 396 ASP B O   1 
ATOM   1243 C CB  . ASP B 1 83 ? 10.833  -0.304  19.181  1.00 22.14 ? 396 ASP B CB  1 
ATOM   1244 C CG  . ASP B 1 83 ? 11.087  -0.263  20.676  1.00 22.77 ? 396 ASP B CG  1 
ATOM   1245 O OD1 . ASP B 1 83 ? 10.241  -0.726  21.461  1.00 25.16 ? 396 ASP B OD1 1 
ATOM   1246 O OD2 . ASP B 1 83 ? 12.148  0.250   21.072  1.00 23.58 ? 396 ASP B OD2 1 
ATOM   1247 N N   . PHE B 1 84 ? 10.273  -1.463  16.426  1.00 19.04 ? 397 PHE B N   1 
ATOM   1248 C CA  . PHE B 1 84 ? 10.137  -1.149  15.017  1.00 17.82 ? 397 PHE B CA  1 
ATOM   1249 C C   . PHE B 1 84 ? 10.052  -2.458  14.277  1.00 17.55 ? 397 PHE B C   1 
ATOM   1250 O O   . PHE B 1 84 ? 10.825  -3.385  14.559  1.00 17.66 ? 397 PHE B O   1 
ATOM   1251 C CB  . PHE B 1 84 ? 11.376  -0.410  14.499  1.00 16.79 ? 397 PHE B CB  1 
ATOM   1252 C CG  . PHE B 1 84 ? 11.581  0.955   15.097  1.00 16.52 ? 397 PHE B CG  1 
ATOM   1253 C CD1 . PHE B 1 84 ? 10.953  2.071   14.540  1.00 13.97 ? 397 PHE B CD1 1 
ATOM   1254 C CD2 . PHE B 1 84 ? 12.449  1.138   16.169  1.00 14.95 ? 397 PHE B CD2 1 
ATOM   1255 C CE1 . PHE B 1 84 ? 11.155  3.367   15.077  1.00 14.06 ? 397 PHE B CE1 1 
ATOM   1256 C CE2 . PHE B 1 84 ? 12.658  2.417   16.716  1.00 10.71 ? 397 PHE B CE2 1 
ATOM   1257 C CZ  . PHE B 1 84 ? 12.021  3.528   16.178  1.00 14.31 ? 397 PHE B CZ  1 
ATOM   1258 N N   . VAL B 1 85 ? 9.147   -2.515  13.305  1.00 17.06 ? 398 VAL B N   1 
ATOM   1259 C CA  . VAL B 1 85 ? 8.971   -3.724  12.494  1.00 17.07 ? 398 VAL B CA  1 
ATOM   1260 C C   . VAL B 1 85 ? 8.961   -3.408  11.002  1.00 17.12 ? 398 VAL B C   1 
ATOM   1261 O O   . VAL B 1 85 ? 8.310   -2.463  10.572  1.00 17.42 ? 398 VAL B O   1 
ATOM   1262 C CB  . VAL B 1 85 ? 7.668   -4.474  12.863  1.00 16.99 ? 398 VAL B CB  1 
ATOM   1263 C CG1 . VAL B 1 85 ? 7.568   -5.782  12.068  1.00 18.13 ? 398 VAL B CG1 1 
ATOM   1264 C CG2 . VAL B 1 85 ? 7.619   -4.734  14.361  1.00 17.14 ? 398 VAL B CG2 1 
ATOM   1265 N N   . TYR B 1 86 ? 9.691   -4.217  10.241  1.00 17.13 ? 399 TYR B N   1 
ATOM   1266 C CA  . TYR B 1 86 ? 9.686   -4.185  8.792   1.00 18.57 ? 399 TYR B CA  1 
ATOM   1267 C C   . TYR B 1 86 ? 8.793   -5.313  8.294   1.00 17.52 ? 399 TYR B C   1 
ATOM   1268 O O   . TYR B 1 86 ? 8.958   -6.441  8.726   1.00 17.49 ? 399 TYR B O   1 
ATOM   1269 C CB  . TYR B 1 86 ? 11.099  -4.444  8.279   1.00 21.42 ? 399 TYR B CB  1 
ATOM   1270 C CG  . TYR B 1 86 ? 11.405  -3.689  7.032   1.00 24.36 ? 399 TYR B CG  1 
ATOM   1271 C CD1 . TYR B 1 86 ? 11.759  -2.345  7.092   1.00 28.04 ? 399 TYR B CD1 1 
ATOM   1272 C CD2 . TYR B 1 86 ? 11.338  -4.302  5.790   1.00 29.30 ? 399 TYR B CD2 1 
ATOM   1273 C CE1 . TYR B 1 86 ? 12.042  -1.625  5.943   1.00 31.38 ? 399 TYR B CE1 1 
ATOM   1274 C CE2 . TYR B 1 86 ? 11.629  -3.599  4.636   1.00 29.46 ? 399 TYR B CE2 1 
ATOM   1275 C CZ  . TYR B 1 86 ? 11.970  -2.252  4.709   1.00 29.70 ? 399 TYR B CZ  1 
ATOM   1276 O OH  . TYR B 1 86 ? 12.251  -1.510  3.563   1.00 29.95 ? 399 TYR B OH  1 
ATOM   1277 N N   . LEU B 1 87 ? 7.849   -5.005  7.403   1.00 16.38 ? 400 LEU B N   1 
ATOM   1278 C CA  . LEU B 1 87 ? 7.000   -6.019  6.779   1.00 15.28 ? 400 LEU B CA  1 
ATOM   1279 C C   . LEU B 1 87 ? 7.187   -6.001  5.278   1.00 14.93 ? 400 LEU B C   1 
ATOM   1280 O O   . LEU B 1 87 ? 7.126   -4.933  4.667   1.00 15.21 ? 400 LEU B O   1 
ATOM   1281 C CB  . LEU B 1 87 ? 5.517   -5.760  7.068   1.00 15.06 ? 400 LEU B CB  1 
ATOM   1282 C CG  . LEU B 1 87 ? 5.053   -5.715  8.532   1.00 16.12 ? 400 LEU B CG  1 
ATOM   1283 C CD1 . LEU B 1 87 ? 3.581   -5.410  8.585   1.00 14.67 ? 400 LEU B CD1 1 
ATOM   1284 C CD2 . LEU B 1 87 ? 5.338   -7.033  9.228   1.00 16.65 ? 400 LEU B CD2 1 
ATOM   1285 N N   . LYS B 1 88 ? 7.407   -7.179  4.691   1.00 14.25 ? 401 LYS B N   1 
ATOM   1286 C CA  . LYS B 1 88 ? 7.425   -7.325  3.247   1.00 15.15 ? 401 LYS B CA  1 
ATOM   1287 C C   . LYS B 1 88 ? 6.082   -7.914  2.896   1.00 13.58 ? 401 LYS B C   1 
ATOM   1288 O O   . LYS B 1 88 ? 5.696   -8.958  3.425   1.00 12.10 ? 401 LYS B O   1 
ATOM   1289 C CB  . LYS B 1 88 ? 8.555   -8.263  2.792   1.00 14.37 ? 401 LYS B CB  1 
ATOM   1290 C CG  . LYS B 1 88 ? 8.880   -8.204  1.298   1.00 19.12 ? 401 LYS B CG  1 
ATOM   1291 C CD  . LYS B 1 88 ? 9.979   -9.253  0.926   1.00 19.37 ? 401 LYS B CD  1 
ATOM   1292 C CE  . LYS B 1 88 ? 10.540  -8.993  -0.467  1.00 25.18 ? 401 LYS B CE  1 
ATOM   1293 N NZ  . LYS B 1 88 ? 11.458  -10.087 -0.928  1.00 26.49 ? 401 LYS B NZ  1 
ATOM   1294 N N   . VAL B 1 89 ? 5.330   -7.202  2.068   1.00 14.21 ? 402 VAL B N   1 
ATOM   1295 C CA  . VAL B 1 89 ? 3.998   -7.682  1.706   1.00 14.57 ? 402 VAL B CA  1 
ATOM   1296 C C   . VAL B 1 89 ? 3.846   -7.813  0.199   1.00 15.13 ? 402 VAL B C   1 
ATOM   1297 O O   . VAL B 1 89 ? 4.499   -7.107  -0.569  1.00 14.46 ? 402 VAL B O   1 
ATOM   1298 C CB  . VAL B 1 89 ? 2.825   -6.791  2.259   1.00 15.34 ? 402 VAL B CB  1 
ATOM   1299 C CG1 . VAL B 1 89 ? 2.833   -6.742  3.771   1.00 15.92 ? 402 VAL B CG1 1 
ATOM   1300 C CG2 . VAL B 1 89 ? 2.833   -5.370  1.634   1.00 16.34 ? 402 VAL B CG2 1 
ATOM   1301 N N   . ALA B 1 90 ? 2.939   -8.696  -0.194  1.00 15.24 ? 403 ALA B N   1 
ATOM   1302 C CA  . ALA B 1 90 ? 2.550   -8.840  -1.576  1.00 15.80 ? 403 ALA B CA  1 
ATOM   1303 C C   . ALA B 1 90 ? 1.044   -8.685  -1.664  1.00 16.45 ? 403 ALA B C   1 
ATOM   1304 O O   . ALA B 1 90 ? 0.289   -9.068  -0.758  1.00 15.36 ? 403 ALA B O   1 
ATOM   1305 C CB  . ALA B 1 90 ? 2.968   -10.182 -2.104  1.00 16.40 ? 403 ALA B CB  1 
ATOM   1306 N N   . LYS B 1 91 ? 0.618   -8.096  -2.769  1.00 16.85 ? 404 LYS B N   1 
ATOM   1307 C CA  . LYS B 1 91 ? -0.796  -7.957  -3.046  1.00 18.75 ? 404 LYS B CA  1 
ATOM   1308 C C   . LYS B 1 91 ? -1.326  -9.311  -3.477  1.00 19.82 ? 404 LYS B C   1 
ATOM   1309 O O   . LYS B 1 91 ? -0.569  -10.099 -4.039  1.00 19.59 ? 404 LYS B O   1 
ATOM   1310 C CB  . LYS B 1 91 ? -0.972  -6.931  -4.155  1.00 18.00 ? 404 LYS B CB  1 
ATOM   1311 C CG  . LYS B 1 91 ? -0.823  -5.512  -3.644  1.00 19.95 ? 404 LYS B CG  1 
ATOM   1312 C CD  . LYS B 1 91 ? -1.942  -5.252  -2.634  1.00 18.88 ? 404 LYS B CD  1 
ATOM   1313 C CE  . LYS B 1 91 ? -1.723  -4.014  -1.881  1.00 18.20 ? 404 LYS B CE  1 
ATOM   1314 N NZ  . LYS B 1 91 ? -2.762  -3.912  -0.841  1.00 18.36 ? 404 LYS B NZ  1 
ATOM   1315 N N   . PRO B 1 92 ? -2.617  -9.586  -3.211  1.00 21.61 ? 405 PRO B N   1 
ATOM   1316 C CA  . PRO B 1 92 ? -3.286  -10.858 -3.502  1.00 22.90 ? 405 PRO B CA  1 
ATOM   1317 C C   . PRO B 1 92 ? -2.995  -11.403 -4.907  1.00 24.01 ? 405 PRO B C   1 
ATOM   1318 O O   . PRO B 1 92 ? -2.940  -10.625 -5.870  1.00 25.70 ? 405 PRO B O   1 
ATOM   1319 C CB  . PRO B 1 92 ? -4.768  -10.489 -3.385  1.00 22.74 ? 405 PRO B CB  1 
ATOM   1320 C CG  . PRO B 1 92 ? -4.793  -9.412  -2.353  1.00 22.62 ? 405 PRO B CG  1 
ATOM   1321 C CD  . PRO B 1 92 ? -3.549  -8.614  -2.599  1.00 21.61 ? 405 PRO B CD  1 
HETATM 1322 N N   . HIS C 2 .  ? -5.339  -10.547 17.819  1.00 26.60 ? 3   HIS B N   1 
HETATM 1323 C CA  . HIS C 2 .  ? -4.516  -9.738  16.855  1.00 26.36 ? 3   HIS B CA  1 
HETATM 1324 C C   . HIS C 2 .  ? -3.085  -9.480  17.353  1.00 25.55 ? 3   HIS B C   1 
HETATM 1325 O O   . HIS C 2 .  ? -2.797  -9.566  18.554  1.00 26.02 ? 3   HIS B O   1 
HETATM 1326 C CB  . HIS C 2 .  ? -5.229  -8.431  16.464  1.00 26.42 ? 3   HIS B CB  1 
HETATM 1327 C CG  . HIS C 2 .  ? -5.023  -7.304  17.435  1.00 27.99 ? 3   HIS B CG  1 
HETATM 1328 N ND1 . HIS C 2 .  ? -6.021  -6.845  18.269  1.00 29.91 ? 3   HIS B ND1 1 
HETATM 1329 C CD2 . HIS C 2 .  ? -3.943  -6.525  17.681  1.00 27.84 ? 3   HIS B CD2 1 
HETATM 1330 C CE1 . HIS C 2 .  ? -5.560  -5.842  18.996  1.00 29.40 ? 3   HIS B CE1 1 
HETATM 1331 N NE2 . HIS C 2 .  ? -4.301  -5.626  18.656  1.00 30.89 ? 3   HIS B NE2 1 
HETATM 1332 N N   . HIS D 2 .  ? -2.202  -9.155  16.414  1.00 24.52 ? 4   HIS B N   1 
HETATM 1333 C CA  . HIS D 2 .  ? -0.792  -8.906  16.691  1.00 23.54 ? 4   HIS B CA  1 
HETATM 1334 C C   . HIS D 2 .  ? -0.450  -7.421  16.776  1.00 22.31 ? 4   HIS B C   1 
HETATM 1335 O O   . HIS D 2 .  ? 0.715   -7.051  16.913  1.00 21.10 ? 4   HIS B O   1 
HETATM 1336 C CB  . HIS D 2 .  ? 0.059   -9.574  15.614  1.00 23.23 ? 4   HIS B CB  1 
HETATM 1337 C CG  . HIS D 2 .  ? -0.174  -11.046 15.517  1.00 25.45 ? 4   HIS B CG  1 
HETATM 1338 N ND1 . HIS D 2 .  ? 0.511   -11.957 16.291  1.00 25.85 ? 4   HIS B ND1 1 
HETATM 1339 C CD2 . HIS D 2 .  ? -1.052  -11.763 14.773  1.00 25.68 ? 4   HIS B CD2 1 
HETATM 1340 C CE1 . HIS D 2 .  ? 0.073   -13.173 16.020  1.00 25.74 ? 4   HIS B CE1 1 
HETATM 1341 N NE2 . HIS D 2 .  ? -0.870  -13.082 15.098  1.00 27.33 ? 4   HIS B NE2 1 
HETATM 1342 O OXT . HIS D 2 .  ? -1.314  -6.559  16.685  1.00 21.25 ? 4   HIS B OXT 1 
HETATM 1343 O O   . HOH E 3 .  ? 4.184   12.160  -3.980  1.00 11.80 ? 419 HOH A O   1 
HETATM 1344 O O   . HOH E 3 .  ? -7.326  1.802   1.740   1.00 19.94 ? 420 HOH A O   1 
HETATM 1345 O O   . HOH E 3 .  ? 10.402  17.111  -11.644 1.00 15.95 ? 421 HOH A O   1 
HETATM 1346 O O   . HOH E 3 .  ? -10.557 6.771   -8.147  1.00 10.14 ? 422 HOH A O   1 
HETATM 1347 O O   . HOH E 3 .  ? -10.895 9.415   -14.669 1.00 10.21 ? 423 HOH A O   1 
HETATM 1348 O O   . HOH E 3 .  ? -9.128  5.981   -17.951 1.00 20.26 ? 424 HOH A O   1 
HETATM 1349 O O   . HOH E 3 .  ? 7.640   13.191  -5.412  1.00 12.43 ? 425 HOH A O   1 
HETATM 1350 O O   . HOH E 3 .  ? 4.253   21.386  -10.508 1.00 21.35 ? 426 HOH A O   1 
HETATM 1351 O O   . HOH E 3 .  ? -11.422 13.163  -1.298  1.00 19.04 ? 427 HOH A O   1 
HETATM 1352 O O   . HOH E 3 .  ? -0.532  14.861  -16.216 1.00 24.26 ? 428 HOH A O   1 
HETATM 1353 O O   . HOH E 3 .  ? 7.027   13.302  -1.667  1.00 19.55 ? 429 HOH A O   1 
HETATM 1354 O O   . HOH E 3 .  ? 12.643  20.284  -5.535  1.00 12.60 ? 430 HOH A O   1 
HETATM 1355 O O   . HOH E 3 .  ? -11.803 15.996  -7.695  1.00 19.04 ? 431 HOH A O   1 
HETATM 1356 O O   . HOH E 3 .  ? -12.789 10.138  -8.858  1.00 21.52 ? 432 HOH A O   1 
HETATM 1357 O O   . HOH E 3 .  ? 4.889   1.636   -13.266 1.00 15.99 ? 433 HOH A O   1 
HETATM 1358 O O   . HOH E 3 .  ? 5.241   19.046  -5.765  1.00 21.01 ? 434 HOH A O   1 
HETATM 1359 O O   . HOH E 3 .  ? -16.680 10.334  -6.052  1.00 17.91 ? 435 HOH A O   1 
HETATM 1360 O O   . HOH E 3 .  ? -10.877 1.146   -5.081  1.00 14.68 ? 436 HOH A O   1 
HETATM 1361 O O   . HOH E 3 .  ? 5.754   5.629   -1.336  1.00 17.01 ? 437 HOH A O   1 
HETATM 1362 O O   . HOH E 3 .  ? 14.000  19.234  -2.123  1.00 17.74 ? 438 HOH A O   1 
HETATM 1363 O O   . HOH E 3 .  ? -12.285 0.615   -8.836  1.00 15.05 ? 439 HOH A O   1 
HETATM 1364 O O   . HOH E 3 .  ? 14.133  14.564  -1.705  1.00 22.55 ? 440 HOH A O   1 
HETATM 1365 O O   . HOH E 3 .  ? 2.085   23.112  -10.605 1.00 22.66 ? 441 HOH A O   1 
HETATM 1366 O O   . HOH E 3 .  ? -8.770  -0.836  -2.350  1.00 25.96 ? 442 HOH A O   1 
HETATM 1367 O O   . HOH E 3 .  ? -12.942 2.564   -12.752 1.00 20.50 ? 443 HOH A O   1 
HETATM 1368 O O   . HOH E 3 .  ? 8.772   16.935  -0.554  1.00 14.50 ? 444 HOH A O   1 
HETATM 1369 O O   . HOH E 3 .  ? 2.546   -1.728  -12.664 1.00 26.02 ? 445 HOH A O   1 
HETATM 1370 O O   . HOH E 3 .  ? -17.763 4.311   -7.226  1.00 19.81 ? 446 HOH A O   1 
HETATM 1371 O O   . HOH E 3 .  ? 3.710   0.353   -11.367 1.00 20.29 ? 447 HOH A O   1 
HETATM 1372 O O   . HOH E 3 .  ? 0.498   0.630   -4.497  1.00 15.22 ? 448 HOH A O   1 
HETATM 1373 O O   . HOH E 3 .  ? 5.386   -0.950  -13.960 1.00 42.72 ? 449 HOH A O   1 
HETATM 1374 O O   . HOH E 3 .  ? -7.896  15.940  -2.245  1.00 22.77 ? 450 HOH A O   1 
HETATM 1375 O O   . HOH E 3 .  ? -11.288 0.565   -12.752 1.00 19.74 ? 451 HOH A O   1 
HETATM 1376 O O   . HOH E 3 .  ? 11.317  8.407   -16.347 1.00 30.78 ? 452 HOH A O   1 
HETATM 1377 O O   . HOH E 3 .  ? 11.102  6.470   -10.167 1.00 22.20 ? 453 HOH A O   1 
HETATM 1378 O O   . HOH E 3 .  ? 6.495   6.215   -21.400 1.00 19.53 ? 454 HOH A O   1 
HETATM 1379 O O   . HOH E 3 .  ? -11.170 17.168  -12.408 1.00 27.47 ? 455 HOH A O   1 
HETATM 1380 O O   . HOH E 3 .  ? -1.070  -5.329  -10.359 1.00 37.61 ? 456 HOH A O   1 
HETATM 1381 O O   . HOH E 3 .  ? 0.462   -5.717  -8.171  1.00 42.45 ? 457 HOH A O   1 
HETATM 1382 O O   . HOH E 3 .  ? -10.172 2.102   -0.664  1.00 34.46 ? 458 HOH A O   1 
HETATM 1383 O O   . HOH E 3 .  ? 10.260  0.237   -7.148  1.00 35.71 ? 459 HOH A O   1 
HETATM 1384 O O   . HOH E 3 .  ? -12.410 15.635  -18.311 1.00 27.97 ? 460 HOH A O   1 
HETATM 1385 O O   . HOH E 3 .  ? 6.325   12.193  0.672   1.00 18.70 ? 461 HOH A O   1 
HETATM 1386 O O   . HOH E 3 .  ? -11.297 3.699   0.919   1.00 30.01 ? 462 HOH A O   1 
HETATM 1387 O O   . HOH E 3 .  ? 12.429  21.444  -13.299 1.00 31.15 ? 463 HOH A O   1 
HETATM 1388 O O   . HOH E 3 .  ? 9.408   22.051  -13.763 1.00 30.10 ? 464 HOH A O   1 
HETATM 1389 O O   . HOH E 3 .  ? -16.702 11.740  -8.712  1.00 43.68 ? 465 HOH A O   1 
HETATM 1390 O O   . HOH E 3 .  ? -17.803 14.367  -19.929 1.00 31.14 ? 466 HOH A O   1 
HETATM 1391 O O   . HOH E 3 .  ? 3.152   2.387   -21.947 1.00 25.36 ? 467 HOH A O   1 
HETATM 1392 O O   . HOH E 3 .  ? -14.017 12.484  -9.352  1.00 30.37 ? 468 HOH A O   1 
HETATM 1393 O O   . HOH E 3 .  ? -14.554 1.833   -5.305  1.00 45.22 ? 469 HOH A O   1 
HETATM 1394 O O   . HOH E 3 .  ? -12.462 -1.160  -5.638  1.00 28.31 ? 470 HOH A O   1 
HETATM 1395 O O   . HOH E 3 .  ? -12.817 16.419  -10.416 1.00 37.82 ? 471 HOH A O   1 
HETATM 1396 O O   . HOH E 3 .  ? -17.643 9.636   -9.710  1.00 24.49 ? 472 HOH A O   1 
HETATM 1397 O O   . HOH E 3 .  ? -6.951  -2.958  -1.905  1.00 29.83 ? 473 HOH A O   1 
HETATM 1398 O O   . HOH E 3 .  ? 9.558   6.105   -12.830 1.00 24.75 ? 474 HOH A O   1 
HETATM 1399 O O   . HOH E 3 .  ? -3.351  19.125  -1.861  1.00 34.62 ? 475 HOH A O   1 
HETATM 1400 O O   . HOH E 3 .  ? -8.997  8.348   -19.471 1.00 29.38 ? 476 HOH A O   1 
HETATM 1401 O O   . HOH E 3 .  ? 0.417   10.654  -15.785 1.00 30.91 ? 477 HOH A O   1 
HETATM 1402 O O   . HOH E 3 .  ? 10.173  5.466   -7.630  1.00 23.27 ? 478 HOH A O   1 
HETATM 1403 O O   . HOH E 3 .  ? 5.140   22.602  1.535   1.00 30.93 ? 479 HOH A O   1 
HETATM 1404 O O   . HOH E 3 .  ? 4.008   19.801  -13.499 1.00 34.92 ? 480 HOH A O   1 
HETATM 1405 O O   . HOH E 3 .  ? -4.171  4.992   -26.285 1.00 37.41 ? 481 HOH A O   1 
HETATM 1406 O O   . HOH E 3 .  ? -5.532  -9.876  -8.337  1.00 23.53 ? 482 HOH A O   1 
HETATM 1407 O O   . HOH E 3 .  ? -11.167 3.549   -18.371 1.00 35.48 ? 483 HOH A O   1 
HETATM 1408 O O   . HOH E 3 .  ? 10.008  2.780   -6.226  1.00 33.72 ? 484 HOH A O   1 
HETATM 1409 O O   . HOH E 3 .  ? -8.814  11.948  -21.824 1.00 34.52 ? 485 HOH A O   1 
HETATM 1410 O O   . HOH E 3 .  ? -18.200 8.910   -7.130  1.00 23.44 ? 486 HOH A O   1 
HETATM 1411 O O   . HOH E 3 .  ? 3.761   -4.179  -15.875 1.00 34.46 ? 487 HOH A O   1 
HETATM 1412 O O   . HOH E 3 .  ? 2.688   20.587  1.274   1.00 27.22 ? 488 HOH A O   1 
HETATM 1413 O O   . HOH E 3 .  ? 1.933   25.697  -8.560  1.00 48.66 ? 489 HOH A O   1 
HETATM 1414 O O   . HOH E 3 .  ? 6.782   8.603   -20.214 1.00 40.93 ? 490 HOH A O   1 
HETATM 1415 O O   . HOH E 3 .  ? -10.696 18.159  -4.590  1.00 38.27 ? 491 HOH A O   1 
HETATM 1416 O O   . HOH E 3 .  ? -14.176 14.068  -14.036 1.00 39.31 ? 492 HOH A O   1 
HETATM 1417 O O   . HOH E 3 .  ? -13.973 14.367  -10.924 1.00 40.67 ? 493 HOH A O   1 
HETATM 1418 O O   . HOH E 3 .  ? -9.585  4.511   3.099   1.00 43.48 ? 494 HOH A O   1 
HETATM 1419 O O   . HOH E 3 .  ? 2.165   15.434  -16.852 1.00 32.55 ? 495 HOH A O   1 
HETATM 1420 O O   . HOH E 3 .  ? -2.678  7.203   -16.675 1.00 30.35 ? 496 HOH A O   1 
HETATM 1421 O O   . HOH E 3 .  ? 14.807  17.331  -0.376  1.00 44.97 ? 497 HOH A O   1 
HETATM 1422 O O   . HOH E 3 .  ? -11.159 6.421   -22.842 1.00 31.30 ? 498 HOH A O   1 
HETATM 1423 O O   . HOH E 3 .  ? -4.697  8.907   -17.738 1.00 31.82 ? 499 HOH A O   1 
HETATM 1424 O O   . HOH E 3 .  ? -19.596 7.485   -12.505 1.00 34.53 ? 500 HOH A O   1 
HETATM 1425 O O   . HOH E 3 .  ? -6.857  9.811   -19.791 1.00 24.86 ? 501 HOH A O   1 
HETATM 1426 O O   . HOH E 3 .  ? 3.391   3.746   -0.005  1.00 29.68 ? 502 HOH A O   1 
HETATM 1427 O O   . HOH E 3 .  ? -1.241  4.497   -20.057 1.00 29.68 ? 503 HOH A O   1 
HETATM 1428 O O   . HOH E 3 .  ? -15.239 2.113   -11.548 1.00 30.19 ? 504 HOH A O   1 
HETATM 1429 O O   . HOH E 3 .  ? -2.535  23.543  -5.027  1.00 34.13 ? 505 HOH A O   1 
HETATM 1430 O O   . HOH E 3 .  ? -19.204 4.809   -11.901 1.00 55.86 ? 506 HOH A O   1 
HETATM 1431 O O   . HOH E 3 .  ? -5.372  -11.412 -12.679 1.00 31.08 ? 507 HOH A O   1 
HETATM 1432 O O   . HOH E 3 .  ? -17.227 1.073   -12.614 1.00 50.93 ? 508 HOH A O   1 
HETATM 1433 O O   . HOH E 3 .  ? -13.048 6.009   -20.757 1.00 33.12 ? 509 HOH A O   1 
HETATM 1434 O O   . HOH E 3 .  ? -11.926 0.797   -15.666 1.00 37.12 ? 510 HOH A O   1 
HETATM 1435 O O   . HOH E 3 .  ? -4.208  7.376   7.295   1.00 40.14 ? 511 HOH A O   1 
HETATM 1436 O O   . HOH E 3 .  ? -13.447 12.117  -21.070 1.00 34.40 ? 512 HOH A O   1 
HETATM 1437 O O   . HOH E 3 .  ? 12.015  6.039   -5.811  1.00 34.08 ? 513 HOH A O   1 
HETATM 1438 O O   . HOH E 3 .  ? 1.969   0.207   -20.573 1.00 29.21 ? 514 HOH A O   1 
HETATM 1439 O O   . HOH E 3 .  ? 4.126   26.239  1.083   1.00 32.58 ? 515 HOH A O   1 
HETATM 1440 O O   . HOH E 3 .  ? 9.746   9.902   -21.275 1.00 35.23 ? 516 HOH A O   1 
HETATM 1441 O O   . HOH E 3 .  ? -11.841 15.493  -1.804  1.00 41.72 ? 517 HOH A O   1 
HETATM 1442 O O   . HOH E 3 .  ? 1.488   -2.449  -0.012  1.00 37.13 ? 518 HOH A O   1 
HETATM 1443 O O   . HOH E 3 .  ? 2.288   -5.001  -11.364 1.00 49.16 ? 519 HOH A O   1 
HETATM 1444 O O   . HOH E 3 .  ? -3.812  -8.124  -17.625 1.00 26.77 ? 520 HOH A O   1 
HETATM 1445 O O   . HOH E 3 .  ? -0.092  -2.664  -19.001 1.00 46.81 ? 521 HOH A O   1 
HETATM 1446 O O   . HOH E 3 .  ? 14.063  7.892   -7.417  1.00 37.43 ? 522 HOH A O   1 
HETATM 1447 O O   . HOH E 3 .  ? -1.372  -6.484  -13.132 1.00 43.09 ? 523 HOH A O   1 
HETATM 1448 O O   . HOH E 3 .  ? 5.095   -1.862  -9.830  1.00 23.42 ? 524 HOH A O   1 
HETATM 1449 O O   . HOH E 3 .  ? -0.804  2.549   -16.733 1.00 30.64 ? 525 HOH A O   1 
HETATM 1450 O O   . HOH E 3 .  ? -4.600  15.597  10.054  1.00 33.97 ? 526 HOH A O   1 
HETATM 1451 O O   . HOH E 3 .  ? -5.952  -2.659  -18.099 1.00 44.43 ? 527 HOH A O   1 
HETATM 1452 O O   . HOH E 3 .  ? -9.234  4.892   -20.893 1.00 38.95 ? 528 HOH A O   1 
HETATM 1453 O O   . HOH E 3 .  ? -3.806  -8.549  -7.187  1.00 37.12 ? 529 HOH A O   1 
HETATM 1454 O O   . HOH E 3 .  ? 5.584   23.111  -14.306 1.00 36.07 ? 530 HOH A O   1 
HETATM 1455 O O   . HOH E 3 .  ? 0.087   1.197   -19.081 1.00 44.20 ? 531 HOH A O   1 
HETATM 1456 O O   . HOH E 3 .  ? -13.202 3.014   -16.612 1.00 41.33 ? 532 HOH A O   1 
HETATM 1457 O O   . HOH E 3 .  ? -8.112  16.551  7.992   1.00 34.66 ? 533 HOH A O   1 
HETATM 1458 O O   . HOH E 3 .  ? 3.215   -0.520  0.968   1.00 29.18 ? 534 HOH A O   1 
HETATM 1459 O O   . HOH F 3 .  ? -1.179  -27.004 4.328   1.00 16.28 ? 419 HOH B O   1 
HETATM 1460 O O   . HOH F 3 .  ? -4.148  -1.205  13.260  1.00 13.52 ? 420 HOH B O   1 
HETATM 1461 O O   . HOH F 3 .  ? 0.148   -0.107  7.546   1.00 14.15 ? 421 HOH B O   1 
HETATM 1462 O O   . HOH F 3 .  ? 3.610   -19.722 4.600   1.00 17.41 ? 422 HOH B O   1 
HETATM 1463 O O   . HOH F 3 .  ? -2.904  -19.888 3.532   1.00 16.05 ? 423 HOH B O   1 
HETATM 1464 O O   . HOH F 3 .  ? 3.371   -15.915 3.337   1.00 11.14 ? 424 HOH B O   1 
HETATM 1465 O O   . HOH F 3 .  ? -8.091  -3.187  4.717   1.00 19.65 ? 425 HOH B O   1 
HETATM 1466 O O   . HOH F 3 .  ? -3.642  0.167   7.020   1.00 16.36 ? 426 HOH B O   1 
HETATM 1467 O O   . HOH F 3 .  ? 0.091   -24.071 10.564  1.00 23.12 ? 427 HOH B O   1 
HETATM 1468 O O   . HOH F 3 .  ? 1.518   3.780   12.699  1.00 19.77 ? 428 HOH B O   1 
HETATM 1469 O O   . HOH F 3 .  ? 4.853   -26.382 2.255   1.00 16.23 ? 429 HOH B O   1 
HETATM 1470 O O   . HOH F 3 .  ? -8.792  -23.779 3.675   1.00 21.14 ? 430 HOH B O   1 
HETATM 1471 O O   . HOH F 3 .  ? -2.763  -29.320 9.456   1.00 22.26 ? 431 HOH B O   1 
HETATM 1472 O O   . HOH F 3 .  ? -6.201  -19.814 7.946   1.00 14.80 ? 432 HOH B O   1 
HETATM 1473 O O   . HOH F 3 .  ? -9.722  -2.699  7.222   1.00 25.18 ? 433 HOH B O   1 
HETATM 1474 O O   . HOH F 3 .  ? 1.561   -22.486 -0.557  1.00 26.15 ? 434 HOH B O   1 
HETATM 1475 O O   . HOH F 3 .  ? 1.507   6.127   11.299  1.00 20.24 ? 435 HOH B O   1 
HETATM 1476 O O   . HOH F 3 .  ? -2.062  3.764   16.596  1.00 21.15 ? 436 HOH B O   1 
HETATM 1477 O O   . HOH F 3 .  ? -6.624  0.835   6.892   1.00 21.32 ? 437 HOH B O   1 
HETATM 1478 O O   . HOH F 3 .  ? 0.320   -27.342 0.607   1.00 15.39 ? 438 HOH B O   1 
HETATM 1479 O O   . HOH F 3 .  ? -3.973  -13.052 14.022  1.00 20.14 ? 439 HOH B O   1 
HETATM 1480 O O   . HOH F 3 .  ? -1.438  -0.974  17.385  1.00 19.06 ? 440 HOH B O   1 
HETATM 1481 O O   . HOH F 3 .  ? 3.898   -19.157 1.471   1.00 23.19 ? 441 HOH B O   1 
HETATM 1482 O O   . HOH F 3 .  ? -8.683  -18.589 7.424   1.00 24.84 ? 442 HOH B O   1 
HETATM 1483 O O   . HOH F 3 .  ? 4.011   3.309   12.656  1.00 17.83 ? 443 HOH B O   1 
HETATM 1484 O O   . HOH F 3 .  ? -8.570  -0.274  8.483   1.00 23.36 ? 444 HOH B O   1 
HETATM 1485 O O   . HOH F 3 .  ? -2.523  -15.442 14.538  1.00 17.03 ? 445 HOH B O   1 
HETATM 1486 O O   . HOH F 3 .  ? -6.112  -12.357 -0.196  1.00 19.90 ? 446 HOH B O   1 
HETATM 1487 O O   . HOH F 3 .  ? -5.054  -6.730  -0.052  1.00 14.85 ? 447 HOH B O   1 
HETATM 1488 O O   . HOH F 3 .  ? 4.193   -16.712 0.956   1.00 36.50 ? 448 HOH B O   1 
HETATM 1489 O O   . HOH F 3 .  ? 1.071   -24.037 13.648  1.00 24.31 ? 449 HOH B O   1 
HETATM 1490 O O   . HOH F 3 .  ? 13.734  -11.726 6.041   1.00 37.49 ? 450 HOH B O   1 
HETATM 1491 O O   . HOH F 3 .  ? -7.588  -12.177 4.407   1.00 22.16 ? 451 HOH B O   1 
HETATM 1492 O O   . HOH F 3 .  ? -9.994  6.694   12.112  1.00 40.40 ? 452 HOH B O   1 
HETATM 1493 O O   . HOH F 3 .  ? -5.592  2.637   4.084   1.00 30.42 ? 453 HOH B O   1 
HETATM 1494 O O   . HOH F 3 .  ? -7.059  -13.644 1.923   1.00 34.21 ? 454 HOH B O   1 
HETATM 1495 O O   . HOH F 3 .  ? -9.477  -18.396 9.982   1.00 43.27 ? 455 HOH B O   1 
HETATM 1496 O O   . HOH F 3 .  ? -9.211  -0.506  10.986  1.00 29.42 ? 456 HOH B O   1 
HETATM 1497 O O   . HOH F 3 .  ? -7.686  -0.576  4.795   1.00 42.15 ? 457 HOH B O   1 
HETATM 1498 O O   . HOH F 3 .  ? 11.254  -18.483 8.016   1.00 24.07 ? 458 HOH B O   1 
HETATM 1499 O O   . HOH F 3 .  ? 1.333   9.577   15.790  1.00 42.16 ? 459 HOH B O   1 
HETATM 1500 O O   . HOH F 3 .  ? 12.695  -9.798  4.937   1.00 45.26 ? 460 HOH B O   1 
HETATM 1501 O O   . HOH F 3 .  ? -0.055  2.606   17.573  1.00 29.48 ? 461 HOH B O   1 
HETATM 1502 O O   . HOH F 3 .  ? 0.077   -25.680 -1.322  1.00 33.24 ? 462 HOH B O   1 
HETATM 1503 O O   . HOH F 3 .  ? -8.101  -2.366  0.498   1.00 31.40 ? 463 HOH B O   1 
HETATM 1504 O O   . HOH F 3 .  ? 4.703   3.850   9.538   1.00 20.79 ? 464 HOH B O   1 
HETATM 1505 O O   . HOH F 3 .  ? -10.184 -4.506  9.512   1.00 23.87 ? 465 HOH B O   1 
HETATM 1506 O O   . HOH F 3 .  ? -5.455  -19.143 11.485  1.00 23.91 ? 466 HOH B O   1 
HETATM 1507 O O   . HOH F 3 .  ? -4.744  -22.374 -4.026  1.00 29.24 ? 467 HOH B O   1 
HETATM 1508 O O   . HOH F 3 .  ? 3.219   -13.330 -4.002  1.00 35.06 ? 468 HOH B O   1 
HETATM 1509 O O   . HOH F 3 .  ? -9.274  -15.744 10.343  1.00 32.46 ? 469 HOH B O   1 
HETATM 1510 O O   . HOH F 3 .  ? -8.577  -4.980  1.154   1.00 29.56 ? 470 HOH B O   1 
HETATM 1511 O O   . HOH F 3 .  ? -1.058  -22.600 15.491  1.00 37.22 ? 471 HOH B O   1 
HETATM 1512 O O   . HOH F 3 .  ? -0.352  -17.844 -3.524  1.00 36.76 ? 472 HOH B O   1 
HETATM 1513 O O   . HOH F 3 .  ? 13.570  -16.595 7.536   1.00 33.51 ? 473 HOH B O   1 
HETATM 1514 O O   . HOH F 3 .  ? 11.350  -20.888 7.129   1.00 43.60 ? 474 HOH B O   1 
HETATM 1515 O O   . HOH F 3 .  ? 5.125   1.970   6.042   1.00 27.19 ? 475 HOH B O   1 
HETATM 1516 O O   . HOH F 3 .  ? -14.842 2.313   11.405  1.00 32.62 ? 476 HOH B O   1 
HETATM 1517 O O   . HOH F 3 .  ? -6.449  -5.604  -2.040  1.00 27.28 ? 477 HOH B O   1 
HETATM 1518 O O   . HOH F 3 .  ? 2.250   3.318   16.118  1.00 34.56 ? 478 HOH B O   1 
HETATM 1519 O O   . HOH F 3 .  ? 10.423  -19.475 4.967   1.00 43.61 ? 479 HOH B O   1 
HETATM 1520 O O   . HOH F 3 .  ? 9.542   -9.075  21.534  1.00 31.78 ? 480 HOH B O   1 
HETATM 1521 O O   . HOH F 3 .  ? 7.635   -21.589 15.433  1.00 38.39 ? 481 HOH B O   1 
HETATM 1522 O O   . HOH F 3 .  ? -0.465  -28.231 11.714  1.00 43.24 ? 482 HOH B O   1 
HETATM 1523 O O   . HOH F 3 .  ? 8.262   -0.788  -0.658  1.00 31.12 ? 483 HOH B O   1 
HETATM 1524 O O   . HOH F 3 .  ? -8.336  -23.834 -4.021  1.00 39.54 ? 484 HOH B O   1 
HETATM 1525 O O   . HOH F 3 .  ? 9.311   -17.820 13.391  1.00 26.51 ? 485 HOH B O   1 
HETATM 1526 O O   . HOH F 3 .  ? 0.583   -20.648 -2.711  1.00 48.61 ? 486 HOH B O   1 
HETATM 1527 O O   . HOH F 3 .  ? -3.269  8.582   11.629  1.00 45.33 ? 487 HOH B O   1 
HETATM 1528 O O   . HOH F 3 .  ? 3.287   -16.778 -1.600  1.00 43.05 ? 488 HOH B O   1 
HETATM 1529 O O   . HOH F 3 .  ? 10.019  -20.582 14.927  1.00 38.96 ? 489 HOH B O   1 
HETATM 1530 O O   . HOH F 3 .  ? 1.495   -27.449 10.224  1.00 39.61 ? 490 HOH B O   1 
HETATM 1531 O O   . HOH F 3 .  ? -7.772  -13.968 11.574  1.00 35.61 ? 491 HOH B O   1 
HETATM 1532 O O   . HOH F 3 .  ? 11.936  -7.975  21.446  1.00 51.35 ? 492 HOH B O   1 
HETATM 1533 O O   . HOH F 3 .  ? 6.408   -26.963 4.395   1.00 31.39 ? 493 HOH B O   1 
HETATM 1534 O O   . HOH F 3 .  ? 11.414  -16.627 14.392  1.00 36.28 ? 494 HOH B O   1 
HETATM 1535 O O   . HOH F 3 .  ? -1.267  -20.023 -5.176  1.00 50.41 ? 495 HOH B O   1 
HETATM 1536 O O   . HOH F 3 .  ? -4.325  -18.323 -3.718  1.00 30.11 ? 496 HOH B O   1 
HETATM 1537 O O   . HOH F 3 .  ? -5.989  -25.288 -5.584  1.00 44.33 ? 497 HOH B O   1 
HETATM 1538 O O   . HOH F 3 .  ? 2.677   -7.986  18.225  1.00 32.84 ? 498 HOH B O   1 
HETATM 1539 O O   . HOH F 3 .  ? -1.329  -12.486 19.379  1.00 52.77 ? 499 HOH B O   1 
HETATM 1540 O O   . HOH F 3 .  ? -5.319  5.412   8.282   1.00 32.45 ? 500 HOH B O   1 
HETATM 1541 O O   . HOH F 3 .  ? -12.123 4.245   11.089  1.00 35.49 ? 501 HOH B O   1 
HETATM 1542 O O   . HOH F 3 .  ? 2.479   -27.544 12.685  1.00 38.48 ? 502 HOH B O   1 
HETATM 1543 O O   . HOH F 3 .  ? -11.125 -22.512 3.213   1.00 32.22 ? 503 HOH B O   1 
HETATM 1544 O O   . HOH F 3 .  ? 7.424   0.741   19.756  1.00 25.73 ? 504 HOH B O   1 
HETATM 1545 O O   . HOH F 3 .  ? 7.866   -25.291 8.752   1.00 29.79 ? 505 HOH B O   1 
HETATM 1546 O O   . HOH F 3 .  ? 10.330  -22.761 8.619   1.00 34.85 ? 506 HOH B O   1 
HETATM 1547 O O   . HOH F 3 .  ? 14.772  -16.772 10.394  1.00 54.62 ? 507 HOH B O   1 
HETATM 1548 O O   . HOH F 3 .  ? 14.192  -2.644  8.913   1.00 43.12 ? 508 HOH B O   1 
HETATM 1549 O O   . HOH F 3 .  ? 7.531   -2.213  21.422  1.00 39.65 ? 509 HOH B O   1 
HETATM 1550 O O   . HOH F 3 .  ? 10.160  -25.889 6.104   1.00 35.72 ? 510 HOH B O   1 
HETATM 1551 O O   . HOH F 3 .  ? -10.121 0.642   4.562   1.00 38.72 ? 511 HOH B O   1 
HETATM 1552 O O   . HOH F 3 .  ? 5.570   -24.755 13.762  1.00 34.73 ? 512 HOH B O   1 
HETATM 1553 O O   . HOH F 3 .  ? 13.435  -17.721 12.547  1.00 42.77 ? 513 HOH B O   1 
HETATM 1554 O O   . HOH F 3 .  ? -11.103 -10.445 6.674   1.00 27.60 ? 514 HOH B O   1 
HETATM 1555 O O   . HOH F 3 .  ? -1.076  -25.346 12.724  1.00 32.49 ? 515 HOH B O   1 
HETATM 1556 O O   . HOH F 3 .  ? -1.207  0.232   19.513  1.00 30.48 ? 516 HOH B O   1 
HETATM 1557 O O   . HOH F 3 .  ? 7.284   -25.640 6.460   1.00 39.19 ? 517 HOH B O   1 
HETATM 1558 O O   . HOH F 3 .  ? 11.193  -5.926  15.795  1.00 19.57 ? 518 HOH B O   1 
HETATM 1559 O O   . HOH F 3 .  ? -0.605  -2.954  1.044   1.00 15.29 ? 519 HOH B O   1 
HETATM 1560 O O   . HOH F 3 .  ? -11.527 0.558   10.898  1.00 24.38 ? 520 HOH B O   1 
HETATM 1561 O O   . HOH F 3 .  ? 2.188   -11.030 18.223  1.00 34.47 ? 521 HOH B O   1 
HETATM 1562 O O   . HOH F 3 .  ? 3.492   3.577   19.426  1.00 34.71 ? 522 HOH B O   1 
HETATM 1563 O O   . HOH F 3 .  ? 13.783  -5.938  16.008  1.00 34.02 ? 523 HOH B O   1 
HETATM 1564 O O   . HOH F 3 .  ? -3.857  -24.968 12.448  1.00 31.69 ? 524 HOH B O   1 
# 
